data_4D3S
#
_entry.id   4D3S
#
_cell.length_a   141.170
_cell.length_b   153.920
_cell.length_c   105.570
_cell.angle_alpha   90.00
_cell.angle_beta   90.00
_cell.angle_gamma   90.00
#
_symmetry.space_group_name_H-M   'P 21 21 2'
#
loop_
_entity.id
_entity.type
_entity.pdbx_description
1 polymer 'IMINE REDUCTASE'
2 non-polymer 'octyl beta-D-glucopyranoside'
3 water water
#
_entity_poly.entity_id   1
_entity_poly.type   'polypeptide(L)'
_entity_poly.pdbx_seq_one_letter_code
;MTNTKAKKSPVTLIGLGPMGQAMAGALLEAGYELTVWNRTKAKAEALAERGAAVADSPAEALRAGGPVLLSLTEHAVMYR
VLEGAESDLKGRTILNLGSDTPAASRAAAAWAEGHGARYVTGGVMSPAPGIGSSSVFSFYSGDRAAFEENKALLEVLTAT
DFRGEDPGLAQVYYQILLDLFWTTMTGYLHALAVARAEGVPVGTITPYLIEGNDMAMFFEGTSAAVAEGRFPGDEDRISM
DAASMEHVVQTSRDAGVDTALPEAVLSLFRRGLDAGFAESSFARLVTLMDAEG
;
_entity_poly.pdbx_strand_id   A,B,C,D,E,F,G,H
#
# COMPACT_ATOMS: atom_id res chain seq x y z
N LYS A 7 -21.45 -1.20 -79.53
CA LYS A 7 -22.08 -1.86 -78.35
C LYS A 7 -21.60 -1.37 -76.96
N LYS A 8 -22.53 -0.81 -76.18
CA LYS A 8 -22.36 -0.62 -74.74
C LYS A 8 -23.31 -1.57 -73.97
N SER A 9 -22.77 -2.48 -73.15
CA SER A 9 -23.60 -3.44 -72.40
C SER A 9 -24.34 -2.71 -71.26
N PRO A 10 -25.64 -3.04 -71.05
CA PRO A 10 -26.48 -2.22 -70.18
C PRO A 10 -26.37 -2.66 -68.74
N VAL A 11 -26.55 -1.72 -67.82
CA VAL A 11 -26.54 -2.05 -66.40
C VAL A 11 -27.32 -1.01 -65.63
N THR A 12 -28.03 -1.47 -64.59
CA THR A 12 -28.80 -0.56 -63.74
C THR A 12 -28.24 -0.55 -62.36
N LEU A 13 -28.29 0.60 -61.71
CA LEU A 13 -27.77 0.75 -60.36
C LEU A 13 -28.73 1.56 -59.49
N ILE A 14 -29.05 1.05 -58.32
CA ILE A 14 -29.80 1.77 -57.32
C ILE A 14 -29.00 1.88 -56.02
N GLY A 15 -28.92 3.12 -55.52
CA GLY A 15 -28.21 3.42 -54.29
C GLY A 15 -27.03 4.24 -54.68
N LEU A 16 -27.06 5.52 -54.34
CA LEU A 16 -26.05 6.44 -54.75
C LEU A 16 -25.38 7.13 -53.56
N GLY A 17 -25.14 6.39 -52.48
CA GLY A 17 -24.16 6.82 -51.49
C GLY A 17 -22.76 6.73 -52.09
N PRO A 18 -21.74 6.96 -51.28
CA PRO A 18 -20.35 6.98 -51.80
C PRO A 18 -19.97 5.72 -52.60
N MET A 19 -20.37 4.56 -52.12
CA MET A 19 -20.02 3.29 -52.76
C MET A 19 -20.70 3.29 -54.15
N GLY A 20 -21.99 3.58 -54.20
CA GLY A 20 -22.70 3.61 -55.47
C GLY A 20 -22.16 4.60 -56.45
N GLN A 21 -21.84 5.79 -55.97
CA GLN A 21 -21.27 6.80 -56.82
C GLN A 21 -19.96 6.31 -57.45
N ALA A 22 -19.09 5.72 -56.62
CA ALA A 22 -17.83 5.16 -57.12
C ALA A 22 -18.09 4.04 -58.09
N MET A 23 -19.06 3.18 -57.79
CA MET A 23 -19.37 2.09 -58.71
C MET A 23 -19.90 2.60 -60.05
N ALA A 24 -20.74 3.60 -59.99
CA ALA A 24 -21.27 4.20 -61.20
C ALA A 24 -20.14 4.75 -62.10
N GLY A 25 -19.22 5.48 -61.49
CA GLY A 25 -18.13 6.10 -62.23
C GLY A 25 -17.25 5.07 -62.94
N ALA A 26 -16.95 3.98 -62.25
CA ALA A 26 -16.15 2.93 -62.82
C ALA A 26 -16.85 2.29 -64.02
N LEU A 27 -18.17 2.06 -63.88
CA LEU A 27 -18.94 1.44 -64.93
C LEU A 27 -19.04 2.37 -66.16
N LEU A 28 -19.23 3.67 -65.92
CA LEU A 28 -19.22 4.68 -66.98
C LEU A 28 -17.86 4.71 -67.71
N GLU A 29 -16.76 4.86 -66.97
CA GLU A 29 -15.41 4.87 -67.60
C GLU A 29 -15.16 3.58 -68.39
N ALA A 30 -15.75 2.45 -67.99
CA ALA A 30 -15.52 1.20 -68.72
C ALA A 30 -16.46 0.99 -69.92
N GLY A 31 -17.31 1.98 -70.23
CA GLY A 31 -18.14 1.94 -71.44
C GLY A 31 -19.51 1.31 -71.30
N TYR A 32 -19.99 1.10 -70.06
CA TYR A 32 -21.32 0.48 -69.85
C TYR A 32 -22.38 1.55 -70.04
N GLU A 33 -23.54 1.13 -70.53
CA GLU A 33 -24.71 2.03 -70.63
C GLU A 33 -25.46 1.92 -69.32
N LEU A 34 -25.26 2.90 -68.48
CA LEU A 34 -25.71 2.84 -67.09
C LEU A 34 -27.08 3.52 -66.96
N THR A 35 -28.00 2.87 -66.25
CA THR A 35 -29.23 3.56 -65.79
C THR A 35 -29.35 3.53 -64.27
N VAL A 36 -29.62 4.70 -63.70
CA VAL A 36 -29.70 4.89 -62.25
C VAL A 36 -31.09 5.37 -61.84
N TRP A 37 -31.46 5.07 -60.62
CA TRP A 37 -32.62 5.68 -60.01
C TRP A 37 -32.26 6.04 -58.60
N ASN A 38 -32.75 7.21 -58.20
CA ASN A 38 -32.71 7.65 -56.82
C ASN A 38 -34.02 8.37 -56.52
N ARG A 39 -34.39 8.44 -55.24
CA ARG A 39 -35.61 9.14 -54.84
C ARG A 39 -35.72 10.59 -55.37
N THR A 40 -34.58 11.28 -55.44
CA THR A 40 -34.48 12.68 -55.87
C THR A 40 -33.63 12.78 -57.22
N LYS A 41 -33.12 13.96 -57.58
CA LYS A 41 -31.99 14.20 -58.53
C LYS A 41 -30.66 14.25 -57.72
N ALA A 42 -30.68 13.65 -56.52
CA ALA A 42 -29.59 13.75 -55.54
C ALA A 42 -28.45 12.95 -56.08
N LYS A 43 -27.58 13.69 -56.75
CA LYS A 43 -26.40 13.14 -57.24
C LYS A 43 -26.72 12.20 -58.39
N ALA A 44 -27.98 12.20 -58.92
CA ALA A 44 -28.17 11.57 -60.22
C ALA A 44 -27.93 12.52 -61.36
N GLU A 45 -28.30 13.80 -61.22
CA GLU A 45 -27.96 14.80 -62.24
C GLU A 45 -26.44 14.79 -62.53
N ALA A 46 -25.64 14.69 -61.47
CA ALA A 46 -24.19 14.58 -61.59
C ALA A 46 -23.74 13.45 -62.51
N LEU A 47 -24.33 12.26 -62.37
CA LEU A 47 -24.00 11.12 -63.21
C LEU A 47 -24.61 11.24 -64.61
N ALA A 48 -25.78 11.87 -64.69
CA ALA A 48 -26.41 12.14 -65.97
C ALA A 48 -25.51 13.00 -66.81
N GLU A 49 -24.93 14.04 -66.21
CA GLU A 49 -23.93 14.88 -66.88
C GLU A 49 -22.80 14.01 -67.51
N ARG A 50 -22.38 12.95 -66.80
CA ARG A 50 -21.35 12.01 -67.28
C ARG A 50 -21.86 10.89 -68.17
N GLY A 51 -23.13 10.95 -68.57
CA GLY A 51 -23.68 10.01 -69.55
C GLY A 51 -24.62 8.94 -69.02
N ALA A 52 -25.04 9.06 -67.77
CA ALA A 52 -25.97 8.08 -67.22
C ALA A 52 -27.40 8.41 -67.57
N ALA A 53 -28.21 7.40 -67.89
CA ALA A 53 -29.65 7.59 -67.99
C ALA A 53 -30.22 7.58 -66.61
N VAL A 54 -31.16 8.48 -66.32
CA VAL A 54 -31.80 8.49 -65.02
C VAL A 54 -33.28 8.13 -65.17
N ALA A 55 -33.68 7.06 -64.50
CA ALA A 55 -35.02 6.51 -64.61
C ALA A 55 -35.96 7.28 -63.69
N ASP A 56 -37.22 7.35 -64.12
CA ASP A 56 -38.26 8.08 -63.39
C ASP A 56 -38.79 7.28 -62.20
N SER A 57 -38.71 5.96 -62.29
CA SER A 57 -39.18 5.11 -61.21
C SER A 57 -38.29 3.85 -61.07
N PRO A 58 -38.39 3.19 -59.92
CA PRO A 58 -37.66 1.94 -59.75
C PRO A 58 -38.06 0.92 -60.77
N ALA A 59 -39.35 0.85 -61.08
CA ALA A 59 -39.86 -0.11 -62.06
C ALA A 59 -39.22 0.10 -63.42
N GLU A 60 -39.15 1.36 -63.82
CA GLU A 60 -38.53 1.71 -65.08
C GLU A 60 -37.04 1.29 -65.07
N ALA A 61 -36.36 1.52 -63.95
CA ALA A 61 -34.94 1.14 -63.84
C ALA A 61 -34.74 -0.36 -63.98
N LEU A 62 -35.60 -1.15 -63.34
CA LEU A 62 -35.54 -2.61 -63.53
C LEU A 62 -35.73 -3.03 -64.98
N ARG A 63 -36.54 -2.27 -65.73
CA ARG A 63 -36.86 -2.64 -67.11
C ARG A 63 -35.76 -2.31 -68.11
N ALA A 64 -34.80 -1.48 -67.72
CA ALA A 64 -33.79 -1.00 -68.66
C ALA A 64 -33.06 -2.14 -69.34
N GLY A 65 -33.02 -3.30 -68.69
CA GLY A 65 -32.54 -4.52 -69.33
C GLY A 65 -31.24 -5.11 -68.77
N GLY A 66 -30.39 -4.30 -68.17
CA GLY A 66 -29.19 -4.85 -67.60
C GLY A 66 -29.44 -5.65 -66.30
N PRO A 67 -28.42 -6.28 -65.77
CA PRO A 67 -28.46 -6.71 -64.35
C PRO A 67 -28.68 -5.53 -63.43
N VAL A 68 -29.31 -5.76 -62.29
CA VAL A 68 -29.61 -4.69 -61.32
C VAL A 68 -28.69 -4.76 -60.13
N LEU A 69 -27.84 -3.74 -60.04
CA LEU A 69 -26.89 -3.58 -58.93
C LEU A 69 -27.54 -2.81 -57.81
N LEU A 70 -27.43 -3.32 -56.59
CA LEU A 70 -27.88 -2.57 -55.44
C LEU A 70 -26.71 -2.22 -54.52
N SER A 71 -26.67 -0.96 -54.10
CA SER A 71 -25.71 -0.48 -53.09
C SER A 71 -26.44 0.39 -52.07
N LEU A 72 -27.15 -0.26 -51.18
CA LEU A 72 -27.97 0.41 -50.18
C LEU A 72 -27.38 0.27 -48.77
N THR A 73 -27.93 1.03 -47.84
CA THR A 73 -27.45 1.01 -46.43
C THR A 73 -27.77 -0.27 -45.75
N GLU A 74 -28.92 -0.84 -46.09
CA GLU A 74 -29.33 -2.15 -45.51
C GLU A 74 -30.38 -2.79 -46.40
N HIS A 75 -30.58 -4.09 -46.26
CA HIS A 75 -31.53 -4.79 -47.14
C HIS A 75 -32.99 -4.33 -46.99
N ALA A 76 -33.38 -3.85 -45.82
CA ALA A 76 -34.71 -3.30 -45.60
C ALA A 76 -35.07 -2.18 -46.58
N VAL A 77 -34.06 -1.41 -47.02
CA VAL A 77 -34.24 -0.35 -48.04
C VAL A 77 -34.68 -0.95 -49.39
N MET A 78 -34.19 -2.14 -49.71
CA MET A 78 -34.63 -2.81 -50.95
C MET A 78 -36.15 -2.99 -51.03
N TYR A 79 -36.76 -3.45 -49.94
CA TYR A 79 -38.22 -3.75 -49.94
C TYR A 79 -39.02 -2.46 -50.11
N ARG A 80 -38.50 -1.37 -49.58
CA ARG A 80 -39.18 -0.07 -49.59
C ARG A 80 -39.12 0.51 -51.00
N VAL A 81 -37.93 0.62 -51.55
CA VAL A 81 -37.77 1.17 -52.89
C VAL A 81 -38.41 0.36 -54.03
N LEU A 82 -38.40 -0.96 -53.92
CA LEU A 82 -39.00 -1.82 -54.92
C LEU A 82 -40.50 -2.14 -54.65
N GLU A 83 -41.15 -1.43 -53.70
CA GLU A 83 -42.56 -1.72 -53.30
C GLU A 83 -43.39 -1.35 -54.54
N GLY A 84 -44.23 -2.26 -55.03
CA GLY A 84 -45.00 -2.01 -56.24
C GLY A 84 -44.28 -2.23 -57.58
N ALA A 85 -42.99 -2.60 -57.59
CA ALA A 85 -42.31 -2.99 -58.86
C ALA A 85 -42.06 -4.47 -58.89
N GLU A 86 -42.74 -5.18 -58.01
CA GLU A 86 -42.46 -6.59 -57.84
C GLU A 86 -42.66 -7.38 -59.12
N SER A 87 -43.67 -7.00 -59.90
CA SER A 87 -44.01 -7.71 -61.15
C SER A 87 -42.88 -7.64 -62.15
N ASP A 88 -42.15 -6.53 -62.14
CA ASP A 88 -41.00 -6.33 -63.03
C ASP A 88 -39.73 -7.10 -62.64
N LEU A 89 -39.76 -7.87 -61.54
CA LEU A 89 -38.59 -8.66 -61.13
C LEU A 89 -38.47 -9.94 -61.90
N LYS A 90 -39.58 -10.40 -62.49
CA LYS A 90 -39.60 -11.68 -63.21
C LYS A 90 -38.59 -11.70 -64.34
N GLY A 91 -37.71 -12.69 -64.35
CA GLY A 91 -36.63 -12.74 -65.33
C GLY A 91 -35.45 -11.78 -65.13
N ARG A 92 -35.46 -10.92 -64.11
CA ARG A 92 -34.28 -10.08 -63.82
C ARG A 92 -33.22 -10.77 -62.98
N THR A 93 -32.05 -10.15 -62.94
CA THR A 93 -30.94 -10.57 -62.10
C THR A 93 -30.60 -9.40 -61.15
N ILE A 94 -30.61 -9.72 -59.86
CA ILE A 94 -30.20 -8.79 -58.83
C ILE A 94 -28.81 -9.14 -58.31
N LEU A 95 -27.93 -8.15 -58.31
CA LEU A 95 -26.59 -8.26 -57.73
C LEU A 95 -26.54 -7.29 -56.56
N ASN A 96 -26.76 -7.81 -55.37
CA ASN A 96 -26.83 -6.98 -54.20
C ASN A 96 -25.43 -6.85 -53.66
N LEU A 97 -24.86 -5.65 -53.77
CA LEU A 97 -23.50 -5.41 -53.30
C LEU A 97 -23.41 -4.73 -51.95
N GLY A 98 -24.55 -4.51 -51.34
CA GLY A 98 -24.63 -3.88 -50.02
C GLY A 98 -24.48 -4.89 -48.90
N SER A 99 -23.95 -4.42 -47.78
CA SER A 99 -23.66 -5.28 -46.66
C SER A 99 -24.83 -5.31 -45.69
N ASP A 100 -25.07 -6.46 -45.13
CA ASP A 100 -26.12 -6.63 -44.11
C ASP A 100 -25.87 -8.04 -43.56
N THR A 101 -26.73 -8.52 -42.64
CA THR A 101 -26.46 -9.82 -42.04
C THR A 101 -26.66 -10.94 -43.03
N PRO A 102 -26.06 -12.11 -42.77
CA PRO A 102 -26.32 -13.26 -43.58
C PRO A 102 -27.83 -13.59 -43.59
N ALA A 103 -28.49 -13.54 -42.45
CA ALA A 103 -29.91 -13.86 -42.39
C ALA A 103 -30.74 -12.88 -43.25
N ALA A 104 -30.43 -11.60 -43.17
CA ALA A 104 -31.10 -10.63 -44.01
C ALA A 104 -30.85 -10.90 -45.48
N SER A 105 -29.65 -11.36 -45.80
CA SER A 105 -29.29 -11.65 -47.18
C SER A 105 -30.10 -12.84 -47.68
N ARG A 106 -30.21 -13.87 -46.87
CA ARG A 106 -30.93 -15.08 -47.27
C ARG A 106 -32.42 -14.78 -47.46
N ALA A 107 -33.00 -13.95 -46.60
CA ALA A 107 -34.36 -13.47 -46.77
C ALA A 107 -34.60 -12.58 -48.03
N ALA A 108 -33.67 -11.69 -48.31
CA ALA A 108 -33.72 -10.90 -49.52
C ALA A 108 -33.67 -11.78 -50.78
N ALA A 109 -32.79 -12.77 -50.79
CA ALA A 109 -32.66 -13.63 -51.94
C ALA A 109 -33.99 -14.40 -52.15
N ALA A 110 -34.51 -14.96 -51.07
CA ALA A 110 -35.74 -15.76 -51.15
C ALA A 110 -36.91 -14.93 -51.65
N TRP A 111 -36.99 -13.69 -51.21
CA TRP A 111 -38.02 -12.76 -51.66
C TRP A 111 -37.89 -12.48 -53.14
N ALA A 112 -36.66 -12.24 -53.57
CA ALA A 112 -36.40 -11.95 -54.96
C ALA A 112 -36.72 -13.13 -55.84
N GLU A 113 -36.28 -14.33 -55.43
CA GLU A 113 -36.55 -15.55 -56.20
C GLU A 113 -38.04 -15.89 -56.21
N GLY A 114 -38.72 -15.55 -55.13
CA GLY A 114 -40.17 -15.66 -55.06
C GLY A 114 -40.94 -14.82 -56.10
N HIS A 115 -40.35 -13.67 -56.50
CA HIS A 115 -40.90 -12.88 -57.59
C HIS A 115 -40.22 -13.17 -58.92
N GLY A 116 -39.56 -14.32 -59.03
CA GLY A 116 -38.97 -14.77 -60.32
C GLY A 116 -37.65 -14.16 -60.77
N ALA A 117 -36.92 -13.51 -59.86
CA ALA A 117 -35.56 -13.00 -60.20
C ALA A 117 -34.48 -14.01 -59.81
N ARG A 118 -33.30 -13.87 -60.39
CA ARG A 118 -32.09 -14.53 -59.84
C ARG A 118 -31.35 -13.55 -58.91
N TYR A 119 -30.58 -14.07 -57.96
CA TYR A 119 -29.96 -13.20 -56.95
C TYR A 119 -28.56 -13.62 -56.59
N VAL A 120 -27.67 -12.63 -56.56
CA VAL A 120 -26.28 -12.82 -56.16
C VAL A 120 -25.92 -11.79 -55.10
N THR A 121 -25.21 -12.23 -54.10
CA THR A 121 -24.77 -11.38 -52.98
C THR A 121 -23.31 -11.06 -53.17
N GLY A 122 -22.98 -9.78 -53.02
CA GLY A 122 -21.59 -9.32 -52.97
C GLY A 122 -21.15 -8.78 -51.58
N GLY A 123 -19.91 -9.00 -51.22
CA GLY A 123 -19.28 -8.37 -50.05
C GLY A 123 -18.00 -7.65 -50.43
N VAL A 124 -18.13 -6.35 -50.59
CA VAL A 124 -17.12 -5.57 -51.26
C VAL A 124 -16.06 -5.15 -50.25
N MET A 125 -14.87 -5.72 -50.38
CA MET A 125 -13.76 -5.46 -49.45
C MET A 125 -12.88 -4.27 -49.84
N SER A 126 -13.50 -3.12 -50.00
CA SER A 126 -12.82 -1.93 -50.43
C SER A 126 -13.64 -0.76 -49.96
N PRO A 127 -13.00 0.33 -49.57
CA PRO A 127 -13.70 1.60 -49.43
C PRO A 127 -14.01 2.18 -50.81
N ALA A 128 -14.86 3.20 -50.85
CA ALA A 128 -15.29 3.80 -52.12
C ALA A 128 -14.14 4.17 -53.05
N PRO A 129 -13.12 4.88 -52.54
CA PRO A 129 -12.01 5.31 -53.38
C PRO A 129 -11.19 4.17 -54.00
N GLY A 130 -11.26 2.98 -53.43
CA GLY A 130 -10.61 1.83 -54.02
C GLY A 130 -11.34 1.17 -55.19
N ILE A 131 -12.60 1.57 -55.46
CA ILE A 131 -13.41 0.85 -56.41
C ILE A 131 -12.85 0.72 -57.85
N GLY A 132 -12.26 1.73 -58.41
CA GLY A 132 -11.55 1.44 -59.72
C GLY A 132 -10.44 0.38 -59.73
N SER A 133 -9.79 0.22 -58.58
CA SER A 133 -8.42 -0.30 -58.47
C SER A 133 -8.21 -1.79 -58.76
N SER A 134 -6.92 -2.14 -58.81
CA SER A 134 -6.46 -3.50 -59.10
C SER A 134 -6.08 -4.31 -57.84
N SER A 135 -5.93 -3.64 -56.72
CA SER A 135 -5.47 -4.26 -55.50
C SER A 135 -6.59 -4.78 -54.56
N VAL A 136 -7.86 -4.57 -54.91
CA VAL A 136 -8.98 -4.95 -54.01
C VAL A 136 -9.80 -6.10 -54.52
N PHE A 137 -10.61 -6.71 -53.66
CA PHE A 137 -11.46 -7.80 -54.07
C PHE A 137 -12.83 -7.80 -53.40
N SER A 138 -13.72 -8.67 -53.86
CA SER A 138 -15.04 -8.81 -53.28
C SER A 138 -15.41 -10.27 -53.22
N PHE A 139 -16.14 -10.66 -52.17
CA PHE A 139 -16.73 -12.02 -52.14
C PHE A 139 -18.05 -12.02 -52.92
N TYR A 140 -18.36 -13.14 -53.56
CA TYR A 140 -19.71 -13.35 -54.15
C TYR A 140 -20.26 -14.71 -53.79
N SER A 141 -21.58 -14.78 -53.68
CA SER A 141 -22.26 -16.06 -53.49
C SER A 141 -23.73 -15.93 -53.95
N GLY A 142 -24.45 -17.04 -54.02
CA GLY A 142 -25.81 -17.06 -54.60
C GLY A 142 -25.84 -17.76 -55.96
N ASP A 143 -26.62 -17.20 -56.89
CA ASP A 143 -26.83 -17.87 -58.20
C ASP A 143 -25.56 -17.92 -59.08
N ARG A 144 -25.04 -19.13 -59.26
CA ARG A 144 -23.76 -19.32 -59.95
C ARG A 144 -23.80 -18.80 -61.40
N ALA A 145 -24.86 -19.18 -62.12
CA ALA A 145 -24.98 -18.79 -63.53
C ALA A 145 -25.03 -17.28 -63.67
N ALA A 146 -25.83 -16.66 -62.82
CA ALA A 146 -25.95 -15.22 -62.85
C ALA A 146 -24.63 -14.52 -62.52
N PHE A 147 -23.87 -15.06 -61.57
CA PHE A 147 -22.54 -14.54 -61.31
C PHE A 147 -21.67 -14.60 -62.57
N GLU A 148 -21.59 -15.76 -63.20
CA GLU A 148 -20.74 -15.91 -64.41
C GLU A 148 -21.10 -14.97 -65.53
N GLU A 149 -22.40 -14.85 -65.75
CA GLU A 149 -22.88 -13.96 -66.82
C GLU A 149 -22.43 -12.53 -66.61
N ASN A 150 -22.29 -12.12 -65.34
CA ASN A 150 -21.90 -10.75 -65.00
C ASN A 150 -20.50 -10.61 -64.42
N LYS A 151 -19.72 -11.66 -64.49
CA LYS A 151 -18.39 -11.63 -63.91
C LYS A 151 -17.53 -10.48 -64.44
N ALA A 152 -17.48 -10.34 -65.77
CA ALA A 152 -16.68 -9.27 -66.41
C ALA A 152 -17.10 -7.88 -65.93
N LEU A 153 -18.41 -7.69 -65.82
CA LEU A 153 -18.94 -6.43 -65.29
C LEU A 153 -18.47 -6.20 -63.83
N LEU A 154 -18.54 -7.26 -63.01
CA LEU A 154 -18.14 -7.14 -61.60
C LEU A 154 -16.64 -6.88 -61.46
N GLU A 155 -15.84 -7.36 -62.42
CA GLU A 155 -14.38 -7.18 -62.38
C GLU A 155 -13.98 -5.77 -62.66
N VAL A 156 -14.89 -5.01 -63.23
CA VAL A 156 -14.68 -3.56 -63.39
C VAL A 156 -14.58 -2.90 -62.03
N LEU A 157 -15.33 -3.41 -61.06
CA LEU A 157 -15.35 -2.84 -59.71
C LEU A 157 -14.21 -3.33 -58.84
N THR A 158 -14.05 -4.64 -58.77
CA THR A 158 -12.97 -5.24 -57.96
C THR A 158 -12.71 -6.62 -58.54
N ALA A 159 -11.62 -7.24 -58.14
CA ALA A 159 -11.44 -8.66 -58.40
C ALA A 159 -12.59 -9.41 -57.72
N THR A 160 -12.90 -10.61 -58.20
CA THR A 160 -14.00 -11.37 -57.67
C THR A 160 -13.54 -12.67 -57.03
N ASP A 161 -14.35 -13.18 -56.07
CA ASP A 161 -14.07 -14.43 -55.38
C ASP A 161 -15.38 -15.10 -55.00
N PHE A 162 -15.86 -15.99 -55.87
CA PHE A 162 -17.15 -16.63 -55.70
C PHE A 162 -16.98 -17.79 -54.75
N ARG A 163 -17.86 -17.86 -53.74
CA ARG A 163 -17.72 -18.78 -52.62
C ARG A 163 -18.73 -19.91 -52.59
N GLY A 164 -19.85 -19.78 -53.30
CA GLY A 164 -20.86 -20.84 -53.33
C GLY A 164 -22.26 -20.32 -53.62
N GLU A 165 -23.22 -21.23 -53.57
CA GLU A 165 -24.55 -20.95 -54.00
C GLU A 165 -25.40 -20.38 -52.86
N ASP A 166 -24.97 -20.58 -51.63
CA ASP A 166 -25.71 -20.00 -50.49
C ASP A 166 -25.61 -18.46 -50.54
N PRO A 167 -26.75 -17.78 -50.71
CA PRO A 167 -26.70 -16.32 -50.84
C PRO A 167 -26.31 -15.58 -49.57
N GLY A 168 -26.30 -16.27 -48.42
CA GLY A 168 -25.77 -15.69 -47.19
C GLY A 168 -24.25 -15.74 -47.09
N LEU A 169 -23.61 -16.67 -47.82
CA LEU A 169 -22.21 -17.01 -47.56
C LEU A 169 -21.22 -15.83 -47.76
N ALA A 170 -21.39 -15.07 -48.84
CA ALA A 170 -20.49 -13.97 -49.11
C ALA A 170 -20.58 -12.95 -48.00
N GLN A 171 -21.77 -12.82 -47.39
CA GLN A 171 -21.94 -11.90 -46.28
C GLN A 171 -21.32 -12.45 -44.96
N VAL A 172 -21.31 -13.76 -44.79
CA VAL A 172 -20.60 -14.38 -43.70
C VAL A 172 -19.12 -14.01 -43.77
N TYR A 173 -18.50 -14.24 -44.92
CA TYR A 173 -17.09 -13.86 -45.10
C TYR A 173 -16.87 -12.36 -44.86
N TYR A 174 -17.76 -11.54 -45.39
CA TYR A 174 -17.60 -10.13 -45.27
C TYR A 174 -17.64 -9.71 -43.80
N GLN A 175 -18.67 -10.16 -43.10
CA GLN A 175 -18.89 -9.74 -41.72
C GLN A 175 -17.76 -10.29 -40.79
N ILE A 176 -17.24 -11.47 -41.05
CA ILE A 176 -16.08 -12.00 -40.34
C ILE A 176 -14.88 -11.08 -40.47
N LEU A 177 -14.55 -10.66 -41.68
CA LEU A 177 -13.41 -9.78 -41.90
C LEU A 177 -13.64 -8.40 -41.31
N LEU A 178 -14.87 -7.91 -41.36
CA LEU A 178 -15.15 -6.60 -40.77
C LEU A 178 -15.13 -6.64 -39.23
N ASP A 179 -15.43 -7.80 -38.66
CA ASP A 179 -15.37 -8.04 -37.23
C ASP A 179 -13.92 -7.84 -36.75
N LEU A 180 -12.95 -8.45 -37.42
CA LEU A 180 -11.55 -8.27 -37.09
C LEU A 180 -11.11 -6.83 -37.35
N PHE A 181 -11.54 -6.28 -38.48
CA PHE A 181 -11.19 -4.91 -38.84
C PHE A 181 -11.59 -3.86 -37.81
N TRP A 182 -12.87 -3.84 -37.43
CA TRP A 182 -13.33 -2.81 -36.49
C TRP A 182 -12.76 -3.03 -35.06
N THR A 183 -12.61 -4.29 -34.64
CA THR A 183 -12.04 -4.61 -33.34
C THR A 183 -10.60 -4.09 -33.29
N THR A 184 -9.87 -4.32 -34.37
CA THR A 184 -8.51 -3.82 -34.48
C THR A 184 -8.43 -2.29 -34.48
N MET A 185 -9.32 -1.66 -35.24
CA MET A 185 -9.32 -0.22 -35.32
C MET A 185 -9.72 0.48 -34.03
N THR A 186 -10.69 -0.05 -33.32
CA THR A 186 -11.05 0.54 -32.04
C THR A 186 -9.93 0.31 -31.01
N GLY A 187 -9.30 -0.85 -31.03
CA GLY A 187 -8.08 -1.05 -30.25
C GLY A 187 -7.01 -0.01 -30.58
N TYR A 188 -6.83 0.29 -31.86
CA TYR A 188 -5.82 1.26 -32.30
C TYR A 188 -6.10 2.65 -31.74
N LEU A 189 -7.37 3.06 -31.80
CA LEU A 189 -7.77 4.30 -31.19
C LEU A 189 -7.52 4.29 -29.68
N HIS A 190 -7.76 3.16 -29.01
CA HIS A 190 -7.60 3.12 -27.58
C HIS A 190 -6.11 3.25 -27.23
N ALA A 191 -5.27 2.56 -28.00
CA ALA A 191 -3.85 2.67 -27.85
C ALA A 191 -3.38 4.14 -28.04
N LEU A 192 -3.93 4.83 -29.03
CA LEU A 192 -3.59 6.22 -29.23
C LEU A 192 -4.03 7.10 -28.05
N ALA A 193 -5.18 6.80 -27.47
CA ALA A 193 -5.69 7.58 -26.34
C ALA A 193 -4.75 7.46 -25.15
N VAL A 194 -4.19 6.27 -24.97
CA VAL A 194 -3.25 6.07 -23.91
C VAL A 194 -2.02 6.90 -24.23
N ALA A 195 -1.54 6.84 -25.47
CA ALA A 195 -0.39 7.61 -25.85
C ALA A 195 -0.57 9.10 -25.52
N ARG A 196 -1.72 9.66 -25.90
CA ARG A 196 -2.02 11.08 -25.68
C ARG A 196 -2.13 11.41 -24.19
N ALA A 197 -2.68 10.47 -23.41
CA ALA A 197 -2.79 10.67 -21.97
C ALA A 197 -1.43 10.62 -21.29
N GLU A 198 -0.51 9.82 -21.81
CA GLU A 198 0.82 9.69 -21.18
C GLU A 198 1.87 10.61 -21.82
N GLY A 199 1.44 11.53 -22.69
CA GLY A 199 2.35 12.52 -23.29
C GLY A 199 3.21 12.02 -24.45
N VAL A 200 2.94 10.84 -24.99
CA VAL A 200 3.67 10.39 -26.16
C VAL A 200 2.95 10.83 -27.43
N PRO A 201 3.64 11.62 -28.29
CA PRO A 201 3.02 12.18 -29.49
C PRO A 201 2.57 11.10 -30.46
N VAL A 202 1.45 11.37 -31.12
CA VAL A 202 0.82 10.43 -32.05
C VAL A 202 1.80 10.07 -33.16
N GLY A 203 2.50 11.08 -33.66
CA GLY A 203 3.52 10.85 -34.69
C GLY A 203 4.64 9.92 -34.22
N THR A 204 4.94 9.91 -32.94
CA THR A 204 6.07 9.10 -32.45
C THR A 204 5.62 7.66 -32.25
N ILE A 205 4.45 7.47 -31.65
CA ILE A 205 3.98 6.11 -31.36
C ILE A 205 3.49 5.36 -32.62
N THR A 206 2.99 6.08 -33.63
CA THR A 206 2.32 5.44 -34.79
C THR A 206 3.17 4.41 -35.53
N PRO A 207 4.41 4.75 -35.87
CA PRO A 207 5.24 3.73 -36.50
C PRO A 207 5.40 2.42 -35.66
N TYR A 208 5.47 2.56 -34.35
CA TYR A 208 5.62 1.38 -33.48
C TYR A 208 4.35 0.51 -33.48
N LEU A 209 3.19 1.18 -33.51
CA LEU A 209 1.93 0.46 -33.59
C LEU A 209 1.82 -0.28 -34.92
N ILE A 210 2.23 0.40 -36.00
CA ILE A 210 2.21 -0.20 -37.35
C ILE A 210 3.21 -1.35 -37.50
N GLU A 211 4.41 -1.21 -36.97
CA GLU A 211 5.50 -2.17 -37.27
C GLU A 211 5.92 -3.06 -36.14
N GLY A 212 5.51 -2.72 -34.90
CA GLY A 212 6.06 -3.38 -33.71
C GLY A 212 5.92 -4.90 -33.73
N ASN A 213 4.69 -5.34 -33.95
CA ASN A 213 4.32 -6.73 -33.97
C ASN A 213 3.82 -7.11 -35.39
N ASP A 214 4.46 -8.13 -35.97
CA ASP A 214 4.06 -8.69 -37.27
C ASP A 214 2.88 -9.65 -37.02
N MET A 215 1.66 -9.18 -37.27
CA MET A 215 0.52 -9.94 -36.83
C MET A 215 0.31 -11.24 -37.63
N ALA A 216 0.80 -11.24 -38.86
CA ALA A 216 0.70 -12.41 -39.71
C ALA A 216 1.19 -13.66 -39.02
N MET A 217 2.34 -13.53 -38.37
CA MET A 217 2.94 -14.68 -37.65
C MET A 217 2.05 -15.17 -36.50
N PHE A 218 1.53 -14.24 -35.71
CA PHE A 218 0.71 -14.61 -34.56
C PHE A 218 -0.61 -15.20 -35.01
N PHE A 219 -1.16 -14.63 -36.07
CA PHE A 219 -2.39 -15.17 -36.64
C PHE A 219 -2.20 -16.60 -37.08
N GLU A 220 -1.16 -16.84 -37.86
CA GLU A 220 -0.97 -18.17 -38.38
C GLU A 220 -0.79 -19.23 -37.30
N GLY A 221 0.03 -18.93 -36.29
CA GLY A 221 0.18 -19.87 -35.16
C GLY A 221 -1.10 -20.08 -34.36
N THR A 222 -1.86 -19.02 -34.17
CA THR A 222 -3.13 -19.13 -33.48
C THR A 222 -4.09 -20.01 -34.29
N SER A 223 -4.21 -19.75 -35.60
CA SER A 223 -5.09 -20.59 -36.44
C SER A 223 -4.69 -22.07 -36.35
N ALA A 224 -3.38 -22.33 -36.44
CA ALA A 224 -2.90 -23.71 -36.41
C ALA A 224 -3.32 -24.39 -35.10
N ALA A 225 -3.17 -23.67 -33.99
CA ALA A 225 -3.54 -24.21 -32.70
C ALA A 225 -5.03 -24.46 -32.60
N VAL A 226 -5.84 -23.53 -33.11
CA VAL A 226 -7.29 -23.72 -33.13
C VAL A 226 -7.67 -24.93 -33.97
N ALA A 227 -7.03 -25.08 -35.12
CA ALA A 227 -7.31 -26.21 -36.00
C ALA A 227 -7.00 -27.52 -35.29
N GLU A 228 -5.80 -27.61 -34.71
CA GLU A 228 -5.47 -28.82 -33.92
C GLU A 228 -6.37 -29.14 -32.69
N GLY A 229 -6.96 -28.17 -31.98
CA GLY A 229 -7.88 -28.50 -30.88
C GLY A 229 -7.15 -28.95 -29.63
N ARG A 230 -5.81 -29.02 -29.68
CA ARG A 230 -5.00 -29.12 -28.49
C ARG A 230 -4.33 -27.75 -28.34
N PHE A 231 -4.34 -27.24 -27.10
CA PHE A 231 -3.87 -25.89 -26.79
C PHE A 231 -2.80 -25.98 -25.70
N PRO A 232 -1.63 -26.55 -26.03
CA PRO A 232 -0.55 -26.71 -25.05
C PRO A 232 0.04 -25.37 -24.59
N GLY A 233 0.32 -25.27 -23.30
CA GLY A 233 0.85 -24.04 -22.70
C GLY A 233 2.36 -23.91 -22.58
N ASP A 234 3.12 -24.57 -23.45
CA ASP A 234 4.59 -24.52 -23.28
C ASP A 234 5.20 -23.21 -23.80
N GLU A 235 4.61 -22.64 -24.85
CA GLU A 235 5.07 -21.35 -25.38
C GLU A 235 4.40 -20.12 -24.70
N ASP A 236 3.12 -20.25 -24.29
CA ASP A 236 2.39 -19.16 -23.65
C ASP A 236 1.17 -19.70 -22.93
N ARG A 237 0.74 -19.01 -21.87
CA ARG A 237 -0.27 -19.54 -20.96
C ARG A 237 -1.31 -18.49 -20.57
N ILE A 238 -2.56 -18.92 -20.48
CA ILE A 238 -3.63 -18.00 -20.19
C ILE A 238 -3.45 -17.24 -18.85
N SER A 239 -2.91 -17.91 -17.83
CA SER A 239 -2.61 -17.22 -16.54
C SER A 239 -1.66 -16.04 -16.69
N MET A 240 -0.65 -16.20 -17.52
CA MET A 240 0.28 -15.09 -17.83
C MET A 240 -0.33 -14.04 -18.79
N ASP A 241 -1.11 -14.51 -19.77
CA ASP A 241 -1.79 -13.58 -20.68
C ASP A 241 -2.79 -12.75 -19.92
N ALA A 242 -3.51 -13.37 -18.98
CA ALA A 242 -4.47 -12.65 -18.14
C ALA A 242 -3.82 -11.56 -17.31
N ALA A 243 -2.69 -11.91 -16.69
CA ALA A 243 -1.93 -10.93 -15.93
C ALA A 243 -1.47 -9.78 -16.84
N SER A 244 -1.00 -10.13 -18.04
CA SER A 244 -0.60 -9.12 -19.02
C SER A 244 -1.73 -8.17 -19.30
N MET A 245 -2.93 -8.71 -19.51
CA MET A 245 -4.07 -7.82 -19.85
C MET A 245 -4.52 -6.97 -18.64
N GLU A 246 -4.42 -7.53 -17.42
CA GLU A 246 -4.64 -6.71 -16.22
C GLU A 246 -3.76 -5.47 -16.17
N HIS A 247 -2.51 -5.63 -16.54
CA HIS A 247 -1.61 -4.47 -16.57
C HIS A 247 -2.02 -3.45 -17.59
N VAL A 248 -2.49 -3.93 -18.75
CA VAL A 248 -3.01 -2.98 -19.78
C VAL A 248 -4.15 -2.21 -19.18
N VAL A 249 -5.09 -2.90 -18.54
CA VAL A 249 -6.26 -2.17 -17.98
C VAL A 249 -5.85 -1.20 -16.90
N GLN A 250 -4.98 -1.64 -16.00
CA GLN A 250 -4.55 -0.76 -14.92
C GLN A 250 -3.77 0.44 -15.40
N THR A 251 -2.94 0.24 -16.44
CA THR A 251 -2.23 1.36 -17.07
C THR A 251 -3.21 2.40 -17.62
N SER A 252 -4.30 1.92 -18.22
CA SER A 252 -5.34 2.82 -18.75
C SER A 252 -6.04 3.57 -17.63
N ARG A 253 -6.45 2.82 -16.60
CA ARG A 253 -7.05 3.44 -15.39
C ARG A 253 -6.16 4.55 -14.82
N ASP A 254 -4.89 4.23 -14.57
CA ASP A 254 -3.94 5.22 -14.01
C ASP A 254 -3.87 6.46 -14.90
N ALA A 255 -3.95 6.27 -16.21
CA ALA A 255 -3.81 7.41 -17.13
C ALA A 255 -5.11 8.19 -17.27
N GLY A 256 -6.18 7.71 -16.66
CA GLY A 256 -7.49 8.36 -16.78
C GLY A 256 -8.14 8.20 -18.16
N VAL A 257 -7.74 7.19 -18.95
CA VAL A 257 -8.43 6.94 -20.24
C VAL A 257 -9.58 5.96 -20.01
N ASP A 258 -10.58 6.01 -20.88
CA ASP A 258 -11.72 5.12 -20.78
C ASP A 258 -11.26 3.67 -20.84
N THR A 259 -11.84 2.82 -19.99
CA THR A 259 -11.40 1.44 -19.87
C THR A 259 -12.41 0.41 -20.34
N ALA A 260 -13.51 0.83 -20.97
CA ALA A 260 -14.54 -0.15 -21.38
C ALA A 260 -14.02 -1.22 -22.37
N LEU A 261 -13.25 -0.81 -23.36
CA LEU A 261 -12.75 -1.80 -24.34
C LEU A 261 -11.76 -2.79 -23.75
N PRO A 262 -10.70 -2.30 -23.12
CA PRO A 262 -9.75 -3.26 -22.53
C PRO A 262 -10.34 -4.12 -21.42
N GLU A 263 -11.29 -3.58 -20.67
CA GLU A 263 -12.01 -4.46 -19.72
C GLU A 263 -12.78 -5.58 -20.38
N ALA A 264 -13.39 -5.29 -21.54
CA ALA A 264 -14.12 -6.33 -22.26
C ALA A 264 -13.15 -7.40 -22.72
N VAL A 265 -11.96 -6.97 -23.13
CA VAL A 265 -10.95 -7.94 -23.54
C VAL A 265 -10.52 -8.77 -22.33
N LEU A 266 -10.24 -8.10 -21.21
CA LEU A 266 -9.81 -8.82 -19.99
C LEU A 266 -10.86 -9.79 -19.52
N SER A 267 -12.12 -9.37 -19.60
CA SER A 267 -13.20 -10.27 -19.27
C SER A 267 -13.14 -11.64 -19.92
N LEU A 268 -12.68 -11.71 -21.15
CA LEU A 268 -12.60 -13.02 -21.77
C LEU A 268 -11.52 -13.90 -21.11
N PHE A 269 -10.42 -13.30 -20.72
CA PHE A 269 -9.33 -14.03 -20.05
C PHE A 269 -9.85 -14.55 -18.68
N ARG A 270 -10.59 -13.72 -17.93
CA ARG A 270 -11.13 -14.15 -16.65
C ARG A 270 -12.02 -15.36 -16.85
N ARG A 271 -12.83 -15.32 -17.91
CA ARG A 271 -13.70 -16.45 -18.19
C ARG A 271 -12.89 -17.69 -18.48
N GLY A 272 -11.77 -17.53 -19.19
CA GLY A 272 -10.86 -18.65 -19.42
C GLY A 272 -10.37 -19.22 -18.09
N LEU A 273 -9.96 -18.35 -17.18
CA LEU A 273 -9.49 -18.83 -15.88
C LEU A 273 -10.61 -19.59 -15.17
N ASP A 274 -11.81 -19.01 -15.09
CA ASP A 274 -12.97 -19.67 -14.43
C ASP A 274 -13.31 -21.02 -15.03
N ALA A 275 -13.01 -21.19 -16.32
CA ALA A 275 -13.23 -22.46 -17.00
C ALA A 275 -12.11 -23.46 -16.79
N GLY A 276 -11.06 -23.08 -16.07
CA GLY A 276 -9.94 -24.01 -15.79
C GLY A 276 -8.85 -24.01 -16.84
N PHE A 277 -8.75 -22.95 -17.65
CA PHE A 277 -7.82 -22.94 -18.81
C PHE A 277 -6.46 -22.33 -18.49
N ALA A 278 -6.20 -22.02 -17.21
CA ALA A 278 -4.93 -21.33 -16.79
C ALA A 278 -3.65 -21.81 -17.42
N GLU A 279 -3.50 -23.13 -17.56
CA GLU A 279 -2.27 -23.70 -18.10
C GLU A 279 -2.31 -23.94 -19.63
N SER A 280 -3.42 -23.63 -20.28
CA SER A 280 -3.55 -23.79 -21.73
C SER A 280 -3.15 -22.50 -22.46
N SER A 281 -2.90 -22.62 -23.76
CA SER A 281 -2.58 -21.44 -24.55
C SER A 281 -3.80 -20.58 -24.81
N PHE A 282 -3.50 -19.35 -25.19
CA PHE A 282 -4.47 -18.30 -25.47
C PHE A 282 -5.55 -18.76 -26.46
N ALA A 283 -5.16 -19.55 -27.44
CA ALA A 283 -6.10 -19.98 -28.49
C ALA A 283 -7.30 -20.75 -27.99
N ARG A 284 -7.17 -21.35 -26.82
CA ARG A 284 -8.26 -22.13 -26.24
C ARG A 284 -9.46 -21.27 -25.86
N LEU A 285 -9.24 -19.98 -25.71
CA LEU A 285 -10.37 -19.03 -25.47
C LEU A 285 -11.42 -19.02 -26.58
N VAL A 286 -11.06 -19.46 -27.77
CA VAL A 286 -12.05 -19.58 -28.86
C VAL A 286 -13.23 -20.43 -28.40
N THR A 287 -12.97 -21.48 -27.60
CA THR A 287 -14.03 -22.41 -27.17
C THR A 287 -15.02 -21.75 -26.27
N LEU A 288 -14.64 -20.62 -25.68
CA LEU A 288 -15.59 -19.83 -24.90
C LEU A 288 -16.47 -18.97 -25.77
N MET A 289 -16.02 -18.70 -26.99
CA MET A 289 -16.81 -17.86 -27.89
C MET A 289 -17.64 -18.68 -28.85
N ASP A 290 -17.19 -19.92 -29.12
CA ASP A 290 -17.91 -20.82 -30.02
C ASP A 290 -19.41 -20.90 -29.69
N ALA A 291 -20.25 -21.10 -30.70
CA ALA A 291 -21.73 -20.94 -30.51
C ALA A 291 -22.55 -21.95 -29.60
N SER B 9 0.44 13.74 -11.51
CA SER B 9 0.23 12.51 -10.67
C SER B 9 -1.05 12.50 -9.82
N PRO B 10 -2.00 11.60 -10.13
CA PRO B 10 -3.38 11.78 -9.60
C PRO B 10 -3.59 11.13 -8.23
N VAL B 11 -4.49 11.69 -7.43
CA VAL B 11 -4.86 11.11 -6.16
C VAL B 11 -6.25 11.57 -5.77
N THR B 12 -6.99 10.68 -5.12
CA THR B 12 -8.31 11.00 -4.64
C THR B 12 -8.36 10.93 -3.11
N LEU B 13 -9.20 11.76 -2.50
CA LEU B 13 -9.32 11.83 -1.07
C LEU B 13 -10.76 11.99 -0.67
N ILE B 14 -11.21 11.15 0.23
CA ILE B 14 -12.53 11.28 0.83
C ILE B 14 -12.44 11.40 2.35
N GLY B 15 -13.09 12.31 3.18
CA GLY B 15 -13.20 12.92 4.49
C GLY B 15 -12.21 14.08 4.65
N LEU B 16 -12.96 15.11 4.88
CA LEU B 16 -12.43 16.45 5.01
C LEU B 16 -12.62 17.05 6.40
N GLY B 17 -12.44 16.26 7.44
CA GLY B 17 -12.18 16.80 8.76
C GLY B 17 -10.79 17.44 8.75
N PRO B 18 -10.32 17.89 9.91
CA PRO B 18 -9.03 18.59 9.98
C PRO B 18 -7.89 17.81 9.34
N MET B 19 -7.88 16.52 9.57
CA MET B 19 -6.77 15.73 9.09
C MET B 19 -6.83 15.65 7.57
N GLY B 20 -8.01 15.37 7.04
CA GLY B 20 -8.18 15.38 5.59
C GLY B 20 -7.82 16.69 4.93
N GLN B 21 -8.25 17.78 5.54
CA GLN B 21 -7.93 19.09 4.97
C GLN B 21 -6.43 19.30 4.92
N ALA B 22 -5.76 18.97 6.03
CA ALA B 22 -4.30 19.09 6.06
C ALA B 22 -3.66 18.19 5.05
N MET B 23 -4.17 16.98 4.89
CA MET B 23 -3.57 16.07 3.91
C MET B 23 -3.79 16.61 2.50
N ALA B 24 -4.98 17.13 2.24
CA ALA B 24 -5.26 17.71 0.91
C ALA B 24 -4.30 18.85 0.56
N GLY B 25 -4.09 19.76 1.51
CA GLY B 25 -3.19 20.89 1.31
C GLY B 25 -1.75 20.47 1.01
N ALA B 26 -1.23 19.50 1.75
CA ALA B 26 0.12 19.01 1.50
C ALA B 26 0.26 18.41 0.13
N LEU B 27 -0.74 17.65 -0.28
CA LEU B 27 -0.72 17.03 -1.60
C LEU B 27 -0.76 18.06 -2.73
N LEU B 28 -1.63 19.05 -2.58
CA LEU B 28 -1.69 20.16 -3.53
C LEU B 28 -0.35 20.90 -3.64
N GLU B 29 0.20 21.32 -2.50
CA GLU B 29 1.50 21.98 -2.47
C GLU B 29 2.60 21.15 -3.08
N ALA B 30 2.53 19.82 -3.00
CA ALA B 30 3.54 18.96 -3.62
C ALA B 30 3.32 18.65 -5.10
N GLY B 31 2.29 19.23 -5.71
CA GLY B 31 2.06 19.08 -7.18
C GLY B 31 1.18 17.91 -7.64
N TYR B 32 0.42 17.30 -6.73
CA TYR B 32 -0.48 16.19 -7.11
C TYR B 32 -1.77 16.74 -7.67
N GLU B 33 -2.37 16.00 -8.61
CA GLU B 33 -3.67 16.36 -9.18
C GLU B 33 -4.73 15.69 -8.30
N LEU B 34 -5.32 16.49 -7.43
CA LEU B 34 -6.14 15.96 -6.39
C LEU B 34 -7.58 16.00 -6.82
N THR B 35 -8.30 14.91 -6.55
CA THR B 35 -9.77 14.92 -6.62
C THR B 35 -10.38 14.58 -5.25
N VAL B 36 -11.39 15.36 -4.85
CA VAL B 36 -12.01 15.26 -3.55
C VAL B 36 -13.52 15.05 -3.66
N TRP B 37 -14.12 14.38 -2.69
CA TRP B 37 -15.59 14.30 -2.58
C TRP B 37 -15.97 14.41 -1.12
N ASN B 38 -17.08 15.09 -0.84
CA ASN B 38 -17.56 15.26 0.53
C ASN B 38 -19.07 15.37 0.60
N ARG B 39 -19.63 14.97 1.75
CA ARG B 39 -21.08 14.89 1.97
C ARG B 39 -21.74 16.27 1.83
N THR B 40 -21.10 17.29 2.38
CA THR B 40 -21.56 18.68 2.24
C THR B 40 -20.67 19.34 1.21
N LYS B 41 -21.22 19.61 0.03
CA LYS B 41 -20.57 20.52 -0.92
C LYS B 41 -20.35 21.88 -0.26
N ALA B 42 -19.12 22.18 0.11
CA ALA B 42 -18.84 23.45 0.84
C ALA B 42 -17.45 23.42 1.34
N LYS B 43 -17.15 22.44 2.19
CA LYS B 43 -15.80 22.18 2.70
C LYS B 43 -14.81 21.93 1.53
N ALA B 44 -15.35 21.67 0.34
CA ALA B 44 -14.54 21.38 -0.84
C ALA B 44 -14.32 22.55 -1.78
N GLU B 45 -15.27 23.50 -1.82
CA GLU B 45 -15.08 24.75 -2.57
C GLU B 45 -13.74 25.40 -2.21
N ALA B 46 -13.41 25.40 -0.92
CA ALA B 46 -12.12 25.94 -0.44
C ALA B 46 -10.91 25.30 -1.15
N LEU B 47 -10.91 23.97 -1.29
CA LEU B 47 -9.81 23.25 -1.91
C LEU B 47 -9.88 23.40 -3.43
N ALA B 48 -11.09 23.53 -3.95
CA ALA B 48 -11.27 23.76 -5.39
C ALA B 48 -10.63 25.09 -5.79
N GLU B 49 -10.83 26.12 -4.97
CA GLU B 49 -10.13 27.42 -5.13
C GLU B 49 -8.60 27.23 -5.27
N ARG B 50 -8.04 26.30 -4.46
CA ARG B 50 -6.61 25.97 -4.55
C ARG B 50 -6.20 24.94 -5.59
N GLY B 51 -7.12 24.57 -6.46
CA GLY B 51 -6.80 23.70 -7.58
C GLY B 51 -7.25 22.24 -7.49
N ALA B 52 -8.09 21.92 -6.51
CA ALA B 52 -8.62 20.56 -6.43
C ALA B 52 -9.83 20.35 -7.33
N ALA B 53 -9.90 19.21 -8.00
CA ALA B 53 -11.12 18.83 -8.69
C ALA B 53 -12.11 18.32 -7.66
N VAL B 54 -13.37 18.69 -7.77
CA VAL B 54 -14.41 18.20 -6.87
C VAL B 54 -15.30 17.24 -7.64
N ALA B 55 -15.43 16.00 -7.16
CA ALA B 55 -16.30 15.01 -7.79
C ALA B 55 -17.74 15.13 -7.31
N ASP B 56 -18.67 14.77 -8.18
CA ASP B 56 -20.10 14.85 -7.84
C ASP B 56 -20.56 13.69 -7.01
N SER B 57 -19.86 12.57 -7.14
CA SER B 57 -20.22 11.37 -6.39
C SER B 57 -18.99 10.61 -5.94
N PRO B 58 -19.15 9.76 -4.94
CA PRO B 58 -18.07 8.87 -4.57
C PRO B 58 -17.58 8.00 -5.71
N ALA B 59 -18.49 7.47 -6.53
CA ALA B 59 -18.12 6.63 -7.67
C ALA B 59 -17.20 7.38 -8.63
N GLU B 60 -17.59 8.62 -8.92
CA GLU B 60 -16.80 9.48 -9.80
C GLU B 60 -15.39 9.75 -9.20
N ALA B 61 -15.33 9.98 -7.89
CA ALA B 61 -14.05 10.16 -7.21
C ALA B 61 -13.13 8.91 -7.32
N LEU B 62 -13.71 7.72 -7.12
CA LEU B 62 -12.93 6.49 -7.31
C LEU B 62 -12.36 6.37 -8.71
N ARG B 63 -13.11 6.86 -9.69
CA ARG B 63 -12.71 6.69 -11.09
C ARG B 63 -11.62 7.64 -11.54
N ALA B 64 -11.36 8.69 -10.76
CA ALA B 64 -10.40 9.71 -11.15
C ALA B 64 -9.04 9.12 -11.47
N GLY B 65 -8.70 7.98 -10.88
CA GLY B 65 -7.57 7.17 -11.34
C GLY B 65 -6.46 6.99 -10.32
N GLY B 66 -6.35 7.91 -9.39
CA GLY B 66 -5.32 7.79 -8.39
C GLY B 66 -5.64 6.73 -7.32
N PRO B 67 -4.69 6.46 -6.41
CA PRO B 67 -5.05 5.77 -5.17
C PRO B 67 -6.11 6.56 -4.41
N VAL B 68 -6.94 5.88 -3.65
CA VAL B 68 -8.03 6.49 -2.87
C VAL B 68 -7.67 6.54 -1.35
N LEU B 69 -7.48 7.77 -0.86
CA LEU B 69 -7.14 8.06 0.53
C LEU B 69 -8.42 8.25 1.28
N LEU B 70 -8.56 7.60 2.44
CA LEU B 70 -9.71 7.80 3.31
C LEU B 70 -9.26 8.37 4.63
N SER B 71 -9.96 9.43 5.06
CA SER B 71 -9.72 10.04 6.37
C SER B 71 -11.06 10.30 7.01
N LEU B 72 -11.69 9.24 7.48
CA LEU B 72 -13.04 9.30 8.03
C LEU B 72 -13.04 9.15 9.56
N THR B 73 -14.19 9.41 10.17
CA THR B 73 -14.34 9.39 11.62
C THR B 73 -14.26 7.95 12.15
N GLU B 74 -14.78 7.00 11.38
CA GLU B 74 -14.67 5.56 11.70
C GLU B 74 -14.85 4.74 10.41
N HIS B 75 -14.46 3.47 10.45
CA HIS B 75 -14.57 2.65 9.24
C HIS B 75 -15.97 2.37 8.76
N ALA B 76 -16.93 2.36 9.68
CA ALA B 76 -18.33 2.20 9.30
C ALA B 76 -18.77 3.20 8.25
N VAL B 77 -18.18 4.39 8.27
CA VAL B 77 -18.54 5.43 7.34
C VAL B 77 -18.22 4.94 5.94
N MET B 78 -17.13 4.19 5.81
CA MET B 78 -16.68 3.77 4.49
C MET B 78 -17.76 2.97 3.77
N TYR B 79 -18.44 2.10 4.51
CA TYR B 79 -19.46 1.27 3.92
C TYR B 79 -20.64 2.11 3.41
N ARG B 80 -20.93 3.19 4.10
CA ARG B 80 -22.05 4.02 3.72
C ARG B 80 -21.71 4.86 2.53
N VAL B 81 -20.63 5.64 2.59
CA VAL B 81 -20.33 6.54 1.50
C VAL B 81 -20.00 5.82 0.20
N LEU B 82 -19.47 4.61 0.27
CA LEU B 82 -19.21 3.82 -0.92
C LEU B 82 -20.34 2.89 -1.36
N GLU B 83 -21.55 3.06 -0.80
CA GLU B 83 -22.66 2.14 -1.12
C GLU B 83 -22.97 1.98 -2.58
N GLY B 84 -23.01 3.10 -3.30
CA GLY B 84 -23.35 3.03 -4.72
C GLY B 84 -22.25 2.47 -5.60
N ALA B 85 -21.04 2.34 -5.07
CA ALA B 85 -19.85 2.38 -5.90
C ALA B 85 -18.97 1.15 -5.83
N GLU B 86 -19.53 0.04 -5.37
CA GLU B 86 -18.75 -1.16 -5.15
C GLU B 86 -18.11 -1.70 -6.39
N SER B 87 -18.82 -1.59 -7.53
CA SER B 87 -18.31 -2.08 -8.82
C SER B 87 -17.04 -1.31 -9.25
N ASP B 88 -16.97 -0.03 -8.89
CA ASP B 88 -15.81 0.78 -9.21
C ASP B 88 -14.56 0.50 -8.34
N LEU B 89 -14.63 -0.44 -7.40
CA LEU B 89 -13.49 -0.74 -6.53
C LEU B 89 -12.52 -1.70 -7.17
N LYS B 90 -13.00 -2.43 -8.17
CA LYS B 90 -12.17 -3.40 -8.89
C LYS B 90 -10.91 -2.74 -9.47
N GLY B 91 -9.75 -3.27 -9.10
CA GLY B 91 -8.49 -2.68 -9.52
C GLY B 91 -8.00 -1.41 -8.79
N ARG B 92 -8.80 -0.86 -7.87
CA ARG B 92 -8.38 0.32 -7.13
C ARG B 92 -7.53 -0.04 -5.93
N THR B 93 -6.88 0.98 -5.38
CA THR B 93 -6.09 0.88 -4.18
C THR B 93 -6.68 1.85 -3.15
N ILE B 94 -7.02 1.30 -2.00
CA ILE B 94 -7.49 2.07 -0.87
C ILE B 94 -6.41 2.18 0.17
N LEU B 95 -6.13 3.43 0.53
CA LEU B 95 -5.19 3.75 1.60
C LEU B 95 -6.03 4.38 2.70
N ASN B 96 -6.42 3.58 3.69
CA ASN B 96 -7.28 4.07 4.78
C ASN B 96 -6.44 4.64 5.90
N LEU B 97 -6.42 5.97 6.02
CA LEU B 97 -5.54 6.64 6.96
C LEU B 97 -6.26 7.07 8.27
N GLY B 98 -7.52 6.70 8.39
CA GLY B 98 -8.31 6.95 9.59
C GLY B 98 -8.11 5.88 10.67
N SER B 99 -8.27 6.29 11.94
CA SER B 99 -8.11 5.42 13.09
C SER B 99 -9.40 4.71 13.36
N ASP B 100 -9.27 3.45 13.80
CA ASP B 100 -10.38 2.70 14.30
C ASP B 100 -9.74 1.47 14.95
N THR B 101 -10.55 0.52 15.44
CA THR B 101 -9.98 -0.69 16.00
C THR B 101 -9.31 -1.63 14.96
N PRO B 102 -8.42 -2.51 15.46
CA PRO B 102 -7.78 -3.47 14.57
C PRO B 102 -8.83 -4.33 13.92
N ALA B 103 -9.85 -4.72 14.68
CA ALA B 103 -10.86 -5.60 14.13
C ALA B 103 -11.61 -4.90 13.01
N ALA B 104 -11.95 -3.63 13.23
CA ALA B 104 -12.62 -2.87 12.19
C ALA B 104 -11.75 -2.69 10.94
N SER B 105 -10.45 -2.50 11.15
CA SER B 105 -9.51 -2.39 10.02
C SER B 105 -9.38 -3.68 9.24
N ARG B 106 -9.35 -4.80 9.94
CA ARG B 106 -9.29 -6.10 9.25
C ARG B 106 -10.52 -6.36 8.42
N ALA B 107 -11.67 -6.02 8.99
CA ALA B 107 -12.94 -6.22 8.27
C ALA B 107 -13.01 -5.33 7.03
N ALA B 108 -12.54 -4.11 7.17
CA ALA B 108 -12.61 -3.17 6.06
C ALA B 108 -11.73 -3.62 4.91
N ALA B 109 -10.55 -4.07 5.23
CA ALA B 109 -9.66 -4.66 4.24
C ALA B 109 -10.29 -5.85 3.54
N ALA B 110 -10.86 -6.77 4.29
CA ALA B 110 -11.47 -7.97 3.69
C ALA B 110 -12.62 -7.60 2.74
N TRP B 111 -13.41 -6.61 3.13
CA TRP B 111 -14.51 -6.14 2.30
C TRP B 111 -14.01 -5.52 1.00
N ALA B 112 -12.96 -4.74 1.11
CA ALA B 112 -12.39 -4.10 -0.04
C ALA B 112 -11.79 -5.08 -0.99
N GLU B 113 -11.05 -6.04 -0.47
CA GLU B 113 -10.44 -7.08 -1.29
C GLU B 113 -11.49 -7.95 -1.93
N GLY B 114 -12.61 -8.12 -1.23
CA GLY B 114 -13.75 -8.86 -1.76
C GLY B 114 -14.37 -8.21 -2.98
N HIS B 115 -14.25 -6.90 -3.11
CA HIS B 115 -14.65 -6.18 -4.31
C HIS B 115 -13.49 -5.87 -5.27
N GLY B 116 -12.39 -6.60 -5.13
CA GLY B 116 -11.28 -6.48 -6.05
C GLY B 116 -10.33 -5.29 -5.88
N ALA B 117 -10.35 -4.61 -4.72
CA ALA B 117 -9.39 -3.56 -4.44
C ALA B 117 -8.22 -4.06 -3.64
N ARG B 118 -7.12 -3.33 -3.67
CA ARG B 118 -6.03 -3.56 -2.70
C ARG B 118 -6.21 -2.61 -1.53
N TYR B 119 -5.68 -2.96 -0.38
CA TYR B 119 -5.92 -2.15 0.81
C TYR B 119 -4.73 -2.02 1.72
N VAL B 120 -4.49 -0.80 2.17
CA VAL B 120 -3.39 -0.50 3.07
C VAL B 120 -3.93 0.38 4.21
N THR B 121 -3.51 0.04 5.43
CA THR B 121 -3.93 0.74 6.64
C THR B 121 -2.84 1.64 7.07
N GLY B 122 -3.21 2.88 7.38
CA GLY B 122 -2.30 3.89 7.96
C GLY B 122 -2.67 4.31 9.38
N GLY B 123 -1.67 4.49 10.24
CA GLY B 123 -1.85 5.02 11.59
C GLY B 123 -0.99 6.25 11.76
N VAL B 124 -1.63 7.40 11.58
CA VAL B 124 -0.91 8.63 11.42
C VAL B 124 -0.57 9.24 12.77
N MET B 125 0.70 9.19 13.13
CA MET B 125 1.18 9.65 14.42
C MET B 125 1.52 11.14 14.39
N SER B 126 0.53 11.94 13.99
CA SER B 126 0.68 13.39 13.96
C SER B 126 -0.66 14.04 14.06
N PRO B 127 -0.74 15.21 14.74
CA PRO B 127 -1.96 16.02 14.66
C PRO B 127 -1.97 16.70 13.32
N ALA B 128 -3.12 17.25 12.95
CA ALA B 128 -3.30 17.86 11.63
C ALA B 128 -2.16 18.84 11.26
N PRO B 129 -1.78 19.75 12.19
CA PRO B 129 -0.78 20.79 11.85
C PRO B 129 0.58 20.22 11.55
N GLY B 130 0.81 18.98 11.99
CA GLY B 130 2.09 18.35 11.75
C GLY B 130 2.20 17.70 10.40
N ILE B 131 1.12 17.65 9.64
CA ILE B 131 1.13 16.90 8.39
C ILE B 131 2.20 17.28 7.33
N GLY B 132 2.46 18.53 7.09
CA GLY B 132 3.61 18.83 6.19
C GLY B 132 5.01 18.36 6.63
N SER B 133 5.18 18.23 7.95
CA SER B 133 6.50 18.24 8.63
C SER B 133 7.43 17.03 8.44
N SER B 134 8.66 17.23 8.94
CA SER B 134 9.75 16.24 8.84
C SER B 134 9.92 15.39 10.10
N SER B 135 9.34 15.85 11.20
CA SER B 135 9.57 15.22 12.47
C SER B 135 8.56 14.12 12.83
N VAL B 136 7.55 13.93 12.01
CA VAL B 136 6.48 12.97 12.33
C VAL B 136 6.55 11.71 11.47
N PHE B 137 5.87 10.66 11.92
CA PHE B 137 5.80 9.43 11.13
C PHE B 137 4.39 8.76 11.18
N SER B 138 4.21 7.74 10.35
CA SER B 138 2.98 6.98 10.35
C SER B 138 3.32 5.51 10.19
N PHE B 139 2.50 4.65 10.79
CA PHE B 139 2.63 3.20 10.58
C PHE B 139 1.79 2.83 9.35
N TYR B 140 2.26 1.83 8.60
CA TYR B 140 1.48 1.24 7.51
C TYR B 140 1.54 -0.30 7.57
N SER B 141 0.46 -0.91 7.14
CA SER B 141 0.38 -2.36 7.02
C SER B 141 -0.70 -2.73 6.01
N GLY B 142 -0.73 -3.97 5.60
CA GLY B 142 -1.61 -4.39 4.50
C GLY B 142 -0.80 -4.72 3.23
N ASP B 143 -1.31 -4.32 2.08
CA ASP B 143 -0.74 -4.75 0.78
C ASP B 143 0.61 -4.12 0.46
N ARG B 144 1.63 -4.93 0.42
CA ARG B 144 3.04 -4.48 0.33
C ARG B 144 3.35 -3.73 -0.95
N ALA B 145 2.91 -4.31 -2.05
CA ALA B 145 3.08 -3.70 -3.37
C ALA B 145 2.37 -2.38 -3.45
N ALA B 146 1.14 -2.34 -2.99
CA ALA B 146 0.40 -1.10 -3.02
C ALA B 146 1.06 -0.01 -2.15
N PHE B 147 1.59 -0.40 -1.00
CA PHE B 147 2.33 0.56 -0.17
C PHE B 147 3.55 1.14 -0.93
N GLU B 148 4.36 0.27 -1.53
CA GLU B 148 5.52 0.72 -2.31
C GLU B 148 5.17 1.66 -3.43
N GLU B 149 4.11 1.35 -4.17
CA GLU B 149 3.71 2.16 -5.29
C GLU B 149 3.36 3.52 -4.88
N ASN B 150 2.84 3.65 -3.67
CA ASN B 150 2.39 4.94 -3.17
C ASN B 150 3.27 5.52 -2.04
N LYS B 151 4.42 4.91 -1.78
CA LYS B 151 5.31 5.35 -0.73
C LYS B 151 5.69 6.85 -0.86
N ALA B 152 6.13 7.26 -2.05
CA ALA B 152 6.50 8.66 -2.29
C ALA B 152 5.34 9.63 -1.99
N LEU B 153 4.14 9.25 -2.39
CA LEU B 153 2.97 10.06 -2.12
C LEU B 153 2.75 10.15 -0.60
N LEU B 154 2.89 9.02 0.09
CA LEU B 154 2.64 8.98 1.54
C LEU B 154 3.73 9.78 2.30
N GLU B 155 4.93 9.82 1.75
CA GLU B 155 6.05 10.57 2.37
C GLU B 155 5.83 12.06 2.27
N VAL B 156 4.91 12.50 1.42
CA VAL B 156 4.50 13.91 1.40
C VAL B 156 3.82 14.27 2.71
N LEU B 157 3.09 13.31 3.27
CA LEU B 157 2.34 13.54 4.51
C LEU B 157 3.21 13.36 5.77
N THR B 158 3.91 12.22 5.89
CA THR B 158 4.75 11.96 7.05
C THR B 158 5.79 10.96 6.60
N ALA B 159 6.83 10.76 7.41
CA ALA B 159 7.70 9.63 7.21
C ALA B 159 6.86 8.34 7.36
N THR B 160 7.33 7.26 6.79
CA THR B 160 6.55 6.04 6.72
C THR B 160 7.27 4.92 7.42
N ASP B 161 6.50 3.98 7.96
CA ASP B 161 7.06 2.82 8.63
C ASP B 161 6.13 1.60 8.43
N PHE B 162 6.44 0.81 7.43
CA PHE B 162 5.61 -0.36 7.04
C PHE B 162 5.93 -1.54 7.95
N ARG B 163 4.89 -2.15 8.52
CA ARG B 163 5.05 -3.13 9.59
C ARG B 163 4.73 -4.56 9.17
N GLY B 164 4.03 -4.74 8.05
CA GLY B 164 3.66 -6.07 7.60
C GLY B 164 2.41 -6.10 6.76
N GLU B 165 2.02 -7.30 6.39
CA GLU B 165 0.90 -7.50 5.48
C GLU B 165 -0.46 -7.61 6.19
N ASP B 166 -0.48 -7.89 7.49
CA ASP B 166 -1.73 -7.88 8.27
C ASP B 166 -2.30 -6.45 8.33
N PRO B 167 -3.46 -6.23 7.72
CA PRO B 167 -4.03 -4.89 7.67
C PRO B 167 -4.46 -4.34 9.02
N GLY B 168 -4.55 -5.17 10.04
CA GLY B 168 -4.84 -4.69 11.38
C GLY B 168 -3.62 -4.12 12.10
N LEU B 169 -2.43 -4.51 11.68
CA LEU B 169 -1.23 -4.34 12.49
C LEU B 169 -0.86 -2.89 12.70
N ALA B 170 -0.94 -2.07 11.66
CA ALA B 170 -0.65 -0.66 11.82
C ALA B 170 -1.59 0.02 12.80
N GLN B 171 -2.83 -0.46 12.90
CA GLN B 171 -3.76 0.08 13.87
C GLN B 171 -3.47 -0.44 15.28
N VAL B 172 -2.99 -1.66 15.39
CA VAL B 172 -2.49 -2.15 16.70
C VAL B 172 -1.43 -1.21 17.24
N TYR B 173 -0.41 -0.91 16.42
CA TYR B 173 0.65 -0.01 16.83
C TYR B 173 0.09 1.35 17.21
N TYR B 174 -0.79 1.89 16.37
CA TYR B 174 -1.34 3.20 16.59
C TYR B 174 -2.06 3.27 17.94
N GLN B 175 -2.94 2.30 18.17
CA GLN B 175 -3.77 2.35 19.36
C GLN B 175 -2.91 2.15 20.63
N ILE B 176 -1.88 1.31 20.56
CA ILE B 176 -0.97 1.09 21.69
C ILE B 176 -0.29 2.38 22.06
N LEU B 177 0.21 3.10 21.06
CA LEU B 177 0.83 4.38 21.33
C LEU B 177 -0.14 5.45 21.83
N LEU B 178 -1.36 5.48 21.31
CA LEU B 178 -2.31 6.46 21.80
C LEU B 178 -2.72 6.19 23.24
N ASP B 179 -2.70 4.92 23.62
CA ASP B 179 -3.01 4.50 24.96
C ASP B 179 -2.03 5.10 25.96
N LEU B 180 -0.76 4.97 25.68
CA LEU B 180 0.28 5.61 26.50
C LEU B 180 0.18 7.11 26.45
N PHE B 181 -0.03 7.63 25.25
CA PHE B 181 -0.10 9.07 25.04
C PHE B 181 -1.17 9.77 25.87
N TRP B 182 -2.42 9.30 25.80
CA TRP B 182 -3.51 9.94 26.54
C TRP B 182 -3.40 9.73 28.08
N THR B 183 -2.97 8.55 28.50
CA THR B 183 -2.75 8.29 29.89
C THR B 183 -1.67 9.24 30.47
N THR B 184 -0.60 9.43 29.73
CA THR B 184 0.44 10.38 30.11
C THR B 184 -0.05 11.81 30.16
N MET B 185 -0.79 12.22 29.13
CA MET B 185 -1.25 13.60 29.03
C MET B 185 -2.28 13.97 30.11
N THR B 186 -3.16 13.04 30.46
CA THR B 186 -4.09 13.29 31.52
C THR B 186 -3.37 13.33 32.90
N GLY B 187 -2.39 12.46 33.10
CA GLY B 187 -1.49 12.58 34.24
C GLY B 187 -0.77 13.92 34.31
N TYR B 188 -0.33 14.43 33.17
CA TYR B 188 0.34 15.73 33.11
C TYR B 188 -0.61 16.86 33.56
N LEU B 189 -1.83 16.83 33.05
CA LEU B 189 -2.83 17.80 33.51
C LEU B 189 -3.09 17.69 35.02
N HIS B 190 -3.11 16.49 35.54
CA HIS B 190 -3.39 16.33 36.94
C HIS B 190 -2.22 16.92 37.78
N ALA B 191 -1.01 16.65 37.35
CA ALA B 191 0.18 17.21 37.97
C ALA B 191 0.12 18.75 37.97
N LEU B 192 -0.29 19.34 36.85
CA LEU B 192 -0.39 20.77 36.79
C LEU B 192 -1.46 21.29 37.75
N ALA B 193 -2.56 20.55 37.93
CA ALA B 193 -3.63 20.99 38.82
C ALA B 193 -3.15 21.02 40.26
N VAL B 194 -2.34 20.05 40.62
CA VAL B 194 -1.80 20.04 41.96
C VAL B 194 -0.81 21.24 42.10
N ALA B 195 0.02 21.50 41.08
CA ALA B 195 0.87 22.69 41.10
C ALA B 195 0.07 23.95 41.35
N ARG B 196 -0.99 24.16 40.59
CA ARG B 196 -1.80 25.39 40.72
C ARG B 196 -2.46 25.48 42.12
N ALA B 197 -2.89 24.36 42.65
CA ALA B 197 -3.55 24.33 43.93
C ALA B 197 -2.59 24.64 45.06
N GLU B 198 -1.32 24.26 44.91
CA GLU B 198 -0.33 24.56 45.92
C GLU B 198 0.51 25.79 45.66
N GLY B 199 0.09 26.62 44.70
CA GLY B 199 0.75 27.90 44.45
C GLY B 199 2.08 27.85 43.70
N VAL B 200 2.43 26.71 43.11
CA VAL B 200 3.60 26.67 42.25
C VAL B 200 3.18 27.05 40.82
N PRO B 201 3.76 28.12 40.28
CA PRO B 201 3.46 28.58 38.90
C PRO B 201 3.75 27.55 37.81
N VAL B 202 2.88 27.52 36.81
CA VAL B 202 2.94 26.52 35.73
C VAL B 202 4.31 26.64 35.02
N GLY B 203 4.74 27.88 34.79
CA GLY B 203 6.04 28.13 34.19
C GLY B 203 7.21 27.60 34.99
N THR B 204 7.05 27.50 36.31
CA THR B 204 8.13 27.02 37.13
C THR B 204 8.18 25.52 37.15
N ILE B 205 7.03 24.88 37.31
CA ILE B 205 7.01 23.41 37.43
C ILE B 205 7.29 22.71 36.09
N THR B 206 6.92 23.37 34.98
CA THR B 206 6.92 22.67 33.66
C THR B 206 8.24 22.06 33.31
N PRO B 207 9.36 22.82 33.45
CA PRO B 207 10.67 22.23 33.07
C PRO B 207 11.01 21.01 33.89
N TYR B 208 10.58 20.97 35.15
CA TYR B 208 10.80 19.78 35.99
C TYR B 208 9.99 18.57 35.53
N LEU B 209 8.75 18.80 35.11
CA LEU B 209 7.91 17.72 34.56
C LEU B 209 8.47 17.17 33.26
N ILE B 210 8.92 18.07 32.39
CA ILE B 210 9.58 17.69 31.15
C ILE B 210 10.93 16.98 31.34
N GLU B 211 11.79 17.44 32.25
CA GLU B 211 13.17 16.91 32.33
C GLU B 211 13.50 16.07 33.55
N GLY B 212 12.64 16.08 34.58
CA GLY B 212 13.01 15.53 35.90
C GLY B 212 13.46 14.08 35.88
N ASN B 213 12.66 13.24 35.26
CA ASN B 213 12.91 11.81 35.16
C ASN B 213 13.09 11.45 33.67
N ASP B 214 14.20 10.77 33.37
CA ASP B 214 14.49 10.29 32.02
C ASP B 214 13.69 9.00 31.79
N MET B 215 12.55 9.10 31.13
CA MET B 215 11.65 7.98 31.11
C MET B 215 12.19 6.83 30.29
N ALA B 216 13.03 7.13 29.31
CA ALA B 216 13.63 6.10 28.48
C ALA B 216 14.26 4.98 29.30
N MET B 217 15.01 5.37 30.33
CA MET B 217 15.68 4.40 31.21
C MET B 217 14.68 3.52 31.94
N PHE B 218 13.63 4.15 32.48
CA PHE B 218 12.62 3.37 33.23
C PHE B 218 11.82 2.46 32.30
N PHE B 219 11.52 2.97 31.11
CA PHE B 219 10.79 2.15 30.13
C PHE B 219 11.58 0.93 29.71
N GLU B 220 12.85 1.13 29.37
CA GLU B 220 13.72 0.01 28.96
C GLU B 220 13.77 -1.06 30.03
N GLY B 221 14.02 -0.65 31.28
CA GLY B 221 14.12 -1.63 32.37
C GLY B 221 12.79 -2.34 32.65
N THR B 222 11.69 -1.60 32.52
CA THR B 222 10.38 -2.20 32.70
C THR B 222 10.12 -3.23 31.62
N SER B 223 10.40 -2.88 30.38
CA SER B 223 10.20 -3.83 29.26
C SER B 223 11.01 -5.10 29.45
N ALA B 224 12.28 -4.93 29.82
CA ALA B 224 13.19 -6.07 30.02
C ALA B 224 12.62 -6.99 31.07
N ALA B 225 12.14 -6.41 32.16
CA ALA B 225 11.58 -7.20 33.25
C ALA B 225 10.36 -7.95 32.80
N VAL B 226 9.48 -7.27 32.03
CA VAL B 226 8.25 -7.91 31.53
C VAL B 226 8.60 -9.04 30.58
N ALA B 227 9.58 -8.80 29.71
CA ALA B 227 10.02 -9.83 28.78
C ALA B 227 10.54 -11.07 29.52
N GLU B 228 11.46 -10.85 30.47
CA GLU B 228 11.89 -11.92 31.36
C GLU B 228 10.89 -12.91 31.96
N GLY B 229 9.90 -12.42 32.68
CA GLY B 229 8.99 -13.36 33.34
C GLY B 229 9.20 -13.31 34.84
N ARG B 230 10.35 -12.80 35.28
CA ARG B 230 10.70 -12.72 36.68
C ARG B 230 10.73 -11.27 37.08
N PHE B 231 10.15 -10.97 38.25
CA PHE B 231 9.97 -9.60 38.73
C PHE B 231 10.56 -9.45 40.12
N PRO B 232 11.90 -9.46 40.21
CA PRO B 232 12.60 -9.43 41.49
C PRO B 232 12.51 -8.08 42.21
N GLU B 235 15.30 -3.95 44.12
CA GLU B 235 15.50 -2.61 43.58
C GLU B 235 14.27 -1.65 43.82
N ASP B 236 13.07 -2.06 43.38
CA ASP B 236 11.76 -1.41 43.63
C ASP B 236 10.84 -2.55 44.07
N ARG B 237 9.92 -2.23 44.97
CA ARG B 237 8.94 -3.22 45.45
C ARG B 237 7.53 -2.62 45.45
N ILE B 238 6.56 -3.43 45.09
CA ILE B 238 5.20 -2.96 44.99
C ILE B 238 4.67 -2.35 46.31
N SER B 239 5.05 -2.90 47.47
CA SER B 239 4.63 -2.35 48.77
C SER B 239 5.10 -0.90 48.95
N MET B 240 6.32 -0.59 48.50
CA MET B 240 6.83 0.83 48.52
C MET B 240 6.15 1.66 47.48
N ASP B 241 5.97 1.08 46.29
CA ASP B 241 5.38 1.84 45.18
C ASP B 241 3.96 2.21 45.52
N ALA B 242 3.27 1.29 46.17
CA ALA B 242 1.92 1.55 46.63
C ALA B 242 1.87 2.67 47.65
N ALA B 243 2.82 2.66 48.59
CA ALA B 243 2.89 3.71 49.61
C ALA B 243 3.17 5.04 48.95
N SER B 244 4.07 5.02 47.98
CA SER B 244 4.37 6.23 47.19
C SER B 244 3.10 6.79 46.57
N MET B 245 2.29 5.91 45.97
CA MET B 245 1.10 6.39 45.28
C MET B 245 0.04 6.89 46.29
N GLU B 246 -0.06 6.25 47.46
CA GLU B 246 -0.91 6.75 48.55
C GLU B 246 -0.62 8.19 48.87
N HIS B 247 0.66 8.54 48.93
CA HIS B 247 1.06 9.91 49.25
C HIS B 247 0.65 10.86 48.16
N VAL B 248 0.74 10.42 46.91
CA VAL B 248 0.25 11.24 45.80
C VAL B 248 -1.24 11.51 45.97
N VAL B 249 -2.02 10.48 46.23
CA VAL B 249 -3.46 10.68 46.34
C VAL B 249 -3.78 11.60 47.53
N GLN B 250 -3.13 11.36 48.67
CA GLN B 250 -3.39 12.19 49.88
C GLN B 250 -2.96 13.62 49.70
N THR B 251 -1.85 13.82 49.00
CA THR B 251 -1.43 15.17 48.63
C THR B 251 -2.50 15.91 47.81
N SER B 252 -3.12 15.19 46.88
CA SER B 252 -4.15 15.78 46.02
C SER B 252 -5.38 16.13 46.84
N ARG B 253 -5.82 15.18 47.65
CA ARG B 253 -6.92 15.41 48.61
C ARG B 253 -6.68 16.66 49.45
N ASP B 254 -5.52 16.73 50.12
CA ASP B 254 -5.18 17.91 50.98
C ASP B 254 -5.23 19.20 50.20
N ALA B 255 -4.84 19.16 48.92
CA ALA B 255 -4.86 20.36 48.12
C ALA B 255 -6.24 20.71 47.56
N GLY B 256 -7.21 19.81 47.76
CA GLY B 256 -8.57 20.01 47.20
C GLY B 256 -8.69 19.75 45.70
N VAL B 257 -7.74 19.02 45.08
CA VAL B 257 -7.84 18.76 43.63
C VAL B 257 -8.58 17.44 43.42
N ASP B 258 -9.18 17.30 42.24
CA ASP B 258 -9.92 16.06 41.89
C ASP B 258 -9.01 14.85 41.95
N THR B 259 -9.51 13.77 42.50
CA THR B 259 -8.72 12.63 42.79
C THR B 259 -9.09 11.36 42.07
N ALA B 260 -9.99 11.46 41.12
CA ALA B 260 -10.37 10.26 40.34
C ALA B 260 -9.20 9.55 39.58
N LEU B 261 -8.36 10.31 38.90
CA LEU B 261 -7.29 9.68 38.14
C LEU B 261 -6.23 9.00 39.03
N PRO B 262 -5.68 9.73 40.02
CA PRO B 262 -4.69 9.08 40.87
C PRO B 262 -5.27 7.92 41.64
N GLU B 263 -6.54 7.97 42.00
CA GLU B 263 -7.14 6.82 42.68
C GLU B 263 -7.21 5.60 41.79
N ALA B 264 -7.49 5.82 40.50
CA ALA B 264 -7.52 4.72 39.54
C ALA B 264 -6.11 4.09 39.41
N VAL B 265 -5.09 4.96 39.44
CA VAL B 265 -3.71 4.47 39.42
C VAL B 265 -3.40 3.68 40.69
N LEU B 266 -3.76 4.24 41.84
CA LEU B 266 -3.51 3.56 43.12
C LEU B 266 -4.24 2.23 43.13
N SER B 267 -5.46 2.21 42.63
CA SER B 267 -6.19 0.98 42.57
C SER B 267 -5.46 -0.20 41.93
N LEU B 268 -4.64 0.04 40.94
CA LEU B 268 -3.90 -1.07 40.36
C LEU B 268 -2.83 -1.64 41.34
N PHE B 269 -2.19 -0.74 42.09
CA PHE B 269 -1.24 -1.16 43.12
C PHE B 269 -1.95 -2.00 44.19
N ARG B 270 -3.12 -1.56 44.62
CA ARG B 270 -3.86 -2.28 45.66
C ARG B 270 -4.22 -3.65 45.18
N ARG B 271 -4.59 -3.76 43.92
CA ARG B 271 -4.85 -5.08 43.33
C ARG B 271 -3.58 -5.95 43.35
N GLY B 272 -2.42 -5.35 43.10
CA GLY B 272 -1.17 -6.07 43.22
C GLY B 272 -0.96 -6.61 44.62
N LEU B 273 -1.21 -5.76 45.62
CA LEU B 273 -1.06 -6.20 46.99
C LEU B 273 -2.00 -7.34 47.31
N ASP B 274 -3.27 -7.21 46.94
CA ASP B 274 -4.28 -8.28 47.15
C ASP B 274 -3.92 -9.60 46.50
N ALA B 275 -3.16 -9.52 45.41
CA ALA B 275 -2.74 -10.72 44.70
C ALA B 275 -1.47 -11.33 45.30
N GLY B 276 -0.88 -10.71 46.31
CA GLY B 276 0.35 -11.20 46.95
C GLY B 276 1.65 -10.71 46.34
N PHE B 277 1.62 -9.58 45.63
CA PHE B 277 2.79 -9.15 44.86
C PHE B 277 3.70 -8.19 45.63
N ALA B 278 3.43 -7.98 46.91
CA ALA B 278 4.12 -6.94 47.70
C ALA B 278 5.65 -6.88 47.54
N GLU B 279 6.30 -8.05 47.47
CA GLU B 279 7.78 -8.10 47.39
C GLU B 279 8.29 -8.16 45.97
N SER B 280 7.40 -8.19 44.97
CA SER B 280 7.82 -8.18 43.57
C SER B 280 7.97 -6.75 43.06
N SER B 281 8.67 -6.61 41.93
CA SER B 281 8.78 -5.29 41.29
C SER B 281 7.49 -4.85 40.59
N PHE B 282 7.45 -3.57 40.30
CA PHE B 282 6.31 -2.91 39.73
C PHE B 282 5.83 -3.59 38.46
N ALA B 283 6.77 -4.09 37.67
CA ALA B 283 6.46 -4.63 36.36
C ALA B 283 5.52 -5.79 36.42
N ARG B 284 5.46 -6.46 37.57
CA ARG B 284 4.61 -7.62 37.71
C ARG B 284 3.11 -7.26 37.62
N LEU B 285 2.78 -6.00 37.84
CA LEU B 285 1.39 -5.54 37.69
C LEU B 285 0.85 -5.77 36.27
N VAL B 286 1.74 -5.93 35.29
CA VAL B 286 1.28 -6.21 33.93
C VAL B 286 0.41 -7.45 33.93
N THR B 287 0.73 -8.43 34.78
CA THR B 287 0.02 -9.72 34.79
C THR B 287 -1.40 -9.55 35.30
N LEU B 288 -1.66 -8.45 35.99
CA LEU B 288 -3.04 -8.10 36.34
C LEU B 288 -3.83 -7.48 35.19
N MET B 289 -3.13 -6.94 34.21
CA MET B 289 -3.77 -6.32 33.05
C MET B 289 -3.83 -7.25 31.82
N ASP B 290 -2.91 -8.23 31.76
CA ASP B 290 -2.85 -9.18 30.64
C ASP B 290 -4.14 -9.86 30.29
N ALA B 291 -4.25 -10.27 29.03
CA ALA B 291 -5.43 -11.02 28.53
C ALA B 291 -5.84 -12.38 29.15
N GLU B 292 -4.99 -13.39 29.03
CA GLU B 292 -5.45 -14.76 29.38
C GLU B 292 -4.36 -15.83 29.20
N SER C 9 39.31 -7.56 -4.86
CA SER C 9 39.92 -6.38 -5.53
C SER C 9 40.67 -5.50 -4.49
N PRO C 10 41.94 -5.14 -4.79
CA PRO C 10 42.83 -4.60 -3.75
C PRO C 10 42.66 -3.10 -3.67
N VAL C 11 42.85 -2.55 -2.48
CA VAL C 11 42.76 -1.12 -2.25
C VAL C 11 43.64 -0.73 -1.11
N THR C 12 44.28 0.44 -1.21
CA THR C 12 45.05 0.94 -0.09
C THR C 12 44.53 2.30 0.38
N LEU C 13 44.65 2.54 1.67
CA LEU C 13 44.11 3.74 2.30
C LEU C 13 45.10 4.31 3.30
N ILE C 14 45.37 5.61 3.18
CA ILE C 14 46.14 6.34 4.18
C ILE C 14 45.33 7.49 4.76
N GLY C 15 45.31 7.54 6.09
CA GLY C 15 44.59 8.56 6.84
C GLY C 15 43.45 7.87 7.54
N LEU C 16 43.56 7.74 8.85
CA LEU C 16 42.58 6.99 9.63
C LEU C 16 41.92 7.86 10.70
N GLY C 17 41.62 9.10 10.38
CA GLY C 17 40.61 9.85 11.17
C GLY C 17 39.23 9.23 10.95
N PRO C 18 38.18 9.88 11.48
CA PRO C 18 36.85 9.27 11.45
C PRO C 18 36.41 8.90 10.04
N MET C 19 36.75 9.77 9.10
CA MET C 19 36.30 9.56 7.76
C MET C 19 36.99 8.35 7.17
N GLY C 20 38.31 8.30 7.31
CA GLY C 20 39.06 7.12 6.88
C GLY C 20 38.59 5.83 7.52
N GLN C 21 38.31 5.86 8.81
CA GLN C 21 37.83 4.63 9.47
C GLN C 21 36.51 4.18 8.89
N ALA C 22 35.57 5.10 8.70
CA ALA C 22 34.29 4.78 8.07
C ALA C 22 34.51 4.27 6.66
N MET C 23 35.43 4.88 5.91
CA MET C 23 35.64 4.42 4.56
C MET C 23 36.21 3.02 4.59
N ALA C 24 37.15 2.80 5.46
CA ALA C 24 37.76 1.46 5.56
C ALA C 24 36.69 0.39 5.80
N GLY C 25 35.78 0.67 6.74
CA GLY C 25 34.75 -0.31 7.13
C GLY C 25 33.81 -0.65 6.00
N ALA C 26 33.41 0.35 5.24
CA ALA C 26 32.56 0.14 4.09
C ALA C 26 33.26 -0.72 3.06
N LEU C 27 34.54 -0.46 2.84
CA LEU C 27 35.29 -1.23 1.85
C LEU C 27 35.46 -2.69 2.27
N LEU C 28 35.80 -2.88 3.54
CA LEU C 28 35.84 -4.23 4.11
C LEU C 28 34.50 -4.98 3.94
N GLU C 29 33.40 -4.38 4.41
CA GLU C 29 32.08 -5.04 4.29
C GLU C 29 31.75 -5.35 2.84
N ALA C 30 32.23 -4.56 1.90
CA ALA C 30 31.94 -4.83 0.48
C ALA C 30 32.87 -5.85 -0.18
N GLY C 31 33.79 -6.44 0.56
CA GLY C 31 34.65 -7.49 0.03
C GLY C 31 35.95 -7.07 -0.66
N TYR C 32 36.41 -5.83 -0.43
CA TYR C 32 37.74 -5.38 -0.92
C TYR C 32 38.87 -5.83 0.00
N GLU C 33 40.02 -6.13 -0.58
CA GLU C 33 41.18 -6.49 0.21
C GLU C 33 41.97 -5.24 0.49
N LEU C 34 41.83 -4.78 1.71
CA LEU C 34 42.27 -3.47 2.09
C LEU C 34 43.66 -3.51 2.71
N THR C 35 44.53 -2.58 2.30
CA THR C 35 45.79 -2.32 3.00
C THR C 35 45.81 -0.88 3.53
N VAL C 36 46.19 -0.73 4.78
CA VAL C 36 46.28 0.59 5.45
C VAL C 36 47.70 0.88 5.99
N TRP C 37 48.04 2.16 6.10
CA TRP C 37 49.21 2.59 6.82
C TRP C 37 48.85 3.78 7.64
N ASN C 38 49.42 3.78 8.81
CA ASN C 38 49.40 4.91 9.68
C ASN C 38 50.73 4.97 10.42
N ARG C 39 51.12 6.18 10.81
CA ARG C 39 52.43 6.41 11.38
C ARG C 39 52.60 5.66 12.72
N THR C 40 51.54 5.58 13.52
CA THR C 40 51.49 4.74 14.75
C THR C 40 50.62 3.52 14.59
N LYS C 41 51.10 2.36 15.03
CA LYS C 41 50.45 1.10 14.70
C LYS C 41 49.07 0.89 15.38
N ALA C 42 48.77 1.67 16.42
CA ALA C 42 47.57 1.39 17.25
C ALA C 42 46.26 1.58 16.50
N LYS C 43 46.12 2.69 15.78
CA LYS C 43 44.86 3.02 15.10
C LYS C 43 44.44 2.00 14.03
N ALA C 44 45.40 1.17 13.61
CA ALA C 44 45.20 0.22 12.53
C ALA C 44 45.00 -1.22 12.97
N GLU C 45 45.48 -1.56 14.18
CA GLU C 45 45.19 -2.86 14.81
C GLU C 45 43.69 -3.13 14.77
N ALA C 46 42.89 -2.10 15.06
CA ALA C 46 41.43 -2.22 15.02
C ALA C 46 40.89 -2.74 13.68
N LEU C 47 41.40 -2.20 12.59
CA LEU C 47 40.98 -2.62 11.25
C LEU C 47 41.61 -3.94 10.85
N ALA C 48 42.82 -4.18 11.34
CA ALA C 48 43.48 -5.46 11.11
C ALA C 48 42.63 -6.58 11.69
N GLU C 49 42.09 -6.37 12.90
CA GLU C 49 41.14 -7.34 13.50
C GLU C 49 40.00 -7.66 12.55
N ARG C 50 39.52 -6.63 11.83
CA ARG C 50 38.43 -6.80 10.83
C ARG C 50 38.86 -7.29 9.46
N GLY C 51 40.14 -7.64 9.31
CA GLY C 51 40.64 -8.22 8.07
C GLY C 51 41.47 -7.32 7.16
N ALA C 52 41.90 -6.17 7.67
CA ALA C 52 42.79 -5.30 6.91
C ALA C 52 44.26 -5.70 7.04
N ALA C 53 45.01 -5.63 5.94
CA ALA C 53 46.46 -5.73 6.02
C ALA C 53 47.02 -4.39 6.48
N VAL C 54 48.02 -4.41 7.36
CA VAL C 54 48.68 -3.15 7.77
C VAL C 54 50.13 -3.12 7.25
N ALA C 55 50.46 -2.07 6.50
CA ALA C 55 51.79 -1.89 5.92
C ALA C 55 52.77 -1.24 6.90
N ASP C 56 54.05 -1.58 6.77
CA ASP C 56 55.10 -1.06 7.63
C ASP C 56 55.55 0.35 7.24
N SER C 57 55.37 0.70 5.97
CA SER C 57 55.75 2.03 5.49
C SER C 57 54.77 2.52 4.43
N PRO C 58 54.80 3.84 4.17
CA PRO C 58 54.00 4.36 3.09
C PRO C 58 54.35 3.73 1.75
N ALA C 59 55.64 3.52 1.50
CA ALA C 59 56.09 2.93 0.22
C ALA C 59 55.49 1.53 0.03
N GLU C 60 55.53 0.73 1.11
CA GLU C 60 54.95 -0.60 1.10
C GLU C 60 53.43 -0.56 0.81
N ALA C 61 52.74 0.39 1.42
CA ALA C 61 51.30 0.58 1.15
C ALA C 61 51.02 0.92 -0.30
N LEU C 62 51.78 1.84 -0.89
CA LEU C 62 51.62 2.13 -2.30
C LEU C 62 51.80 0.90 -3.19
N ARG C 63 52.70 -0.01 -2.78
CA ARG C 63 53.02 -1.18 -3.59
C ARG C 63 52.00 -2.31 -3.51
N ALA C 64 51.10 -2.24 -2.54
CA ALA C 64 50.11 -3.29 -2.36
C ALA C 64 49.30 -3.56 -3.64
N GLY C 65 49.15 -2.56 -4.50
CA GLY C 65 48.64 -2.77 -5.85
C GLY C 65 47.34 -2.05 -6.17
N GLY C 66 46.53 -1.78 -5.17
CA GLY C 66 45.25 -1.15 -5.46
C GLY C 66 45.41 0.33 -5.76
N PRO C 67 44.30 1.02 -6.11
CA PRO C 67 44.27 2.49 -6.07
C PRO C 67 44.56 2.96 -4.66
N VAL C 68 45.17 4.13 -4.54
CA VAL C 68 45.54 4.71 -3.23
C VAL C 68 44.59 5.84 -2.81
N LEU C 69 43.84 5.55 -1.75
CA LEU C 69 42.84 6.48 -1.18
C LEU C 69 43.50 7.30 -0.11
N LEU C 70 43.34 8.61 -0.17
CA LEU C 70 43.87 9.50 0.88
C LEU C 70 42.73 10.22 1.59
N SER C 71 42.78 10.20 2.92
CA SER C 71 41.84 10.93 3.75
C SER C 71 42.62 11.62 4.87
N LEU C 72 43.27 12.72 4.51
CA LEU C 72 44.15 13.47 5.40
C LEU C 72 43.54 14.82 5.80
N THR C 73 44.15 15.49 6.78
CA THR C 73 43.68 16.78 7.32
C THR C 73 43.87 17.91 6.28
N GLU C 74 44.96 17.85 5.50
CA GLU C 74 45.20 18.81 4.38
C GLU C 74 46.16 18.20 3.37
N HIS C 75 46.21 18.78 2.17
CA HIS C 75 47.07 18.23 1.15
C HIS C 75 48.57 18.32 1.44
N ALA C 76 48.98 19.34 2.19
CA ALA C 76 50.38 19.42 2.61
C ALA C 76 50.86 18.10 3.27
N VAL C 77 49.95 17.38 3.93
CA VAL C 77 50.34 16.16 4.66
C VAL C 77 50.81 15.10 3.66
N MET C 78 50.22 15.12 2.49
CA MET C 78 50.56 14.14 1.45
C MET C 78 52.03 14.23 1.09
N TYR C 79 52.57 15.44 0.98
CA TYR C 79 53.96 15.62 0.65
C TYR C 79 54.90 15.09 1.74
N ARG C 80 54.48 15.18 2.99
CA ARG C 80 55.32 14.70 4.10
C ARG C 80 55.28 13.21 4.23
N VAL C 81 54.11 12.61 4.33
CA VAL C 81 54.05 11.16 4.49
C VAL C 81 54.59 10.36 3.30
N LEU C 82 54.46 10.90 2.08
CA LEU C 82 55.00 10.23 0.91
C LEU C 82 56.46 10.63 0.57
N GLU C 83 57.13 11.31 1.48
CA GLU C 83 58.50 11.76 1.31
C GLU C 83 59.39 10.53 1.13
N GLY C 84 60.14 10.44 0.03
CA GLY C 84 60.96 9.26 -0.22
C GLY C 84 60.25 8.03 -0.80
N ALA C 85 58.94 8.07 -1.03
CA ALA C 85 58.23 6.98 -1.75
C ALA C 85 57.87 7.43 -3.14
N GLU C 86 58.45 8.54 -3.61
CA GLU C 86 57.99 9.17 -4.88
C GLU C 86 58.16 8.22 -6.02
N SER C 87 59.21 7.40 -5.96
CA SER C 87 59.51 6.45 -7.05
C SER C 87 58.37 5.46 -7.21
N ASP C 88 57.75 5.09 -6.09
CA ASP C 88 56.64 4.14 -6.09
C ASP C 88 55.30 4.72 -6.59
N LEU C 89 55.26 5.99 -7.03
CA LEU C 89 54.02 6.57 -7.56
C LEU C 89 53.79 6.23 -9.00
N LYS C 90 54.86 5.87 -9.71
CA LYS C 90 54.75 5.64 -11.15
C LYS C 90 53.74 4.55 -11.45
N GLY C 91 52.80 4.82 -12.33
CA GLY C 91 51.73 3.86 -12.65
C GLY C 91 50.64 3.70 -11.59
N ARG C 92 50.75 4.37 -10.44
CA ARG C 92 49.67 4.33 -9.45
C ARG C 92 48.55 5.31 -9.80
N THR C 93 47.44 5.10 -9.12
CA THR C 93 46.32 5.99 -9.16
C THR C 93 46.05 6.51 -7.72
N ILE C 94 46.00 7.82 -7.58
CA ILE C 94 45.69 8.48 -6.29
C ILE C 94 44.29 9.05 -6.34
N LEU C 95 43.51 8.66 -5.35
CA LEU C 95 42.16 9.18 -5.18
C LEU C 95 42.23 9.94 -3.88
N ASN C 96 42.37 11.26 -3.97
CA ASN C 96 42.48 12.09 -2.78
C ASN C 96 41.08 12.56 -2.33
N LEU C 97 40.61 12.00 -1.23
CA LEU C 97 39.24 12.25 -0.76
C LEU C 97 39.15 13.24 0.39
N GLY C 98 40.28 13.82 0.75
CA GLY C 98 40.37 14.91 1.74
C GLY C 98 40.13 16.30 1.15
N SER C 99 39.60 17.19 1.97
CA SER C 99 39.24 18.56 1.58
C SER C 99 40.41 19.48 1.74
N ASP C 100 40.49 20.45 0.85
CA ASP C 100 41.50 21.49 0.92
C ASP C 100 41.13 22.48 -0.19
N THR C 101 41.91 23.53 -0.40
CA THR C 101 41.55 24.50 -1.45
C THR C 101 41.70 23.96 -2.85
N PRO C 102 40.98 24.57 -3.81
CA PRO C 102 41.17 24.22 -5.21
C PRO C 102 42.62 24.39 -5.66
N ALA C 103 43.28 25.49 -5.28
CA ALA C 103 44.68 25.67 -5.64
C ALA C 103 45.55 24.55 -5.08
N ALA C 104 45.35 24.18 -3.82
CA ALA C 104 46.13 23.09 -3.22
C ALA C 104 45.87 21.76 -3.93
N SER C 105 44.64 21.56 -4.35
CA SER C 105 44.28 20.36 -5.07
C SER C 105 44.95 20.30 -6.47
N ARG C 106 44.91 21.41 -7.20
CA ARG C 106 45.57 21.48 -8.49
C ARG C 106 47.10 21.27 -8.38
N ALA C 107 47.72 21.83 -7.35
CA ALA C 107 49.14 21.58 -7.09
C ALA C 107 49.46 20.13 -6.75
N ALA C 108 48.62 19.52 -5.95
CA ALA C 108 48.82 18.09 -5.54
C ALA C 108 48.73 17.17 -6.74
N ALA C 109 47.74 17.42 -7.59
CA ALA C 109 47.56 16.67 -8.80
C ALA C 109 48.76 16.80 -9.74
N ALA C 110 49.19 18.05 -9.98
CA ALA C 110 50.36 18.29 -10.85
C ALA C 110 51.63 17.58 -10.29
N TRP C 111 51.82 17.59 -8.98
CA TRP C 111 52.96 16.92 -8.36
C TRP C 111 52.88 15.40 -8.57
N ALA C 112 51.69 14.85 -8.32
CA ALA C 112 51.48 13.43 -8.47
C ALA C 112 51.68 12.97 -9.91
N GLU C 113 51.08 13.71 -10.87
CA GLU C 113 51.26 13.43 -12.30
C GLU C 113 52.70 13.58 -12.74
N GLY C 114 53.43 14.49 -12.11
CA GLY C 114 54.85 14.65 -12.36
C GLY C 114 55.66 13.42 -12.01
N HIS C 115 55.21 12.65 -11.02
CA HIS C 115 55.85 11.36 -10.66
C HIS C 115 55.20 10.15 -11.30
N GLY C 116 54.41 10.39 -12.34
CA GLY C 116 53.80 9.31 -13.12
C GLY C 116 52.52 8.67 -12.59
N ALA C 117 51.86 9.30 -11.62
CA ALA C 117 50.60 8.79 -11.11
C ALA C 117 49.46 9.46 -11.80
N ARG C 118 48.31 8.81 -11.79
CA ARG C 118 47.08 9.47 -12.16
C ARG C 118 46.40 10.00 -10.88
N TYR C 119 45.60 11.05 -11.01
CA TYR C 119 45.04 11.72 -9.81
C TYR C 119 43.61 12.15 -9.99
N VAL C 120 42.81 11.82 -8.97
CA VAL C 120 41.43 12.18 -8.92
C VAL C 120 41.15 12.81 -7.59
N THR C 121 40.37 13.89 -7.63
CA THR C 121 39.99 14.64 -6.43
C THR C 121 38.58 14.30 -6.07
N GLY C 122 38.37 14.02 -4.79
CA GLY C 122 37.01 13.82 -4.25
C GLY C 122 36.60 14.87 -3.23
N GLY C 123 35.33 15.24 -3.26
CA GLY C 123 34.75 16.11 -2.24
C GLY C 123 33.56 15.45 -1.62
N VAL C 124 33.78 14.91 -0.44
CA VAL C 124 32.84 13.97 0.11
C VAL C 124 31.78 14.69 0.93
N MET C 125 30.54 14.72 0.42
CA MET C 125 29.45 15.46 1.02
C MET C 125 28.65 14.67 2.01
N SER C 126 29.36 14.16 3.01
CA SER C 126 28.74 13.33 4.00
C SER C 126 29.62 13.38 5.21
N PRO C 127 29.02 13.37 6.39
CA PRO C 127 29.80 13.05 7.59
C PRO C 127 30.13 11.56 7.64
N ALA C 128 31.04 11.20 8.54
CA ALA C 128 31.52 9.81 8.60
C ALA C 128 30.39 8.77 8.68
N PRO C 129 29.38 9.01 9.53
CA PRO C 129 28.32 7.99 9.73
C PRO C 129 27.49 7.75 8.48
N GLY C 130 27.53 8.70 7.54
CA GLY C 130 26.79 8.56 6.31
C GLY C 130 27.49 7.72 5.26
N ILE C 131 28.74 7.31 5.51
CA ILE C 131 29.53 6.70 4.44
C ILE C 131 28.97 5.41 3.82
N GLY C 132 28.42 4.51 4.57
CA GLY C 132 27.73 3.37 3.90
C GLY C 132 26.57 3.71 2.95
N SER C 133 25.89 4.82 3.24
CA SER C 133 24.51 5.08 2.79
C SER C 133 24.26 5.35 1.28
N SER C 134 22.98 5.37 0.93
CA SER C 134 22.51 5.62 -0.45
C SER C 134 22.10 7.09 -0.69
N SER C 135 21.89 7.84 0.38
CA SER C 135 21.34 9.19 0.27
C SER C 135 22.40 10.29 0.11
N VAL C 136 23.68 9.92 0.18
CA VAL C 136 24.76 10.91 0.12
C VAL C 136 25.51 10.82 -1.19
N PHE C 137 26.26 11.87 -1.50
CA PHE C 137 27.04 11.89 -2.70
C PHE C 137 28.41 12.57 -2.51
N SER C 138 29.26 12.46 -3.52
CA SER C 138 30.57 13.06 -3.52
C SER C 138 30.86 13.60 -4.89
N PHE C 139 31.54 14.75 -4.95
CA PHE C 139 31.96 15.30 -6.22
C PHE C 139 33.31 14.65 -6.56
N TYR C 140 33.54 14.42 -7.84
CA TYR C 140 34.86 13.99 -8.32
C TYR C 140 35.29 14.82 -9.52
N SER C 141 36.60 15.02 -9.64
CA SER C 141 37.15 15.62 -10.82
C SER C 141 38.61 15.19 -10.96
N GLY C 142 39.22 15.51 -12.10
CA GLY C 142 40.57 15.01 -12.43
C GLY C 142 40.55 13.96 -13.56
N ASP C 143 41.35 12.91 -13.40
CA ASP C 143 41.58 11.92 -14.48
C ASP C 143 40.36 11.06 -14.75
N ARG C 144 39.72 11.27 -15.90
CA ARG C 144 38.44 10.65 -16.25
C ARG C 144 38.51 9.11 -16.28
N ALA C 145 39.54 8.60 -16.93
CA ALA C 145 39.78 7.15 -17.02
C ALA C 145 39.98 6.54 -15.64
N ALA C 146 40.82 7.16 -14.80
CA ALA C 146 41.06 6.64 -13.46
C ALA C 146 39.77 6.67 -12.60
N PHE C 147 38.95 7.69 -12.77
CA PHE C 147 37.67 7.74 -12.08
C PHE C 147 36.80 6.55 -12.51
N GLU C 148 36.66 6.35 -13.81
CA GLU C 148 35.82 5.24 -14.34
C GLU C 148 36.28 3.87 -13.87
N GLU C 149 37.57 3.65 -13.87
CA GLU C 149 38.13 2.36 -13.43
C GLU C 149 37.79 2.08 -11.98
N ASN C 150 37.67 3.14 -11.17
CA ASN C 150 37.41 2.98 -9.74
C ASN C 150 36.01 3.41 -9.32
N LYS C 151 35.15 3.67 -10.28
CA LYS C 151 33.81 4.17 -9.98
C LYS C 151 33.07 3.23 -9.02
N ALA C 152 33.07 1.93 -9.34
CA ALA C 152 32.37 0.93 -8.54
C ALA C 152 32.88 0.92 -7.12
N LEU C 153 34.19 1.02 -6.97
CA LEU C 153 34.81 1.13 -5.65
C LEU C 153 34.34 2.40 -4.89
N LEU C 154 34.31 3.52 -5.60
CA LEU C 154 33.87 4.79 -4.99
C LEU C 154 32.39 4.76 -4.63
N GLU C 155 31.59 4.02 -5.40
CA GLU C 155 30.13 3.93 -5.12
C GLU C 155 29.84 3.12 -3.90
N VAL C 156 30.81 2.36 -3.44
CA VAL C 156 30.71 1.75 -2.14
C VAL C 156 30.59 2.83 -1.05
N LEU C 157 31.31 3.93 -1.24
CA LEU C 157 31.34 5.01 -0.22
C LEU C 157 30.14 5.96 -0.31
N THR C 158 29.89 6.48 -1.50
CA THR C 158 28.77 7.39 -1.71
C THR C 158 28.43 7.31 -3.16
N ALA C 159 27.30 7.87 -3.54
CA ALA C 159 27.03 8.10 -4.95
C ALA C 159 28.10 9.04 -5.47
N THR C 160 28.31 9.02 -6.77
CA THR C 160 29.40 9.78 -7.35
C THR C 160 28.85 10.78 -8.33
N ASP C 161 29.59 11.87 -8.52
CA ASP C 161 29.19 12.89 -9.42
C ASP C 161 30.45 13.53 -9.96
N PHE C 162 30.85 13.04 -11.11
CA PHE C 162 32.07 13.51 -11.76
C PHE C 162 31.78 14.78 -12.54
N ARG C 163 32.64 15.79 -12.33
CA ARG C 163 32.34 17.15 -12.80
C ARG C 163 33.24 17.57 -13.94
N GLY C 164 34.37 16.91 -14.12
CA GLY C 164 35.30 17.30 -15.16
C GLY C 164 36.75 16.92 -14.87
N GLU C 165 37.61 17.28 -15.80
CA GLU C 165 38.99 16.84 -15.75
C GLU C 165 39.88 17.76 -14.95
N ASP C 166 39.43 18.99 -14.74
CA ASP C 166 40.15 19.90 -13.87
C ASP C 166 40.17 19.34 -12.43
N PRO C 167 41.37 19.01 -11.92
CA PRO C 167 41.42 18.39 -10.56
C PRO C 167 41.04 19.31 -9.43
N GLY C 168 40.96 20.60 -9.68
CA GLY C 168 40.46 21.56 -8.66
C GLY C 168 38.95 21.62 -8.55
N LEU C 169 38.26 21.22 -9.62
CA LEU C 169 36.83 21.53 -9.76
C LEU C 169 35.95 20.87 -8.68
N ALA C 170 36.22 19.61 -8.35
CA ALA C 170 35.46 18.95 -7.29
C ALA C 170 35.63 19.64 -5.95
N GLN C 171 36.80 20.24 -5.73
CA GLN C 171 37.01 21.01 -4.49
C GLN C 171 36.34 22.42 -4.53
N VAL C 172 36.23 23.02 -5.71
CA VAL C 172 35.44 24.22 -5.84
C VAL C 172 34.01 23.96 -5.41
N TYR C 173 33.38 22.94 -5.98
CA TYR C 173 32.03 22.58 -5.60
C TYR C 173 31.95 22.30 -4.10
N TYR C 174 32.92 21.53 -3.58
CA TYR C 174 32.85 21.16 -2.20
C TYR C 174 32.91 22.40 -1.27
N GLN C 175 33.89 23.26 -1.51
CA GLN C 175 34.09 24.42 -0.65
C GLN C 175 32.92 25.41 -0.74
N ILE C 176 32.35 25.59 -1.92
CA ILE C 176 31.15 26.39 -2.08
C ILE C 176 30.05 25.89 -1.18
N LEU C 177 29.78 24.58 -1.18
CA LEU C 177 28.70 24.01 -0.37
C LEU C 177 29.01 24.10 1.10
N LEU C 178 30.25 23.89 1.47
CA LEU C 178 30.59 24.03 2.89
C LEU C 178 30.51 25.47 3.40
N ASP C 179 30.75 26.42 2.51
CA ASP C 179 30.64 27.85 2.83
C ASP C 179 29.18 28.18 3.26
N LEU C 180 28.21 27.74 2.46
CA LEU C 180 26.81 27.92 2.79
C LEU C 180 26.45 27.13 4.07
N PHE C 181 26.94 25.90 4.16
CA PHE C 181 26.67 25.05 5.28
C PHE C 181 27.05 25.69 6.62
N TRP C 182 28.31 26.08 6.77
CA TRP C 182 28.78 26.57 8.05
C TRP C 182 28.18 27.97 8.41
N THR C 183 27.98 28.80 7.41
CA THR C 183 27.33 30.08 7.61
C THR C 183 25.88 29.87 8.11
N THR C 184 25.18 28.95 7.49
CA THR C 184 23.82 28.58 7.92
C THR C 184 23.79 28.00 9.34
N MET C 185 24.72 27.10 9.64
CA MET C 185 24.74 26.46 10.94
C MET C 185 25.11 27.39 12.09
N THR C 186 26.06 28.29 11.87
CA THR C 186 26.37 29.27 12.89
C THR C 186 25.17 30.25 13.08
N GLY C 187 24.49 30.63 12.00
CA GLY C 187 23.26 31.40 12.10
C GLY C 187 22.21 30.66 12.91
N TYR C 188 22.08 29.35 12.69
CA TYR C 188 21.14 28.55 13.42
C TYR C 188 21.42 28.56 14.93
N LEU C 189 22.68 28.39 15.29
CA LEU C 189 23.06 28.50 16.68
C LEU C 189 22.76 29.88 17.25
N HIS C 190 22.97 30.93 16.46
CA HIS C 190 22.74 32.26 16.98
C HIS C 190 21.25 32.47 17.20
N ALA C 191 20.43 31.96 16.27
CA ALA C 191 18.98 32.01 16.42
C ALA C 191 18.52 31.28 17.68
N LEU C 192 19.11 30.12 17.94
CA LEU C 192 18.77 29.39 19.13
C LEU C 192 19.18 30.17 20.39
N ALA C 193 20.30 30.87 20.35
CA ALA C 193 20.77 31.64 21.54
C ALA C 193 19.81 32.77 21.86
N VAL C 194 19.24 33.37 20.81
CA VAL C 194 18.22 34.38 21.01
C VAL C 194 16.96 33.76 21.61
N ALA C 195 16.53 32.62 21.09
CA ALA C 195 15.41 31.90 21.67
C ALA C 195 15.62 31.63 23.17
N ARG C 196 16.79 31.11 23.55
CA ARG C 196 17.05 30.79 24.95
C ARG C 196 17.10 32.07 25.82
N ALA C 197 17.64 33.15 25.28
CA ALA C 197 17.72 34.39 26.03
C ALA C 197 16.33 34.98 26.24
N GLU C 198 15.42 34.75 25.29
CA GLU C 198 14.08 35.35 25.37
C GLU C 198 13.05 34.38 25.96
N GLY C 199 13.51 33.24 26.48
CA GLY C 199 12.61 32.28 27.13
C GLY C 199 11.74 31.42 26.21
N VAL C 200 12.02 31.40 24.92
CA VAL C 200 11.34 30.45 24.06
C VAL C 200 12.12 29.11 24.03
N PRO C 201 11.45 28.00 24.42
CA PRO C 201 12.09 26.70 24.45
C PRO C 201 12.57 26.20 23.12
N VAL C 202 13.72 25.51 23.13
CA VAL C 202 14.40 25.06 21.90
C VAL C 202 13.44 24.16 21.14
N GLY C 203 12.75 23.28 21.85
CA GLY C 203 11.79 22.38 21.24
C GLY C 203 10.62 23.10 20.57
N THR C 204 10.27 24.29 21.04
CA THR C 204 9.18 25.04 20.43
C THR C 204 9.62 25.80 19.19
N ILE C 205 10.77 26.47 19.24
CA ILE C 205 11.25 27.25 18.13
C ILE C 205 11.78 26.40 16.95
N THR C 206 12.32 25.21 17.26
CA THR C 206 13.01 24.42 16.24
C THR C 206 12.16 24.12 14.98
N PRO C 207 10.89 23.70 15.14
CA PRO C 207 10.10 23.38 13.93
C PRO C 207 9.90 24.61 13.06
N TYR C 208 9.79 25.77 13.68
CA TYR C 208 9.65 27.02 12.90
C TYR C 208 10.94 27.37 12.12
N LEU C 209 12.09 27.18 12.76
CA LEU C 209 13.38 27.40 12.07
C LEU C 209 13.53 26.44 10.89
N ILE C 210 13.15 25.18 11.11
CA ILE C 210 13.22 24.16 10.04
C ILE C 210 12.26 24.45 8.89
N GLU C 211 11.04 24.85 9.20
CA GLU C 211 9.95 24.88 8.21
C GLU C 211 9.45 26.24 7.80
N GLY C 212 9.77 27.26 8.60
CA GLY C 212 9.13 28.57 8.46
C GLY C 212 9.23 29.15 7.06
N ASN C 213 10.47 29.20 6.58
CA ASN C 213 10.80 29.72 5.29
C ASN C 213 11.36 28.56 4.42
N ASP C 214 10.73 28.34 3.28
CA ASP C 214 11.18 27.33 2.32
C ASP C 214 12.38 27.92 1.56
N MET C 215 13.60 27.56 1.95
CA MET C 215 14.75 28.27 1.40
C MET C 215 15.02 28.00 -0.09
N ALA C 216 14.54 26.86 -0.56
CA ALA C 216 14.68 26.48 -1.98
C ALA C 216 14.12 27.55 -2.89
N MET C 217 12.95 28.05 -2.54
CA MET C 217 12.33 29.12 -3.32
C MET C 217 13.14 30.43 -3.31
N PHE C 218 13.65 30.85 -2.14
CA PHE C 218 14.42 32.09 -2.05
C PHE C 218 15.75 31.96 -2.73
N PHE C 219 16.37 30.78 -2.60
CA PHE C 219 17.61 30.52 -3.36
C PHE C 219 17.41 30.62 -4.85
N GLU C 220 16.40 29.92 -5.35
CA GLU C 220 16.20 29.96 -6.79
C GLU C 220 15.90 31.35 -7.34
N GLY C 221 15.04 32.11 -6.68
CA GLY C 221 14.77 33.51 -7.09
C GLY C 221 16.01 34.39 -7.02
N THR C 222 16.82 34.17 -5.99
CA THR C 222 18.05 34.94 -5.83
C THR C 222 18.98 34.61 -6.97
N SER C 223 19.15 33.31 -7.26
CA SER C 223 20.01 32.91 -8.39
C SER C 223 19.54 33.56 -9.69
N ALA C 224 18.23 33.52 -9.94
CA ALA C 224 17.68 34.08 -11.19
C ALA C 224 18.02 35.57 -11.31
N ALA C 225 17.88 36.29 -10.21
CA ALA C 225 18.20 37.70 -10.21
C ALA C 225 19.69 37.95 -10.43
N VAL C 226 20.54 37.17 -9.80
CA VAL C 226 21.98 37.28 -10.02
C VAL C 226 22.34 36.98 -11.47
N ALA C 227 21.71 35.95 -12.05
CA ALA C 227 21.98 35.59 -13.43
C ALA C 227 21.61 36.76 -14.35
N GLU C 228 20.41 37.30 -14.18
CA GLU C 228 20.02 38.48 -14.97
C GLU C 228 20.88 39.76 -14.81
N GLY C 229 21.49 40.05 -13.66
CA GLY C 229 22.39 41.23 -13.55
C GLY C 229 21.77 42.61 -13.47
N ARG C 230 20.43 42.71 -13.43
CA ARG C 230 19.72 44.04 -13.27
C ARG C 230 19.16 44.48 -11.90
N PHE C 231 18.98 43.54 -10.99
CA PHE C 231 18.50 43.80 -9.63
C PHE C 231 17.42 44.89 -9.35
N PRO C 232 16.28 44.82 -10.03
CA PRO C 232 15.14 45.71 -9.77
C PRO C 232 14.49 45.57 -8.38
N GLY C 233 14.17 46.70 -7.77
CA GLY C 233 13.69 46.75 -6.40
C GLY C 233 12.19 46.73 -6.25
N ASP C 234 11.47 46.16 -7.19
CA ASP C 234 10.01 46.24 -7.08
C ASP C 234 9.41 45.24 -6.05
N GLU C 235 10.02 44.07 -5.90
CA GLU C 235 9.56 43.08 -4.96
C GLU C 235 10.26 43.21 -3.61
N ASP C 236 11.45 43.84 -3.53
CA ASP C 236 12.32 43.78 -2.34
C ASP C 236 13.45 44.80 -2.50
N ARG C 237 13.84 45.53 -1.44
CA ARG C 237 14.81 46.62 -1.57
C ARG C 237 15.82 46.60 -0.45
N ILE C 238 17.05 46.92 -0.77
CA ILE C 238 18.12 46.88 0.21
C ILE C 238 17.90 47.79 1.42
N SER C 239 17.33 48.97 1.20
CA SER C 239 17.05 49.89 2.32
C SER C 239 16.13 49.24 3.35
N MET C 240 15.12 48.54 2.88
CA MET C 240 14.20 47.80 3.77
C MET C 240 14.85 46.53 4.37
N ASP C 241 15.62 45.84 3.57
CA ASP C 241 16.37 44.66 4.07
C ASP C 241 17.37 45.05 5.12
N ALA C 242 18.06 46.16 4.89
CA ALA C 242 19.00 46.69 5.90
C ALA C 242 18.34 47.03 7.24
N ALA C 243 17.20 47.68 7.15
CA ALA C 243 16.44 48.03 8.36
C ALA C 243 16.03 46.74 9.07
N SER C 244 15.61 45.74 8.28
CA SER C 244 15.24 44.45 8.83
C SER C 244 16.40 43.85 9.59
N MET C 245 17.59 43.90 9.00
CA MET C 245 18.77 43.34 9.72
C MET C 245 19.16 44.15 10.97
N GLU C 246 19.01 45.47 10.92
CA GLU C 246 19.21 46.32 12.13
C GLU C 246 18.36 45.85 13.26
N HIS C 247 17.12 45.51 12.98
CA HIS C 247 16.21 45.01 14.05
C HIS C 247 16.68 43.70 14.60
N VAL C 248 17.20 42.81 13.73
CA VAL C 248 17.79 41.54 14.22
C VAL C 248 18.92 41.84 15.18
N VAL C 249 19.84 42.72 14.77
CA VAL C 249 20.97 43.00 15.64
C VAL C 249 20.51 43.64 16.96
N GLN C 250 19.60 44.61 16.87
CA GLN C 250 19.15 45.28 18.10
C GLN C 250 18.44 44.31 19.03
N THR C 251 17.63 43.42 18.46
CA THR C 251 16.93 42.39 19.26
C THR C 251 17.95 41.52 20.01
N SER C 252 19.06 41.19 19.34
CA SER C 252 20.15 40.42 20.00
C SER C 252 20.81 41.20 21.13
N ARG C 253 21.19 42.44 20.83
CA ARG C 253 21.71 43.35 21.85
C ARG C 253 20.79 43.41 23.08
N ASP C 254 19.50 43.74 22.87
CA ASP C 254 18.56 43.86 23.98
C ASP C 254 18.54 42.59 24.80
N ALA C 255 18.69 41.43 24.15
CA ALA C 255 18.61 40.19 24.83
C ALA C 255 19.91 39.82 25.54
N GLY C 256 20.95 40.60 25.32
CA GLY C 256 22.28 40.30 25.86
C GLY C 256 23.03 39.17 25.16
N VAL C 257 22.66 38.80 23.93
CA VAL C 257 23.35 37.68 23.25
C VAL C 257 24.47 38.30 22.44
N ASP C 258 25.53 37.53 22.21
CA ASP C 258 26.66 37.98 21.43
C ASP C 258 26.18 38.44 20.04
N THR C 259 26.68 39.58 19.58
CA THR C 259 26.22 40.19 18.34
C THR C 259 27.24 40.21 17.22
N ALA C 260 28.37 39.53 17.38
CA ALA C 260 29.40 39.52 16.30
C ALA C 260 28.92 38.97 14.95
N LEU C 261 28.20 37.85 14.97
CA LEU C 261 27.75 37.28 13.69
C LEU C 261 26.72 38.18 12.98
N PRO C 262 25.62 38.53 13.65
CA PRO C 262 24.64 39.37 12.97
C PRO C 262 25.20 40.74 12.56
N GLU C 263 26.12 41.30 13.35
CA GLU C 263 26.78 42.52 12.90
C GLU C 263 27.55 42.36 11.61
N ALA C 264 28.19 41.21 11.45
CA ALA C 264 28.94 40.94 10.19
C ALA C 264 28.01 40.83 9.04
N VAL C 265 26.85 40.21 9.26
CA VAL C 265 25.81 40.21 8.24
C VAL C 265 25.27 41.62 7.93
N LEU C 266 24.95 42.39 8.96
CA LEU C 266 24.47 43.79 8.75
C LEU C 266 25.49 44.63 8.03
N SER C 267 26.76 44.47 8.42
CA SER C 267 27.84 45.14 7.68
C SER C 267 27.79 45.02 6.16
N LEU C 268 27.35 43.90 5.61
CA LEU C 268 27.23 43.83 4.14
C LEU C 268 26.16 44.76 3.59
N PHE C 269 25.03 44.81 4.28
CA PHE C 269 23.94 45.68 3.89
C PHE C 269 24.42 47.17 3.95
N ARG C 270 25.13 47.54 5.00
CA ARG C 270 25.63 48.89 5.18
C ARG C 270 26.56 49.26 4.01
N ARG C 271 27.39 48.32 3.59
CA ARG C 271 28.24 48.50 2.40
C ARG C 271 27.42 48.66 1.14
N GLY C 272 26.34 47.90 1.00
CA GLY C 272 25.40 48.12 -0.09
C GLY C 272 24.87 49.55 -0.11
N LEU C 273 24.44 50.05 1.05
CA LEU C 273 23.88 51.41 1.12
C LEU C 273 24.94 52.43 0.69
N ASP C 274 26.16 52.30 1.23
CA ASP C 274 27.26 53.18 0.88
C ASP C 274 27.58 53.17 -0.59
N ALA C 275 27.33 52.04 -1.24
CA ALA C 275 27.63 51.90 -2.67
C ALA C 275 26.50 52.44 -3.53
N GLY C 276 25.39 52.89 -2.91
CA GLY C 276 24.27 53.43 -3.66
C GLY C 276 23.23 52.43 -4.07
N PHE C 277 23.17 51.29 -3.36
CA PHE C 277 22.27 50.19 -3.78
C PHE C 277 20.90 50.22 -3.11
N ALA C 278 20.58 51.28 -2.36
CA ALA C 278 19.34 51.34 -1.55
C ALA C 278 18.06 50.90 -2.26
N GLU C 279 17.90 51.28 -3.54
CA GLU C 279 16.69 50.96 -4.25
C GLU C 279 16.77 49.64 -5.07
N SER C 280 17.91 48.96 -5.02
CA SER C 280 18.06 47.69 -5.73
C SER C 280 17.67 46.53 -4.83
N SER C 281 17.46 45.37 -5.44
CA SER C 281 17.18 44.16 -4.64
C SER C 281 18.43 43.62 -3.93
N PHE C 282 18.15 42.78 -2.95
CA PHE C 282 19.14 42.16 -2.08
C PHE C 282 20.24 41.47 -2.88
N ALA C 283 19.87 40.87 -3.99
CA ALA C 283 20.80 40.08 -4.76
C ALA C 283 21.99 40.88 -5.25
N ARG C 284 21.83 42.18 -5.36
CA ARG C 284 22.89 43.03 -5.88
C ARG C 284 24.10 43.08 -4.98
N LEU C 285 23.90 42.69 -3.71
CA LEU C 285 24.99 42.59 -2.77
C LEU C 285 26.07 41.59 -3.20
N VAL C 286 25.72 40.68 -4.10
CA VAL C 286 26.72 39.75 -4.62
C VAL C 286 27.87 40.52 -5.26
N THR C 287 27.57 41.67 -5.90
CA THR C 287 28.61 42.45 -6.65
C THR C 287 29.59 43.08 -5.72
N LEU C 288 29.22 43.18 -4.46
CA LEU C 288 30.10 43.62 -3.46
C LEU C 288 31.07 42.55 -2.98
N MET C 289 30.71 41.30 -3.20
CA MET C 289 31.55 40.18 -2.78
C MET C 289 32.37 39.66 -3.91
N ASP C 290 31.88 39.85 -5.14
CA ASP C 290 32.51 39.29 -6.33
C ASP C 290 33.98 39.62 -6.43
N ALA C 291 34.71 38.76 -7.13
CA ALA C 291 36.08 39.06 -7.50
C ALA C 291 36.07 40.33 -8.38
N LYS D 8 -47.27 -12.39 23.99
CA LYS D 8 -46.14 -12.71 24.90
C LYS D 8 -44.85 -11.92 24.51
N SER D 9 -43.73 -12.66 24.35
CA SER D 9 -42.42 -12.05 24.34
C SER D 9 -42.08 -11.35 23.00
N PRO D 10 -41.52 -10.13 23.08
CA PRO D 10 -41.31 -9.31 21.88
C PRO D 10 -40.01 -9.66 21.17
N VAL D 11 -39.98 -9.48 19.85
CA VAL D 11 -38.79 -9.72 19.06
C VAL D 11 -38.84 -8.86 17.84
N THR D 12 -37.68 -8.34 17.43
CA THR D 12 -37.63 -7.59 16.18
C THR D 12 -36.66 -8.23 15.19
N LEU D 13 -36.98 -8.11 13.90
CA LEU D 13 -36.25 -8.78 12.85
C LEU D 13 -36.05 -7.87 11.68
N ILE D 14 -34.82 -7.75 11.21
CA ILE D 14 -34.51 -7.02 10.01
C ILE D 14 -33.78 -7.91 9.00
N GLY D 15 -34.31 -7.93 7.78
CA GLY D 15 -33.79 -8.78 6.69
C GLY D 15 -34.80 -9.86 6.36
N LEU D 16 -35.45 -9.73 5.22
CA LEU D 16 -36.55 -10.59 4.85
C LEU D 16 -36.30 -11.34 3.54
N GLY D 17 -35.08 -11.78 3.31
CA GLY D 17 -34.81 -12.79 2.31
C GLY D 17 -35.40 -14.09 2.82
N PRO D 18 -35.14 -15.19 2.09
CA PRO D 18 -35.82 -16.47 2.40
C PRO D 18 -35.61 -16.89 3.86
N MET D 19 -34.42 -16.66 4.35
CA MET D 19 -34.10 -17.11 5.67
C MET D 19 -34.87 -16.27 6.68
N GLY D 20 -34.87 -14.97 6.51
CA GLY D 20 -35.67 -14.10 7.39
C GLY D 20 -37.15 -14.41 7.38
N GLN D 21 -37.70 -14.64 6.18
CA GLN D 21 -39.11 -14.97 6.07
C GLN D 21 -39.42 -16.25 6.85
N ALA D 22 -38.58 -17.28 6.68
CA ALA D 22 -38.75 -18.51 7.44
C ALA D 22 -38.62 -18.27 8.91
N MET D 23 -37.67 -17.44 9.32
CA MET D 23 -37.48 -17.21 10.77
C MET D 23 -38.68 -16.47 11.32
N ALA D 24 -39.16 -15.48 10.56
CA ALA D 24 -40.35 -14.75 11.00
C ALA D 24 -41.58 -15.66 11.21
N GLY D 25 -41.82 -16.56 10.27
CA GLY D 25 -42.94 -17.49 10.37
C GLY D 25 -42.87 -18.41 11.56
N ALA D 26 -41.69 -18.95 11.83
CA ALA D 26 -41.51 -19.78 13.02
C ALA D 26 -41.80 -19.00 14.29
N LEU D 27 -41.32 -17.77 14.36
CA LEU D 27 -41.51 -16.97 15.56
C LEU D 27 -42.99 -16.64 15.77
N LEU D 28 -43.67 -16.27 14.70
CA LEU D 28 -45.12 -16.05 14.75
C LEU D 28 -45.87 -17.31 15.23
N GLU D 29 -45.61 -18.45 14.60
CA GLU D 29 -46.22 -19.73 15.00
C GLU D 29 -45.95 -20.11 16.46
N ALA D 30 -44.79 -19.73 16.99
CA ALA D 30 -44.50 -19.96 18.41
C ALA D 30 -45.06 -18.90 19.40
N GLY D 31 -45.83 -17.93 18.92
CA GLY D 31 -46.52 -16.96 19.78
C GLY D 31 -45.73 -15.67 20.15
N TYR D 32 -44.65 -15.36 19.43
CA TYR D 32 -43.87 -14.14 19.73
C TYR D 32 -44.53 -12.94 19.08
N GLU D 33 -44.38 -11.78 19.72
CA GLU D 33 -44.88 -10.52 19.21
C GLU D 33 -43.78 -9.95 18.35
N LEU D 34 -43.90 -10.12 17.05
CA LEU D 34 -42.83 -9.82 16.13
C LEU D 34 -42.98 -8.43 15.55
N THR D 35 -41.88 -7.68 15.49
CA THR D 35 -41.80 -6.45 14.72
C THR D 35 -40.73 -6.57 13.63
N VAL D 36 -41.07 -6.17 12.40
CA VAL D 36 -40.17 -6.23 11.24
C VAL D 36 -39.99 -4.89 10.58
N TRP D 37 -38.86 -4.70 9.92
CA TRP D 37 -38.65 -3.55 9.06
C TRP D 37 -37.92 -4.03 7.80
N ASN D 38 -38.27 -3.44 6.66
CA ASN D 38 -37.61 -3.72 5.37
C ASN D 38 -37.61 -2.48 4.49
N ARG D 39 -36.64 -2.40 3.57
CA ARG D 39 -36.47 -1.24 2.66
C ARG D 39 -37.69 -1.02 1.75
N THR D 40 -38.25 -2.10 1.23
CA THR D 40 -39.47 -2.06 0.42
C THR D 40 -40.66 -2.65 1.16
N LYS D 41 -41.79 -1.96 1.13
CA LYS D 41 -42.93 -2.32 1.99
C LYS D 41 -43.63 -3.66 1.68
N ALA D 42 -43.42 -4.16 0.45
CA ALA D 42 -44.20 -5.28 -0.05
C ALA D 42 -43.93 -6.56 0.72
N LYS D 43 -42.65 -6.88 0.93
CA LYS D 43 -42.26 -8.14 1.56
C LYS D 43 -42.75 -8.32 3.00
N ALA D 44 -43.15 -7.21 3.61
CA ALA D 44 -43.60 -7.22 5.00
C ALA D 44 -45.12 -7.25 5.18
N GLU D 45 -45.86 -6.72 4.19
CA GLU D 45 -47.30 -6.83 4.19
C GLU D 45 -47.72 -8.28 4.40
N ALA D 46 -47.03 -9.21 3.73
CA ALA D 46 -47.31 -10.64 3.89
C ALA D 46 -47.26 -11.10 5.36
N LEU D 47 -46.25 -10.66 6.10
CA LEU D 47 -46.09 -11.03 7.51
C LEU D 47 -47.02 -10.25 8.40
N ALA D 48 -47.32 -9.01 7.99
CA ALA D 48 -48.33 -8.21 8.70
C ALA D 48 -49.70 -8.89 8.67
N GLU D 49 -50.09 -9.43 7.49
CA GLU D 49 -51.33 -10.25 7.38
C GLU D 49 -51.34 -11.38 8.42
N ARG D 50 -50.18 -12.00 8.68
CA ARG D 50 -50.05 -13.06 9.69
C ARG D 50 -49.83 -12.59 11.12
N GLY D 51 -49.91 -11.28 11.35
CA GLY D 51 -49.85 -10.72 12.71
C GLY D 51 -48.57 -10.00 13.11
N ALA D 52 -47.71 -9.71 12.16
CA ALA D 52 -46.48 -8.97 12.46
C ALA D 52 -46.72 -7.48 12.46
N ALA D 53 -46.12 -6.76 13.42
CA ALA D 53 -46.09 -5.31 13.35
C ALA D 53 -45.03 -4.92 12.36
N VAL D 54 -45.30 -3.94 11.52
CA VAL D 54 -44.33 -3.41 10.59
C VAL D 54 -43.89 -2.02 11.06
N ALA D 55 -42.59 -1.82 11.28
CA ALA D 55 -42.07 -0.54 11.71
C ALA D 55 -41.81 0.37 10.53
N ASP D 56 -41.93 1.66 10.77
CA ASP D 56 -41.74 2.66 9.73
C ASP D 56 -40.24 2.95 9.46
N SER D 57 -39.41 2.73 10.48
CA SER D 57 -37.98 2.95 10.33
C SER D 57 -37.19 1.92 11.09
N PRO D 58 -35.87 1.80 10.77
CA PRO D 58 -35.02 0.95 11.56
C PRO D 58 -34.93 1.36 13.03
N ALA D 59 -34.88 2.65 13.30
CA ALA D 59 -34.87 3.16 14.68
C ALA D 59 -36.09 2.71 15.47
N GLU D 60 -37.25 2.83 14.84
CA GLU D 60 -38.51 2.40 15.46
C GLU D 60 -38.50 0.89 15.76
N ALA D 61 -38.01 0.11 14.81
CA ALA D 61 -37.87 -1.35 15.01
C ALA D 61 -36.97 -1.70 16.19
N LEU D 62 -35.82 -1.04 16.30
CA LEU D 62 -34.94 -1.25 17.47
C LEU D 62 -35.65 -0.95 18.78
N ARG D 63 -36.53 0.03 18.77
CA ARG D 63 -37.18 0.46 20.01
C ARG D 63 -38.28 -0.48 20.47
N ALA D 64 -38.75 -1.38 19.60
CA ALA D 64 -39.91 -2.20 19.92
C ALA D 64 -39.73 -2.96 21.21
N GLY D 65 -38.49 -3.24 21.57
CA GLY D 65 -38.17 -3.74 22.88
C GLY D 65 -37.59 -5.14 22.95
N GLY D 66 -37.86 -5.95 21.94
CA GLY D 66 -37.23 -7.27 21.92
C GLY D 66 -35.73 -7.26 21.55
N PRO D 67 -35.07 -8.42 21.60
CA PRO D 67 -33.79 -8.58 20.94
C PRO D 67 -33.95 -8.30 19.48
N VAL D 68 -32.88 -7.83 18.84
CA VAL D 68 -32.87 -7.54 17.39
C VAL D 68 -32.11 -8.63 16.57
N LEU D 69 -32.88 -9.35 15.77
CA LEU D 69 -32.39 -10.39 14.88
C LEU D 69 -32.04 -9.77 13.56
N LEU D 70 -30.87 -10.09 13.05
CA LEU D 70 -30.47 -9.66 11.69
C LEU D 70 -30.25 -10.86 10.80
N SER D 71 -30.85 -10.82 9.62
CA SER D 71 -30.65 -11.83 8.59
C SER D 71 -30.42 -11.12 7.26
N LEU D 72 -29.22 -10.58 7.11
CA LEU D 72 -28.86 -9.76 5.95
C LEU D 72 -27.89 -10.52 5.04
N THR D 73 -27.68 -9.96 3.85
CA THR D 73 -26.82 -10.60 2.82
C THR D 73 -25.37 -10.58 3.25
N GLU D 74 -24.96 -9.49 3.91
CA GLU D 74 -23.60 -9.34 4.45
C GLU D 74 -23.61 -8.33 5.59
N HIS D 75 -22.56 -8.31 6.39
CA HIS D 75 -22.52 -7.39 7.52
C HIS D 75 -22.43 -5.92 7.15
N ALA D 76 -21.85 -5.62 6.01
CA ALA D 76 -21.80 -4.23 5.54
C ALA D 76 -23.19 -3.61 5.50
N VAL D 77 -24.21 -4.42 5.24
CA VAL D 77 -25.58 -3.92 5.13
C VAL D 77 -26.02 -3.37 6.48
N MET D 78 -25.55 -3.99 7.56
CA MET D 78 -25.92 -3.55 8.89
C MET D 78 -25.56 -2.10 9.13
N TYR D 79 -24.38 -1.70 8.70
CA TYR D 79 -23.94 -0.32 8.88
C TYR D 79 -24.84 0.69 8.12
N ARG D 80 -25.35 0.27 6.98
CA ARG D 80 -26.15 1.19 6.17
C ARG D 80 -27.54 1.32 6.73
N VAL D 81 -28.22 0.20 6.92
CA VAL D 81 -29.60 0.28 7.39
C VAL D 81 -29.72 0.87 8.77
N LEU D 82 -28.71 0.70 9.62
CA LEU D 82 -28.75 1.30 10.96
C LEU D 82 -28.13 2.68 11.07
N GLU D 83 -27.85 3.31 9.94
CA GLU D 83 -27.17 4.60 9.91
C GLU D 83 -27.83 5.71 10.73
N GLY D 84 -29.14 5.82 10.66
CA GLY D 84 -29.83 6.86 11.45
C GLY D 84 -29.96 6.56 12.94
N ALA D 85 -29.66 5.33 13.35
CA ALA D 85 -30.24 4.78 14.56
C ALA D 85 -29.25 4.37 15.61
N GLU D 86 -28.03 4.88 15.54
CA GLU D 86 -26.96 4.45 16.44
C GLU D 86 -27.26 4.70 17.89
N SER D 87 -27.91 5.83 18.17
CA SER D 87 -28.25 6.21 19.54
C SER D 87 -29.24 5.20 20.18
N ASP D 88 -30.10 4.63 19.35
CA ASP D 88 -31.04 3.61 19.81
C ASP D 88 -30.43 2.21 20.07
N LEU D 89 -29.12 2.03 19.87
CA LEU D 89 -28.47 0.73 20.12
C LEU D 89 -28.12 0.53 21.58
N LYS D 90 -28.04 1.62 22.32
CA LYS D 90 -27.69 1.54 23.73
C LYS D 90 -28.66 0.64 24.47
N GLY D 91 -28.12 -0.35 25.19
CA GLY D 91 -28.94 -1.28 25.92
C GLY D 91 -29.65 -2.36 25.10
N ARG D 92 -29.52 -2.33 23.76
CA ARG D 92 -30.09 -3.39 22.94
C ARG D 92 -29.18 -4.60 22.83
N THR D 93 -29.78 -5.68 22.34
CA THR D 93 -29.08 -6.91 22.07
C THR D 93 -29.28 -7.24 20.61
N ILE D 94 -28.16 -7.42 19.93
CA ILE D 94 -28.15 -7.82 18.54
C ILE D 94 -27.78 -9.28 18.42
N LEU D 95 -28.62 -10.04 17.72
CA LEU D 95 -28.37 -11.42 17.38
C LEU D 95 -28.23 -11.45 15.88
N ASN D 96 -27.01 -11.44 15.41
CA ASN D 96 -26.72 -11.43 13.96
C ASN D 96 -26.64 -12.86 13.42
N LEU D 97 -27.67 -13.28 12.69
CA LEU D 97 -27.78 -14.64 12.23
C LEU D 97 -27.37 -14.82 10.76
N GLY D 98 -26.88 -13.74 10.16
CA GLY D 98 -26.40 -13.77 8.79
C GLY D 98 -24.93 -14.13 8.70
N SER D 99 -24.57 -14.71 7.58
CA SER D 99 -23.24 -15.27 7.38
C SER D 99 -22.36 -14.24 6.74
N ASP D 100 -21.11 -14.21 7.17
CA ASP D 100 -20.10 -13.36 6.58
C ASP D 100 -18.75 -13.88 7.13
N THR D 101 -17.66 -13.21 6.84
CA THR D 101 -16.36 -13.64 7.37
C THR D 101 -16.20 -13.43 8.88
N PRO D 102 -15.30 -14.21 9.50
CA PRO D 102 -15.01 -14.00 10.91
C PRO D 102 -14.53 -12.59 11.18
N ALA D 103 -13.67 -12.04 10.30
CA ALA D 103 -13.19 -10.69 10.51
C ALA D 103 -14.37 -9.68 10.46
N ALA D 104 -15.28 -9.87 9.51
CA ALA D 104 -16.43 -8.99 9.44
C ALA D 104 -17.29 -9.10 10.66
N SER D 105 -17.46 -10.32 11.17
CA SER D 105 -18.25 -10.55 12.37
C SER D 105 -17.63 -9.90 13.61
N ARG D 106 -16.32 -10.01 13.75
CA ARG D 106 -15.64 -9.34 14.87
C ARG D 106 -15.80 -7.83 14.80
N ALA D 107 -15.66 -7.27 13.61
CA ALA D 107 -15.81 -5.83 13.45
C ALA D 107 -17.22 -5.35 13.80
N ALA D 108 -18.20 -6.12 13.37
CA ALA D 108 -19.58 -5.78 13.57
C ALA D 108 -19.90 -5.79 15.07
N ALA D 109 -19.39 -6.78 15.77
CA ALA D 109 -19.56 -6.85 17.20
C ALA D 109 -18.92 -5.68 17.89
N ALA D 110 -17.69 -5.35 17.51
CA ALA D 110 -16.98 -4.20 18.15
C ALA D 110 -17.73 -2.88 17.93
N TRP D 111 -18.29 -2.73 16.75
CA TRP D 111 -19.03 -1.52 16.44
C TRP D 111 -20.28 -1.41 17.30
N ALA D 112 -20.99 -2.53 17.37
CA ALA D 112 -22.22 -2.57 18.15
C ALA D 112 -21.95 -2.30 19.61
N GLU D 113 -20.95 -2.94 20.17
CA GLU D 113 -20.58 -2.75 21.55
C GLU D 113 -20.13 -1.30 21.80
N GLY D 114 -19.50 -0.70 20.80
CA GLY D 114 -19.10 0.69 20.89
C GLY D 114 -20.27 1.65 21.02
N HIS D 115 -21.44 1.26 20.48
CA HIS D 115 -22.66 2.01 20.69
C HIS D 115 -23.54 1.48 21.85
N GLY D 116 -22.95 0.70 22.77
CA GLY D 116 -23.65 0.25 23.95
C GLY D 116 -24.60 -0.96 23.81
N ALA D 117 -24.50 -1.71 22.72
CA ALA D 117 -25.30 -2.93 22.54
C ALA D 117 -24.50 -4.16 22.92
N ARG D 118 -25.22 -5.25 23.21
CA ARG D 118 -24.57 -6.56 23.32
C ARG D 118 -24.72 -7.23 21.96
N TYR D 119 -23.84 -8.16 21.67
CA TYR D 119 -23.84 -8.81 20.35
C TYR D 119 -23.54 -10.31 20.42
N VAL D 120 -24.30 -11.07 19.65
CA VAL D 120 -24.13 -12.49 19.51
C VAL D 120 -24.18 -12.83 18.03
N THR D 121 -23.28 -13.72 17.62
CA THR D 121 -23.17 -14.20 16.26
C THR D 121 -23.79 -15.58 16.17
N GLY D 122 -24.61 -15.77 15.15
CA GLY D 122 -25.17 -17.06 14.78
C GLY D 122 -24.68 -17.59 13.41
N GLY D 123 -24.43 -18.89 13.34
CA GLY D 123 -24.16 -19.57 12.07
C GLY D 123 -25.19 -20.68 11.86
N VAL D 124 -26.18 -20.39 11.04
CA VAL D 124 -27.35 -21.19 10.95
C VAL D 124 -27.14 -22.33 9.93
N MET D 125 -27.01 -23.55 10.43
CA MET D 125 -26.72 -24.72 9.62
C MET D 125 -27.95 -25.39 9.08
N SER D 126 -28.78 -24.61 8.42
CA SER D 126 -30.00 -25.10 7.84
C SER D 126 -30.37 -24.21 6.68
N PRO D 127 -30.94 -24.79 5.62
CA PRO D 127 -31.59 -23.96 4.61
C PRO D 127 -32.91 -23.45 5.15
N ALA D 128 -33.48 -22.47 4.47
CA ALA D 128 -34.71 -21.82 4.95
C ALA D 128 -35.81 -22.80 5.34
N PRO D 129 -36.10 -23.80 4.49
CA PRO D 129 -37.20 -24.72 4.78
C PRO D 129 -36.99 -25.54 6.02
N GLY D 130 -35.74 -25.65 6.46
CA GLY D 130 -35.44 -26.42 7.67
C GLY D 130 -35.64 -25.65 8.94
N ILE D 131 -35.90 -24.35 8.84
CA ILE D 131 -36.00 -23.53 10.06
C ILE D 131 -37.23 -23.97 10.76
N GLY D 132 -37.23 -24.29 12.04
CA GLY D 132 -38.42 -24.75 12.62
C GLY D 132 -38.32 -26.22 12.92
N SER D 133 -37.62 -27.00 12.07
CA SER D 133 -37.39 -28.45 12.26
C SER D 133 -36.54 -28.84 13.48
N SER D 134 -36.52 -30.15 13.74
CA SER D 134 -35.85 -30.74 14.92
C SER D 134 -34.45 -31.27 14.60
N SER D 135 -34.18 -31.47 13.32
CA SER D 135 -32.95 -32.13 12.92
C SER D 135 -31.78 -31.16 12.68
N VAL D 136 -32.02 -29.85 12.75
CA VAL D 136 -30.97 -28.87 12.42
C VAL D 136 -30.41 -28.15 13.66
N PHE D 137 -29.25 -27.52 13.50
CA PHE D 137 -28.66 -26.74 14.57
C PHE D 137 -27.99 -25.45 14.07
N SER D 138 -27.58 -24.60 15.01
CA SER D 138 -26.84 -23.36 14.69
C SER D 138 -25.74 -23.17 15.69
N PHE D 139 -24.62 -22.62 15.24
CA PHE D 139 -23.54 -22.25 16.14
C PHE D 139 -23.85 -20.83 16.69
N TYR D 140 -23.45 -20.57 17.93
CA TYR D 140 -23.52 -19.22 18.49
C TYR D 140 -22.20 -18.90 19.19
N SER D 141 -21.83 -17.62 19.16
CA SER D 141 -20.71 -17.13 19.93
C SER D 141 -20.90 -15.63 20.20
N GLY D 142 -20.10 -15.06 21.09
CA GLY D 142 -20.25 -13.65 21.50
C GLY D 142 -20.73 -13.58 22.96
N ASP D 143 -21.67 -12.67 23.25
CA ASP D 143 -22.04 -12.35 24.62
C ASP D 143 -22.86 -13.43 25.30
N ARG D 144 -22.27 -14.05 26.30
CA ARG D 144 -22.83 -15.25 26.92
C ARG D 144 -24.18 -15.05 27.57
N ALA D 145 -24.26 -13.99 28.35
CA ALA D 145 -25.48 -13.60 29.01
C ALA D 145 -26.58 -13.34 28.02
N ALA D 146 -26.27 -12.59 26.97
CA ALA D 146 -27.28 -12.28 25.98
C ALA D 146 -27.75 -13.56 25.26
N PHE D 147 -26.83 -14.49 25.01
CA PHE D 147 -27.22 -15.75 24.41
C PHE D 147 -28.22 -16.48 25.34
N GLU D 148 -27.89 -16.61 26.62
CA GLU D 148 -28.77 -17.30 27.59
C GLU D 148 -30.15 -16.70 27.69
N GLU D 149 -30.21 -15.37 27.72
CA GLU D 149 -31.49 -14.67 27.81
C GLU D 149 -32.38 -14.95 26.63
N ASN D 150 -31.78 -15.20 25.47
CA ASN D 150 -32.52 -15.45 24.28
C ASN D 150 -32.43 -16.89 23.76
N LYS D 151 -31.89 -17.79 24.55
CA LYS D 151 -31.75 -19.17 24.14
C LYS D 151 -33.08 -19.82 23.70
N ALA D 152 -34.10 -19.70 24.53
CA ALA D 152 -35.43 -20.26 24.21
C ALA D 152 -35.99 -19.74 22.91
N LEU D 153 -35.83 -18.44 22.67
CA LEU D 153 -36.25 -17.85 21.42
C LEU D 153 -35.47 -18.48 20.25
N LEU D 154 -34.16 -18.65 20.42
CA LEU D 154 -33.32 -19.17 19.33
C LEU D 154 -33.65 -20.65 19.05
N GLU D 155 -34.08 -21.39 20.09
CA GLU D 155 -34.43 -22.82 19.97
C GLU D 155 -35.73 -23.01 19.19
N VAL D 156 -36.51 -21.95 19.03
CA VAL D 156 -37.64 -21.95 18.11
C VAL D 156 -37.15 -22.16 16.66
N LEU D 157 -36.01 -21.58 16.34
CA LEU D 157 -35.46 -21.65 14.97
C LEU D 157 -34.70 -22.98 14.72
N THR D 158 -33.75 -23.30 15.58
CA THR D 158 -32.95 -24.50 15.44
C THR D 158 -32.45 -24.86 16.82
N ALA D 159 -31.90 -26.06 16.99
CA ALA D 159 -31.10 -26.35 18.17
C ALA D 159 -29.90 -25.40 18.21
N THR D 160 -29.33 -25.20 19.42
CA THR D 160 -28.31 -24.22 19.61
C THR D 160 -27.05 -24.87 20.05
N ASP D 161 -25.92 -24.25 19.73
CA ASP D 161 -24.62 -24.76 20.15
C ASP D 161 -23.66 -23.58 20.35
N PHE D 162 -23.56 -23.11 21.59
CA PHE D 162 -22.75 -21.94 21.93
C PHE D 162 -21.31 -22.38 22.10
N ARG D 163 -20.40 -21.68 21.43
CA ARG D 163 -19.01 -22.09 21.30
C ARG D 163 -18.05 -21.23 22.10
N GLY D 164 -18.45 -20.04 22.53
CA GLY D 164 -17.54 -19.15 23.24
C GLY D 164 -17.89 -17.66 23.10
N GLU D 165 -17.09 -16.84 23.74
CA GLU D 165 -17.33 -15.42 23.79
C GLU D 165 -16.77 -14.64 22.58
N ASP D 166 -15.81 -15.21 21.85
CA ASP D 166 -15.25 -14.60 20.63
C ASP D 166 -16.34 -14.51 19.54
N PRO D 167 -16.77 -13.29 19.19
CA PRO D 167 -17.91 -13.14 18.28
C PRO D 167 -17.60 -13.59 16.85
N GLY D 168 -16.34 -13.81 16.54
CA GLY D 168 -15.99 -14.43 15.26
C GLY D 168 -16.15 -15.95 15.20
N LEU D 169 -16.13 -16.61 16.35
CA LEU D 169 -15.93 -18.06 16.41
C LEU D 169 -17.05 -18.84 15.76
N ALA D 170 -18.30 -18.45 16.00
CA ALA D 170 -19.41 -19.16 15.37
C ALA D 170 -19.34 -19.08 13.84
N GLN D 171 -18.77 -17.99 13.32
CA GLN D 171 -18.62 -17.86 11.88
C GLN D 171 -17.45 -18.68 11.35
N VAL D 172 -16.40 -18.84 12.16
CA VAL D 172 -15.32 -19.75 11.81
C VAL D 172 -15.91 -21.15 11.59
N TYR D 173 -16.69 -21.64 12.56
CA TYR D 173 -17.28 -22.96 12.44
C TYR D 173 -18.15 -23.02 11.20
N TYR D 174 -18.99 -22.00 11.00
CA TYR D 174 -19.94 -22.01 9.91
C TYR D 174 -19.22 -22.11 8.57
N GLN D 175 -18.22 -21.28 8.39
CA GLN D 175 -17.52 -21.22 7.12
C GLN D 175 -16.70 -22.51 6.84
N ILE D 176 -16.10 -23.09 7.88
CA ILE D 176 -15.39 -24.35 7.75
C ILE D 176 -16.32 -25.41 7.24
N LEU D 177 -17.51 -25.50 7.83
CA LEU D 177 -18.47 -26.50 7.37
C LEU D 177 -19.01 -26.23 5.98
N LEU D 178 -19.22 -24.98 5.64
CA LEU D 178 -19.73 -24.69 4.29
C LEU D 178 -18.66 -24.98 3.23
N ASP D 179 -17.39 -24.84 3.61
CA ASP D 179 -16.29 -25.15 2.75
C ASP D 179 -16.34 -26.64 2.32
N LEU D 180 -16.49 -27.53 3.28
CA LEU D 180 -16.65 -28.95 2.98
C LEU D 180 -17.93 -29.21 2.19
N PHE D 181 -19.02 -28.59 2.63
CA PHE D 181 -20.30 -28.78 2.01
C PHE D 181 -20.31 -28.50 0.50
N TRP D 182 -19.84 -27.32 0.10
CA TRP D 182 -19.91 -26.94 -1.30
C TRP D 182 -18.90 -27.73 -2.17
N THR D 183 -17.73 -28.00 -1.63
CA THR D 183 -16.76 -28.79 -2.30
C THR D 183 -17.32 -30.24 -2.57
N THR D 184 -17.97 -30.82 -1.58
CA THR D 184 -18.62 -32.07 -1.73
C THR D 184 -19.75 -32.03 -2.75
N MET D 185 -20.61 -31.01 -2.68
CA MET D 185 -21.75 -30.93 -3.57
C MET D 185 -21.34 -30.72 -5.02
N THR D 186 -20.33 -29.92 -5.26
CA THR D 186 -19.89 -29.74 -6.63
C THR D 186 -19.24 -31.04 -7.16
N GLY D 187 -18.50 -31.75 -6.33
CA GLY D 187 -18.00 -33.06 -6.69
C GLY D 187 -19.13 -34.01 -7.04
N TYR D 188 -20.22 -33.97 -6.28
CA TYR D 188 -21.37 -34.81 -6.53
C TYR D 188 -21.99 -34.51 -7.91
N LEU D 189 -22.15 -33.23 -8.23
CA LEU D 189 -22.62 -32.84 -9.54
C LEU D 189 -21.68 -33.35 -10.65
N HIS D 190 -20.39 -33.30 -10.41
CA HIS D 190 -19.47 -33.70 -11.43
C HIS D 190 -19.61 -35.21 -11.66
N ALA D 191 -19.73 -35.95 -10.58
CA ALA D 191 -19.91 -37.37 -10.65
C ALA D 191 -21.17 -37.72 -11.45
N LEU D 192 -22.23 -36.98 -11.19
CA LEU D 192 -23.45 -37.21 -11.94
C LEU D 192 -23.28 -36.93 -13.45
N ALA D 193 -22.50 -35.91 -13.79
CA ALA D 193 -22.28 -35.55 -15.18
C ALA D 193 -21.55 -36.67 -15.91
N VAL D 194 -20.62 -37.29 -15.21
CA VAL D 194 -19.92 -38.42 -15.79
C VAL D 194 -20.91 -39.57 -15.98
N ALA D 195 -21.74 -39.84 -14.98
CA ALA D 195 -22.77 -40.89 -15.12
C ALA D 195 -23.64 -40.66 -16.35
N ARG D 196 -24.13 -39.43 -16.52
CA ARG D 196 -24.98 -39.11 -17.67
C ARG D 196 -24.22 -39.28 -19.01
N ALA D 197 -22.93 -38.92 -19.03
CA ALA D 197 -22.13 -38.98 -20.23
C ALA D 197 -21.86 -40.42 -20.61
N GLU D 198 -21.74 -41.28 -19.61
CA GLU D 198 -21.44 -42.66 -19.86
C GLU D 198 -22.70 -43.56 -19.94
N GLY D 199 -23.89 -42.97 -19.95
CA GLY D 199 -25.12 -43.74 -20.07
C GLY D 199 -25.59 -44.48 -18.82
N VAL D 200 -25.06 -44.16 -17.64
CA VAL D 200 -25.59 -44.72 -16.40
C VAL D 200 -26.64 -43.77 -15.87
N PRO D 201 -27.88 -44.25 -15.74
CA PRO D 201 -28.98 -43.43 -15.23
C PRO D 201 -28.74 -42.87 -13.83
N VAL D 202 -29.22 -41.65 -13.61
CA VAL D 202 -29.04 -40.95 -12.34
C VAL D 202 -29.64 -41.78 -11.19
N GLY D 203 -30.83 -42.32 -11.42
CA GLY D 203 -31.47 -43.19 -10.41
C GLY D 203 -30.66 -44.42 -10.04
N THR D 204 -29.85 -44.91 -10.96
CA THR D 204 -29.06 -46.11 -10.68
C THR D 204 -27.82 -45.79 -9.92
N ILE D 205 -27.13 -44.74 -10.31
CA ILE D 205 -25.85 -44.41 -9.68
C ILE D 205 -26.05 -43.80 -8.27
N THR D 206 -27.16 -43.10 -8.06
CA THR D 206 -27.32 -42.27 -6.86
C THR D 206 -27.11 -43.05 -5.56
N PRO D 207 -27.72 -44.26 -5.46
CA PRO D 207 -27.55 -45.01 -4.18
C PRO D 207 -26.09 -45.37 -3.93
N TYR D 208 -25.34 -45.64 -5.00
CA TYR D 208 -23.91 -45.94 -4.84
C TYR D 208 -23.10 -44.72 -4.35
N LEU D 209 -23.44 -43.53 -4.84
CA LEU D 209 -22.78 -42.30 -4.41
C LEU D 209 -23.08 -42.03 -2.95
N ILE D 210 -24.34 -42.22 -2.58
CA ILE D 210 -24.78 -42.05 -1.19
C ILE D 210 -24.17 -43.08 -0.22
N GLU D 211 -24.10 -44.35 -0.61
CA GLU D 211 -23.71 -45.41 0.35
C GLU D 211 -22.36 -46.04 0.14
N GLY D 212 -21.74 -45.83 -1.02
CA GLY D 212 -20.57 -46.64 -1.42
C GLY D 212 -19.40 -46.67 -0.43
N ASN D 213 -18.96 -45.49 -0.02
CA ASN D 213 -17.84 -45.34 0.94
C ASN D 213 -18.36 -44.69 2.20
N ASP D 214 -18.05 -45.29 3.35
CA ASP D 214 -18.40 -44.73 4.66
C ASP D 214 -17.42 -43.63 5.02
N MET D 215 -17.77 -42.37 4.77
CA MET D 215 -16.77 -41.29 4.87
C MET D 215 -16.35 -41.04 6.29
N ALA D 216 -17.23 -41.34 7.25
CA ALA D 216 -16.92 -41.13 8.67
C ALA D 216 -15.59 -41.75 9.04
N MET D 217 -15.38 -42.98 8.58
CA MET D 217 -14.17 -43.71 8.89
C MET D 217 -12.95 -43.04 8.29
N PHE D 218 -13.06 -42.61 7.02
CA PHE D 218 -11.91 -41.98 6.36
C PHE D 218 -11.61 -40.62 7.00
N PHE D 219 -12.67 -39.90 7.35
CA PHE D 219 -12.49 -38.59 8.01
C PHE D 219 -11.76 -38.74 9.33
N GLU D 220 -12.21 -39.67 10.16
CA GLU D 220 -11.60 -39.86 11.50
C GLU D 220 -10.14 -40.17 11.37
N GLY D 221 -9.80 -41.09 10.47
CA GLY D 221 -8.39 -41.48 10.28
C GLY D 221 -7.54 -40.38 9.69
N THR D 222 -8.12 -39.60 8.78
CA THR D 222 -7.44 -38.43 8.25
C THR D 222 -7.20 -37.40 9.35
N SER D 223 -8.22 -37.10 10.15
CA SER D 223 -8.03 -36.12 11.26
C SER D 223 -6.93 -36.58 12.24
N ALA D 224 -6.99 -37.85 12.63
CA ALA D 224 -5.99 -38.38 13.56
C ALA D 224 -4.60 -38.17 13.01
N ALA D 225 -4.43 -38.49 11.74
CA ALA D 225 -3.11 -38.38 11.11
C ALA D 225 -2.63 -36.96 11.07
N VAL D 226 -3.55 -36.03 10.76
CA VAL D 226 -3.20 -34.60 10.74
C VAL D 226 -2.86 -34.11 12.16
N ALA D 227 -3.62 -34.56 13.16
CA ALA D 227 -3.30 -34.22 14.56
C ALA D 227 -1.91 -34.71 14.97
N GLU D 228 -1.61 -35.99 14.72
CA GLU D 228 -0.25 -36.48 14.89
C GLU D 228 0.95 -35.65 14.44
N GLY D 229 1.01 -35.28 13.19
CA GLY D 229 2.22 -34.61 12.70
C GLY D 229 3.05 -35.44 11.75
N ARG D 230 2.75 -36.73 11.68
CA ARG D 230 3.29 -37.48 10.56
C ARG D 230 2.35 -38.49 9.95
N PHE D 231 2.80 -38.81 8.74
CA PHE D 231 1.96 -39.23 7.66
C PHE D 231 2.54 -40.48 6.97
N PRO D 232 2.51 -41.63 7.67
CA PRO D 232 3.13 -42.86 7.16
C PRO D 232 2.37 -43.45 5.98
N GLY D 233 3.12 -43.89 4.97
CA GLY D 233 2.53 -44.41 3.74
C GLY D 233 2.42 -45.92 3.70
N ASP D 234 2.33 -46.54 4.88
CA ASP D 234 2.53 -47.96 4.99
C ASP D 234 1.23 -48.71 4.66
N GLU D 235 0.15 -47.97 4.37
CA GLU D 235 -1.08 -48.55 3.77
C GLU D 235 -1.62 -47.82 2.52
N ASP D 236 -1.39 -46.50 2.43
CA ASP D 236 -1.88 -45.65 1.31
C ASP D 236 -0.89 -44.51 1.11
N ARG D 237 -0.65 -44.18 -0.16
CA ARG D 237 0.43 -43.24 -0.49
C ARG D 237 0.11 -42.25 -1.61
N ILE D 238 0.70 -41.07 -1.52
CA ILE D 238 0.37 -39.98 -2.46
C ILE D 238 0.65 -40.32 -3.93
N SER D 239 1.72 -41.08 -4.21
CA SER D 239 2.00 -41.53 -5.60
C SER D 239 0.84 -42.35 -6.19
N MET D 240 0.25 -43.21 -5.40
CA MET D 240 -0.90 -44.01 -5.79
C MET D 240 -2.16 -43.17 -5.89
N ASP D 241 -2.34 -42.29 -4.90
CA ASP D 241 -3.51 -41.43 -4.87
C ASP D 241 -3.51 -40.51 -6.08
N ALA D 242 -2.34 -40.01 -6.42
CA ALA D 242 -2.19 -39.19 -7.62
C ALA D 242 -2.55 -39.94 -8.89
N ALA D 243 -2.08 -41.19 -9.00
CA ALA D 243 -2.38 -41.98 -10.17
C ALA D 243 -3.90 -42.21 -10.24
N SER D 244 -4.51 -42.44 -9.08
CA SER D 244 -5.94 -42.66 -9.01
C SER D 244 -6.66 -41.47 -9.56
N MET D 245 -6.19 -40.28 -9.16
CA MET D 245 -6.86 -39.06 -9.60
C MET D 245 -6.64 -38.79 -11.12
N GLU D 246 -5.46 -39.13 -11.63
CA GLU D 246 -5.21 -39.07 -13.07
C GLU D 246 -6.23 -39.85 -13.87
N HIS D 247 -6.61 -41.02 -13.37
CA HIS D 247 -7.59 -41.85 -14.06
C HIS D 247 -8.96 -41.21 -14.05
N VAL D 248 -9.30 -40.57 -12.93
CA VAL D 248 -10.54 -39.83 -12.84
C VAL D 248 -10.56 -38.72 -13.87
N VAL D 249 -9.50 -37.93 -13.97
CA VAL D 249 -9.52 -36.83 -14.93
C VAL D 249 -9.55 -37.37 -16.39
N GLN D 250 -8.77 -38.42 -16.68
CA GLN D 250 -8.76 -38.98 -18.03
C GLN D 250 -10.12 -39.60 -18.41
N THR D 251 -10.77 -40.25 -17.44
CA THR D 251 -12.11 -40.76 -17.65
C THR D 251 -13.09 -39.66 -18.06
N SER D 252 -12.96 -38.51 -17.42
CA SER D 252 -13.85 -37.37 -17.71
C SER D 252 -13.57 -36.84 -19.08
N ARG D 253 -12.29 -36.62 -19.39
CA ARG D 253 -11.86 -36.23 -20.74
C ARG D 253 -12.43 -37.15 -21.81
N ASP D 254 -12.20 -38.45 -21.67
CA ASP D 254 -12.74 -39.44 -22.64
C ASP D 254 -14.26 -39.34 -22.80
N ALA D 255 -14.96 -39.04 -21.72
CA ALA D 255 -16.42 -38.93 -21.79
C ALA D 255 -16.91 -37.57 -22.34
N GLY D 256 -15.98 -36.63 -22.57
CA GLY D 256 -16.33 -35.29 -22.99
C GLY D 256 -16.96 -34.40 -21.90
N VAL D 257 -16.77 -34.71 -20.63
CA VAL D 257 -17.33 -33.91 -19.55
C VAL D 257 -16.31 -32.86 -19.14
N ASP D 258 -16.78 -31.73 -18.64
CA ASP D 258 -15.89 -30.64 -18.19
C ASP D 258 -14.94 -31.16 -17.12
N THR D 259 -13.69 -30.74 -17.21
CA THR D 259 -12.69 -31.28 -16.35
C THR D 259 -12.04 -30.28 -15.38
N ALA D 260 -12.58 -29.09 -15.27
CA ALA D 260 -11.95 -28.08 -14.39
C ALA D 260 -11.88 -28.52 -12.92
N LEU D 261 -12.96 -29.09 -12.40
CA LEU D 261 -12.96 -29.44 -10.98
C LEU D 261 -11.99 -30.58 -10.67
N PRO D 262 -12.09 -31.71 -11.39
CA PRO D 262 -11.14 -32.81 -11.11
C PRO D 262 -9.69 -32.40 -11.36
N GLU D 263 -9.43 -31.51 -12.33
CA GLU D 263 -8.06 -31.01 -12.51
C GLU D 263 -7.56 -30.28 -11.26
N ALA D 264 -8.42 -29.49 -10.67
CA ALA D 264 -8.02 -28.70 -9.50
C ALA D 264 -7.70 -29.64 -8.34
N VAL D 265 -8.48 -30.71 -8.22
CA VAL D 265 -8.19 -31.74 -7.23
C VAL D 265 -6.85 -32.41 -7.54
N LEU D 266 -6.66 -32.81 -8.79
CA LEU D 266 -5.39 -33.45 -9.18
C LEU D 266 -4.21 -32.53 -8.93
N SER D 267 -4.39 -31.27 -9.24
CA SER D 267 -3.33 -30.31 -9.00
C SER D 267 -2.75 -30.34 -7.60
N LEU D 268 -3.55 -30.61 -6.61
CA LEU D 268 -3.01 -30.64 -5.27
C LEU D 268 -2.08 -31.85 -5.08
N PHE D 269 -2.45 -32.97 -5.67
CA PHE D 269 -1.62 -34.19 -5.60
C PHE D 269 -0.31 -33.93 -6.31
N ARG D 270 -0.35 -33.28 -7.47
CA ARG D 270 0.90 -32.99 -8.20
C ARG D 270 1.81 -32.10 -7.36
N ARG D 271 1.24 -31.14 -6.64
CA ARG D 271 2.03 -30.30 -5.75
C ARG D 271 2.66 -31.14 -4.64
N GLY D 272 1.93 -32.11 -4.14
CA GLY D 272 2.47 -33.04 -3.17
C GLY D 272 3.68 -33.77 -3.75
N LEU D 273 3.55 -34.26 -4.97
CA LEU D 273 4.68 -34.97 -5.61
C LEU D 273 5.88 -34.06 -5.76
N ASP D 274 5.66 -32.85 -6.26
CA ASP D 274 6.72 -31.87 -6.41
C ASP D 274 7.42 -31.50 -5.12
N ALA D 275 6.70 -31.62 -4.01
CA ALA D 275 7.27 -31.35 -2.70
C ALA D 275 8.01 -32.54 -2.09
N GLY D 276 8.00 -33.69 -2.76
CA GLY D 276 8.67 -34.89 -2.27
C GLY D 276 7.82 -35.80 -1.41
N PHE D 277 6.50 -35.72 -1.51
CA PHE D 277 5.59 -36.41 -0.59
C PHE D 277 5.13 -37.76 -1.10
N ALA D 278 5.71 -38.22 -2.20
CA ALA D 278 5.23 -39.45 -2.85
C ALA D 278 4.98 -40.64 -1.94
N GLU D 279 5.85 -40.85 -0.96
CA GLU D 279 5.75 -42.03 -0.09
C GLU D 279 4.93 -41.77 1.17
N SER D 280 4.48 -40.52 1.37
CA SER D 280 3.67 -40.20 2.55
C SER D 280 2.18 -40.43 2.28
N SER D 281 1.39 -40.48 3.34
CA SER D 281 -0.05 -40.58 3.17
C SER D 281 -0.70 -39.25 2.70
N PHE D 282 -1.92 -39.41 2.21
CA PHE D 282 -2.72 -38.33 1.63
C PHE D 282 -2.85 -37.13 2.59
N ALA D 283 -2.95 -37.40 3.88
CA ALA D 283 -3.13 -36.34 4.88
C ALA D 283 -2.05 -35.31 4.90
N ARG D 284 -0.87 -35.67 4.42
CA ARG D 284 0.26 -34.74 4.44
C ARG D 284 0.05 -33.56 3.50
N LEU D 285 -0.86 -33.71 2.55
CA LEU D 285 -1.22 -32.58 1.67
C LEU D 285 -1.74 -31.36 2.46
N VAL D 286 -2.24 -31.56 3.68
CA VAL D 286 -2.72 -30.43 4.50
C VAL D 286 -1.62 -29.41 4.67
N THR D 287 -0.37 -29.86 4.74
CA THR D 287 0.79 -28.96 4.95
C THR D 287 1.05 -28.08 3.75
N LEU D 288 0.54 -28.47 2.59
CA LEU D 288 0.56 -27.59 1.42
C LEU D 288 -0.54 -26.53 1.45
N MET D 289 -1.58 -26.76 2.22
CA MET D 289 -2.70 -25.82 2.33
C MET D 289 -2.63 -24.94 3.56
N ASP D 290 -1.92 -25.40 4.58
CA ASP D 290 -1.75 -24.64 5.84
C ASP D 290 -1.27 -23.20 5.67
N ALA D 291 -1.65 -22.36 6.63
CA ALA D 291 -1.16 -20.99 6.74
C ALA D 291 0.32 -21.02 7.12
N GLU D 292 1.11 -20.02 6.65
CA GLU D 292 2.59 -19.95 6.84
C GLU D 292 3.05 -20.26 8.23
N VAL E 11 -4.81 -70.38 -7.70
CA VAL E 11 -4.92 -68.93 -8.10
C VAL E 11 -3.57 -68.24 -8.25
N THR E 12 -3.46 -67.40 -9.26
CA THR E 12 -2.22 -66.65 -9.45
C THR E 12 -2.48 -65.15 -9.38
N LEU E 13 -1.48 -64.41 -8.90
CA LEU E 13 -1.62 -62.99 -8.64
C LEU E 13 -0.35 -62.26 -9.07
N ILE E 14 -0.54 -61.21 -9.88
CA ILE E 14 0.55 -60.32 -10.24
C ILE E 14 0.24 -58.89 -9.83
N GLY E 15 1.20 -58.27 -9.14
CA GLY E 15 1.07 -56.92 -8.63
C GLY E 15 1.00 -57.00 -7.11
N LEU E 16 2.06 -56.57 -6.45
CA LEU E 16 2.17 -56.72 -5.01
C LEU E 16 2.35 -55.36 -4.29
N GLY E 17 1.63 -54.33 -4.75
CA GLY E 17 1.44 -53.14 -3.95
C GLY E 17 0.53 -53.50 -2.79
N PRO E 18 0.15 -52.51 -1.97
CA PRO E 18 -0.66 -52.79 -0.77
C PRO E 18 -1.93 -53.61 -1.06
N MET E 19 -2.60 -53.31 -2.17
CA MET E 19 -3.86 -53.98 -2.52
C MET E 19 -3.53 -55.45 -2.80
N GLY E 20 -2.54 -55.68 -3.64
CA GLY E 20 -2.13 -57.05 -3.91
C GLY E 20 -1.69 -57.83 -2.68
N GLN E 21 -0.89 -57.22 -1.78
CA GLN E 21 -0.48 -57.95 -0.53
C GLN E 21 -1.69 -58.33 0.27
N ALA E 22 -2.62 -57.39 0.45
CA ALA E 22 -3.85 -57.69 1.18
C ALA E 22 -4.66 -58.79 0.50
N MET E 23 -4.77 -58.73 -0.83
CA MET E 23 -5.54 -59.75 -1.53
C MET E 23 -4.86 -61.12 -1.37
N ALA E 24 -3.53 -61.14 -1.48
CA ALA E 24 -2.78 -62.38 -1.31
C ALA E 24 -3.03 -63.00 0.07
N GLY E 25 -2.97 -62.19 1.12
CA GLY E 25 -3.18 -62.66 2.49
C GLY E 25 -4.57 -63.25 2.72
N ALA E 26 -5.59 -62.58 2.20
CA ALA E 26 -6.96 -63.10 2.30
C ALA E 26 -7.12 -64.45 1.60
N LEU E 27 -6.51 -64.57 0.41
CA LEU E 27 -6.57 -65.82 -0.35
C LEU E 27 -5.83 -66.96 0.35
N LEU E 28 -4.65 -66.67 0.89
CA LEU E 28 -3.91 -67.65 1.72
C LEU E 28 -4.72 -68.11 2.94
N GLU E 29 -5.20 -67.15 3.74
CA GLU E 29 -6.01 -67.49 4.91
C GLU E 29 -7.26 -68.31 4.55
N ALA E 30 -7.82 -68.12 3.36
CA ALA E 30 -9.00 -68.90 2.93
C ALA E 30 -8.67 -70.27 2.30
N GLY E 31 -7.39 -70.66 2.27
CA GLY E 31 -6.97 -71.99 1.84
C GLY E 31 -6.67 -72.16 0.35
N TYR E 32 -6.48 -71.06 -0.38
CA TYR E 32 -6.15 -71.17 -1.81
C TYR E 32 -4.67 -71.45 -1.99
N GLU E 33 -4.33 -72.18 -3.06
CA GLU E 33 -2.96 -72.44 -3.43
C GLU E 33 -2.49 -71.31 -4.34
N LEU E 34 -1.75 -70.37 -3.76
CA LEU E 34 -1.46 -69.10 -4.43
C LEU E 34 -0.11 -69.14 -5.11
N THR E 35 -0.05 -68.63 -6.33
CA THR E 35 1.24 -68.37 -7.00
C THR E 35 1.35 -66.88 -7.35
N VAL E 36 2.50 -66.29 -7.04
CA VAL E 36 2.78 -64.87 -7.28
C VAL E 36 4.02 -64.65 -8.14
N TRP E 37 4.07 -63.53 -8.85
CA TRP E 37 5.30 -63.06 -9.50
C TRP E 37 5.37 -61.55 -9.27
N ASN E 38 6.55 -61.05 -8.89
CA ASN E 38 6.83 -59.60 -8.84
C ASN E 38 8.27 -59.33 -9.24
N ARG E 39 8.50 -58.14 -9.81
CA ARG E 39 9.84 -57.69 -10.20
C ARG E 39 10.76 -57.59 -8.99
N THR E 40 10.23 -57.12 -7.86
CA THR E 40 11.08 -56.95 -6.70
C THR E 40 11.44 -58.34 -6.13
N LYS E 41 12.39 -58.32 -5.21
CA LYS E 41 12.81 -59.47 -4.43
C LYS E 41 11.72 -59.75 -3.39
N ALA E 42 11.48 -58.79 -2.50
CA ALA E 42 10.51 -58.92 -1.39
C ALA E 42 10.61 -60.31 -0.60
N VAL E 54 6.14 -68.84 -5.45
CA VAL E 54 6.79 -67.74 -6.16
C VAL E 54 7.36 -68.15 -7.52
N ALA E 55 6.80 -67.61 -8.59
CA ALA E 55 7.19 -67.98 -9.96
C ALA E 55 8.42 -67.21 -10.41
N ASP E 56 9.21 -67.83 -11.26
CA ASP E 56 10.42 -67.20 -11.77
C ASP E 56 10.16 -66.26 -12.90
N SER E 57 9.05 -66.43 -13.61
CA SER E 57 8.69 -65.50 -14.68
C SER E 57 7.18 -65.31 -14.78
N PRO E 58 6.75 -64.22 -15.44
CA PRO E 58 5.31 -64.05 -15.69
C PRO E 58 4.65 -65.16 -16.52
N GLU E 60 5.16 -68.48 -16.77
CA GLU E 60 5.30 -69.40 -15.61
C GLU E 60 4.16 -69.23 -14.60
N ALA E 61 4.01 -68.01 -14.10
CA ALA E 61 2.88 -67.67 -13.23
C ALA E 61 1.54 -67.92 -13.95
N LEU E 62 1.43 -67.51 -15.22
CA LEU E 62 0.20 -67.77 -16.01
C LEU E 62 -0.08 -69.28 -16.14
N ARG E 63 0.97 -70.10 -16.19
CA ARG E 63 0.81 -71.55 -16.37
C ARG E 63 0.39 -72.29 -15.09
N ALA E 64 0.51 -71.65 -13.92
CA ALA E 64 0.23 -72.32 -12.65
C ALA E 64 -1.16 -72.94 -12.60
N GLY E 65 -2.10 -72.38 -13.38
CA GLY E 65 -3.37 -73.05 -13.63
C GLY E 65 -4.60 -72.33 -13.13
N GLY E 66 -4.45 -71.51 -12.10
CA GLY E 66 -5.61 -70.78 -11.59
C GLY E 66 -6.03 -69.61 -12.48
N PRO E 67 -7.13 -68.92 -12.12
CA PRO E 67 -7.43 -67.62 -12.73
C PRO E 67 -6.29 -66.66 -12.39
N VAL E 68 -6.04 -65.70 -13.26
CA VAL E 68 -4.97 -64.71 -13.07
C VAL E 68 -5.50 -63.34 -12.62
N LEU E 69 -5.18 -63.01 -11.38
CA LEU E 69 -5.57 -61.76 -10.74
C LEU E 69 -4.50 -60.71 -11.00
N LEU E 70 -4.90 -59.54 -11.48
CA LEU E 70 -3.97 -58.44 -11.66
C LEU E 70 -4.34 -57.28 -10.72
N SER E 71 -3.34 -56.78 -10.00
CA SER E 71 -3.48 -55.57 -9.17
C SER E 71 -2.31 -54.64 -9.43
N LEU E 72 -2.38 -53.96 -10.56
CA LEU E 72 -1.27 -53.12 -11.02
C LEU E 72 -1.69 -51.62 -10.92
N THR E 73 -0.72 -50.73 -11.09
CA THR E 73 -0.96 -49.31 -10.95
C THR E 73 -1.83 -48.81 -12.13
N GLU E 74 -1.65 -49.41 -13.31
CA GLU E 74 -2.37 -49.01 -14.53
C GLU E 74 -2.41 -50.17 -15.50
N HIS E 75 -3.33 -50.15 -16.46
CA HIS E 75 -3.39 -51.23 -17.46
C HIS E 75 -2.18 -51.30 -18.40
N ALA E 76 -1.54 -50.17 -18.68
CA ALA E 76 -0.31 -50.16 -19.49
C ALA E 76 0.75 -51.09 -18.93
N VAL E 77 0.77 -51.26 -17.60
CA VAL E 77 1.74 -52.16 -16.95
C VAL E 77 1.48 -53.59 -17.39
N MET E 78 0.22 -53.96 -17.59
CA MET E 78 -0.12 -55.32 -18.02
C MET E 78 0.58 -55.71 -19.32
N TYR E 79 0.60 -54.80 -20.29
CA TYR E 79 1.25 -55.09 -21.56
C TYR E 79 2.77 -55.27 -21.42
N ARG E 80 3.39 -54.53 -20.50
CA ARG E 80 4.84 -54.57 -20.29
C ARG E 80 5.19 -55.92 -19.63
N VAL E 81 4.88 -56.04 -18.35
CA VAL E 81 4.97 -57.32 -17.58
C VAL E 81 4.63 -58.68 -18.28
N LEU E 82 3.58 -58.67 -19.10
CA LEU E 82 3.24 -59.85 -19.90
C LEU E 82 3.86 -59.69 -21.29
N GLY E 84 6.55 -60.68 -22.12
CA GLY E 84 6.14 -61.32 -23.41
C GLY E 84 5.79 -62.82 -23.37
N ALA E 85 4.75 -63.10 -22.61
CA ALA E 85 4.18 -64.44 -22.42
C ALA E 85 2.80 -64.59 -23.09
N GLU E 86 2.56 -63.83 -24.16
CA GLU E 86 1.24 -63.82 -24.81
C GLU E 86 0.68 -65.21 -25.24
N SER E 87 1.56 -66.12 -25.68
CA SER E 87 1.15 -67.50 -26.02
C SER E 87 0.46 -68.26 -24.86
N ASP E 88 0.93 -68.03 -23.64
CA ASP E 88 0.38 -68.68 -22.44
C ASP E 88 -0.99 -68.13 -21.96
N LEU E 89 -1.53 -67.14 -22.66
CA LEU E 89 -2.85 -66.58 -22.31
C LEU E 89 -4.00 -67.43 -22.81
N LYS E 90 -3.73 -68.25 -23.83
CA LYS E 90 -4.77 -69.07 -24.44
C LYS E 90 -5.43 -69.94 -23.39
N GLY E 91 -6.76 -69.86 -23.28
CA GLY E 91 -7.50 -70.65 -22.30
C GLY E 91 -7.46 -70.12 -20.87
N ARG E 92 -6.71 -69.06 -20.61
CA ARG E 92 -6.67 -68.48 -19.28
C ARG E 92 -7.83 -67.49 -19.05
N THR E 93 -8.06 -67.19 -17.78
CA THR E 93 -9.01 -66.19 -17.34
C THR E 93 -8.25 -65.11 -16.59
N ILE E 94 -8.43 -63.87 -17.06
CA ILE E 94 -7.84 -62.71 -16.43
C ILE E 94 -8.92 -61.96 -15.65
N LEU E 95 -8.64 -61.74 -14.37
CA LEU E 95 -9.49 -60.93 -13.51
C LEU E 95 -8.66 -59.69 -13.15
N ASN E 96 -8.90 -58.60 -13.86
CA ASN E 96 -8.11 -57.39 -13.67
C ASN E 96 -8.78 -56.53 -12.61
N LEU E 97 -8.16 -56.48 -11.43
CA LEU E 97 -8.75 -55.79 -10.28
C LEU E 97 -8.17 -54.38 -10.05
N GLY E 98 -7.30 -53.95 -10.95
CA GLY E 98 -6.69 -52.63 -10.91
C GLY E 98 -7.52 -51.62 -11.64
N SER E 99 -7.43 -50.39 -11.19
CA SER E 99 -8.29 -49.42 -11.78
C SER E 99 -7.59 -48.60 -12.87
N ASP E 100 -8.37 -48.19 -13.87
CA ASP E 100 -7.86 -47.38 -14.99
C ASP E 100 -9.11 -46.90 -15.73
N THR E 101 -8.96 -46.21 -16.84
CA THR E 101 -10.12 -45.67 -17.52
C THR E 101 -10.99 -46.76 -18.16
N PRO E 102 -12.26 -46.46 -18.44
CA PRO E 102 -13.11 -47.38 -19.14
C PRO E 102 -12.54 -47.71 -20.53
N ALA E 103 -12.03 -46.73 -21.25
CA ALA E 103 -11.43 -47.00 -22.57
C ALA E 103 -10.24 -47.94 -22.44
N ALA E 104 -9.39 -47.72 -21.45
CA ALA E 104 -8.23 -48.59 -21.27
C ALA E 104 -8.70 -49.99 -20.95
N SER E 105 -9.78 -50.10 -20.19
CA SER E 105 -10.27 -51.41 -19.74
C SER E 105 -10.86 -52.18 -20.91
N ARG E 106 -11.59 -51.48 -21.78
CA ARG E 106 -12.11 -52.09 -22.99
C ARG E 106 -10.98 -52.56 -23.93
N ALA E 107 -9.92 -51.77 -24.06
CA ALA E 107 -8.76 -52.17 -24.86
C ALA E 107 -8.00 -53.37 -24.28
N ALA E 108 -7.85 -53.40 -22.97
CA ALA E 108 -7.16 -54.49 -22.31
C ALA E 108 -7.92 -55.78 -22.52
N ALA E 109 -9.25 -55.71 -22.41
CA ALA E 109 -10.10 -56.87 -22.60
C ALA E 109 -9.96 -57.41 -24.03
N ALA E 110 -10.05 -56.51 -25.01
CA ALA E 110 -9.97 -56.90 -26.41
C ALA E 110 -8.61 -57.54 -26.70
N TRP E 111 -7.56 -57.01 -26.09
CA TRP E 111 -6.21 -57.57 -26.27
C TRP E 111 -6.12 -58.97 -25.70
N ALA E 112 -6.66 -59.14 -24.50
CA ALA E 112 -6.61 -60.41 -23.82
C ALA E 112 -7.41 -61.46 -24.59
N GLU E 113 -8.60 -61.09 -25.02
CA GLU E 113 -9.46 -61.99 -25.81
C GLU E 113 -8.84 -62.31 -27.16
N GLY E 114 -8.11 -61.38 -27.73
CA GLY E 114 -7.35 -61.61 -28.95
C GLY E 114 -6.27 -62.70 -28.82
N HIS E 115 -5.73 -62.87 -27.61
CA HIS E 115 -4.78 -63.96 -27.33
C HIS E 115 -5.46 -65.18 -26.69
N GLY E 116 -6.79 -65.26 -26.82
CA GLY E 116 -7.55 -66.44 -26.35
C GLY E 116 -7.85 -66.55 -24.87
N ALA E 117 -7.75 -65.46 -24.13
CA ALA E 117 -8.14 -65.46 -22.71
C ALA E 117 -9.56 -64.92 -22.54
N ARG E 118 -10.17 -65.23 -21.41
CA ARG E 118 -11.41 -64.54 -21.01
C ARG E 118 -11.02 -63.41 -20.06
N TYR E 119 -11.85 -62.37 -19.97
CA TYR E 119 -11.50 -61.19 -19.18
C TYR E 119 -12.67 -60.62 -18.39
N VAL E 120 -12.41 -60.33 -17.12
CA VAL E 120 -13.39 -59.60 -16.31
C VAL E 120 -12.68 -58.45 -15.56
N THR E 121 -13.39 -57.31 -15.47
CA THR E 121 -12.85 -56.07 -14.83
C THR E 121 -13.48 -55.96 -13.47
N GLY E 122 -12.63 -55.72 -12.49
CA GLY E 122 -13.04 -55.41 -11.12
C GLY E 122 -12.75 -53.96 -10.70
N GLY E 123 -13.69 -53.36 -9.95
CA GLY E 123 -13.51 -52.02 -9.38
C GLY E 123 -13.67 -52.16 -7.89
N VAL E 124 -12.55 -52.23 -7.20
CA VAL E 124 -12.53 -52.61 -5.80
C VAL E 124 -12.75 -51.41 -4.90
N MET E 125 -13.93 -51.32 -4.31
CA MET E 125 -14.32 -50.17 -3.49
C MET E 125 -13.94 -50.33 -2.02
N SER E 126 -12.66 -50.54 -1.79
CA SER E 126 -12.15 -50.73 -0.46
C SER E 126 -10.70 -50.36 -0.48
N PRO E 127 -10.19 -49.80 0.62
CA PRO E 127 -8.74 -49.67 0.77
C PRO E 127 -8.19 -51.03 1.14
N ALA E 128 -6.87 -51.17 1.11
CA ALA E 128 -6.21 -52.45 1.39
C ALA E 128 -6.65 -53.11 2.70
N PRO E 129 -6.65 -52.37 3.82
CA PRO E 129 -7.05 -52.94 5.12
C PRO E 129 -8.47 -53.48 5.17
N GLY E 130 -9.32 -53.03 4.25
CA GLY E 130 -10.70 -53.52 4.21
C GLY E 130 -10.87 -54.85 3.51
N ILE E 131 -9.82 -55.37 2.88
CA ILE E 131 -9.98 -56.53 1.98
C ILE E 131 -10.56 -57.81 2.63
N GLY E 132 -10.19 -58.14 3.85
CA GLY E 132 -10.87 -59.28 4.50
C GLY E 132 -12.37 -59.11 4.77
N SER E 133 -12.81 -57.86 4.90
CA SER E 133 -14.07 -57.49 5.58
C SER E 133 -15.41 -57.80 4.87
N SER E 134 -16.48 -57.62 5.64
CA SER E 134 -17.85 -57.92 5.20
C SER E 134 -18.61 -56.67 4.73
N SER E 135 -18.09 -55.50 5.08
CA SER E 135 -18.80 -54.25 4.84
C SER E 135 -18.46 -53.62 3.47
N VAL E 136 -17.52 -54.20 2.73
CA VAL E 136 -17.07 -53.60 1.45
C VAL E 136 -17.56 -54.38 0.24
N PHE E 137 -17.53 -53.74 -0.92
CA PHE E 137 -17.90 -54.41 -2.16
C PHE E 137 -16.99 -54.03 -3.33
N SER E 138 -17.18 -54.73 -4.46
CA SER E 138 -16.47 -54.42 -5.70
C SER E 138 -17.41 -54.54 -6.87
N PHE E 139 -17.26 -53.67 -7.86
CA PHE E 139 -18.01 -53.80 -9.10
C PHE E 139 -17.29 -54.82 -10.01
N TYR E 140 -18.06 -55.59 -10.79
CA TYR E 140 -17.48 -56.45 -11.85
C TYR E 140 -18.24 -56.30 -13.14
N SER E 141 -17.52 -56.44 -14.24
CA SER E 141 -18.16 -56.49 -15.56
C SER E 141 -17.23 -57.22 -16.53
N GLY E 142 -17.74 -57.53 -17.73
CA GLY E 142 -16.99 -58.38 -18.67
C GLY E 142 -17.61 -59.76 -18.85
N ASP E 143 -16.76 -60.79 -18.94
CA ASP E 143 -17.21 -62.16 -19.22
C ASP E 143 -18.02 -62.76 -18.08
N ARG E 144 -19.32 -62.95 -18.33
CA ARG E 144 -20.29 -63.39 -17.30
C ARG E 144 -19.94 -64.76 -16.74
N ALA E 145 -19.66 -65.70 -17.65
CA ALA E 145 -19.28 -67.07 -17.25
C ALA E 145 -18.03 -67.10 -16.39
N ALA E 146 -17.00 -66.37 -16.82
CA ALA E 146 -15.74 -66.31 -16.06
C ALA E 146 -15.95 -65.67 -14.67
N PHE E 147 -16.80 -64.66 -14.60
CA PHE E 147 -17.14 -64.10 -13.30
C PHE E 147 -17.78 -65.17 -12.40
N GLU E 148 -18.80 -65.88 -12.90
CA GLU E 148 -19.47 -66.90 -12.07
C GLU E 148 -18.57 -68.00 -11.59
N GLU E 149 -17.69 -68.47 -12.47
CA GLU E 149 -16.75 -69.53 -12.11
C GLU E 149 -15.85 -69.12 -10.97
N ASN E 150 -15.57 -67.82 -10.88
CA ASN E 150 -14.68 -67.31 -9.85
C ASN E 150 -15.36 -66.47 -8.77
N LYS E 151 -16.68 -66.45 -8.76
CA LYS E 151 -17.41 -65.62 -7.82
C LYS E 151 -17.02 -65.93 -6.36
N ALA E 152 -17.00 -67.20 -5.99
CA ALA E 152 -16.64 -67.60 -4.63
C ALA E 152 -15.24 -67.12 -4.23
N LEU E 153 -14.30 -67.24 -5.14
CA LEU E 153 -12.96 -66.74 -4.92
C LEU E 153 -12.98 -65.22 -4.69
N LEU E 154 -13.74 -64.50 -5.50
CA LEU E 154 -13.79 -63.04 -5.42
C LEU E 154 -14.48 -62.60 -4.13
N GLU E 155 -15.43 -63.40 -3.64
CA GLU E 155 -16.15 -63.10 -2.40
C GLU E 155 -15.25 -63.24 -1.18
N VAL E 156 -14.11 -63.89 -1.33
CA VAL E 156 -13.10 -63.90 -0.27
C VAL E 156 -12.56 -62.49 -0.05
N LEU E 157 -12.47 -61.72 -1.13
CA LEU E 157 -11.94 -60.37 -1.07
C LEU E 157 -12.99 -59.33 -0.64
N THR E 158 -14.12 -59.29 -1.31
CA THR E 158 -15.18 -58.34 -1.01
C THR E 158 -16.46 -58.94 -1.50
N ALA E 159 -17.59 -58.36 -1.10
CA ALA E 159 -18.84 -58.69 -1.76
C ALA E 159 -18.73 -58.27 -3.23
N THR E 160 -19.55 -58.86 -4.08
CA THR E 160 -19.43 -58.64 -5.49
C THR E 160 -20.69 -58.00 -6.03
N ASP E 161 -20.56 -57.26 -7.11
CA ASP E 161 -21.69 -56.63 -7.75
C ASP E 161 -21.44 -56.57 -9.26
N PHE E 162 -21.94 -57.57 -9.97
CA PHE E 162 -21.71 -57.69 -11.40
C PHE E 162 -22.71 -56.82 -12.13
N ARG E 163 -22.23 -56.02 -13.07
CA ARG E 163 -23.02 -54.96 -13.68
C ARG E 163 -23.36 -55.23 -15.13
N GLY E 164 -22.65 -56.16 -15.77
CA GLY E 164 -22.88 -56.42 -17.20
C GLY E 164 -21.66 -56.95 -17.95
N GLU E 165 -21.85 -57.19 -19.24
CA GLU E 165 -20.84 -57.84 -20.06
C GLU E 165 -19.84 -56.86 -20.65
N ASP E 166 -20.22 -55.59 -20.71
CA ASP E 166 -19.28 -54.55 -21.17
C ASP E 166 -18.09 -54.43 -20.17
N PRO E 167 -16.86 -54.78 -20.62
CA PRO E 167 -15.71 -54.81 -19.70
C PRO E 167 -15.30 -53.44 -19.20
N GLY E 168 -15.80 -52.37 -19.83
CA GLY E 168 -15.58 -51.01 -19.35
C GLY E 168 -16.50 -50.60 -18.20
N LEU E 169 -17.65 -51.25 -18.08
CA LEU E 169 -18.73 -50.74 -17.21
C LEU E 169 -18.38 -50.70 -15.72
N ALA E 170 -17.72 -51.74 -15.21
CA ALA E 170 -17.31 -51.72 -13.81
C ALA E 170 -16.38 -50.55 -13.51
N GLN E 171 -15.60 -50.14 -14.51
CA GLN E 171 -14.69 -49.04 -14.31
C GLN E 171 -15.40 -47.70 -14.39
N VAL E 172 -16.45 -47.63 -15.18
CA VAL E 172 -17.29 -46.44 -15.20
C VAL E 172 -17.82 -46.19 -13.78
N TYR E 173 -18.42 -47.20 -13.17
CA TYR E 173 -18.91 -47.08 -11.83
C TYR E 173 -17.81 -46.69 -10.87
N TYR E 174 -16.68 -47.37 -10.99
CA TYR E 174 -15.59 -47.14 -10.06
C TYR E 174 -15.10 -45.68 -10.11
N GLN E 175 -14.85 -45.20 -11.31
CA GLN E 175 -14.30 -43.86 -11.48
C GLN E 175 -15.29 -42.77 -11.07
N ILE E 176 -16.57 -42.98 -11.32
CA ILE E 176 -17.59 -42.09 -10.85
C ILE E 176 -17.55 -41.93 -9.31
N LEU E 177 -17.47 -43.05 -8.60
CA LEU E 177 -17.41 -43.01 -7.15
C LEU E 177 -16.11 -42.42 -6.62
N LEU E 178 -15.01 -42.71 -7.29
CA LEU E 178 -13.74 -42.13 -6.83
C LEU E 178 -13.65 -40.63 -7.07
N ASP E 179 -14.36 -40.15 -8.08
CA ASP E 179 -14.44 -38.73 -8.40
C ASP E 179 -15.03 -37.99 -7.16
N LEU E 180 -16.15 -38.49 -6.65
CA LEU E 180 -16.78 -37.89 -5.45
C LEU E 180 -15.92 -38.04 -4.25
N PHE E 181 -15.32 -39.20 -4.13
CA PHE E 181 -14.47 -39.51 -2.99
C PHE E 181 -13.31 -38.53 -2.82
N TRP E 182 -12.51 -38.35 -3.86
CA TRP E 182 -11.30 -37.54 -3.74
C TRP E 182 -11.66 -36.05 -3.59
N THR E 183 -12.70 -35.62 -4.30
CA THR E 183 -13.12 -34.23 -4.22
C THR E 183 -13.57 -33.95 -2.77
N THR E 184 -14.30 -34.89 -2.19
CA THR E 184 -14.73 -34.75 -0.77
C THR E 184 -13.57 -34.75 0.19
N MET E 185 -12.60 -35.64 -0.03
CA MET E 185 -11.43 -35.73 0.86
C MET E 185 -10.50 -34.55 0.80
N THR E 186 -10.27 -34.00 -0.38
CA THR E 186 -9.45 -32.79 -0.48
C THR E 186 -10.20 -31.57 0.14
N GLY E 187 -11.51 -31.51 -0.02
CA GLY E 187 -12.33 -30.52 0.70
C GLY E 187 -12.20 -30.66 2.19
N TYR E 188 -12.16 -31.91 2.67
CA TYR E 188 -12.01 -32.17 4.10
C TYR E 188 -10.69 -31.65 4.63
N LEU E 189 -9.63 -31.90 3.90
CA LEU E 189 -8.32 -31.38 4.28
C LEU E 189 -8.32 -29.85 4.30
N HIS E 190 -9.00 -29.24 3.33
CA HIS E 190 -8.94 -27.80 3.26
C HIS E 190 -9.68 -27.25 4.47
N ALA E 191 -10.81 -27.87 4.81
CA ALA E 191 -11.59 -27.48 5.96
C ALA E 191 -10.75 -27.57 7.22
N LEU E 192 -10.00 -28.65 7.34
CA LEU E 192 -9.08 -28.79 8.49
C LEU E 192 -7.98 -27.73 8.53
N ALA E 193 -7.49 -27.32 7.36
CA ALA E 193 -6.45 -26.28 7.30
C ALA E 193 -6.99 -24.96 7.79
N VAL E 194 -8.25 -24.68 7.46
CA VAL E 194 -8.88 -23.45 7.95
C VAL E 194 -9.06 -23.53 9.46
N ALA E 195 -9.53 -24.67 9.95
CA ALA E 195 -9.64 -24.86 11.40
C ALA E 195 -8.33 -24.59 12.11
N ARG E 196 -7.24 -25.19 11.63
CA ARG E 196 -5.92 -24.98 12.25
C ARG E 196 -5.48 -23.53 12.19
N ALA E 197 -5.80 -22.85 11.08
CA ALA E 197 -5.35 -21.49 10.90
C ALA E 197 -6.12 -20.54 11.80
N GLU E 198 -7.36 -20.89 12.10
CA GLU E 198 -8.20 -20.05 12.96
C GLU E 198 -8.18 -20.49 14.42
N GLY E 199 -7.30 -21.41 14.80
CA GLY E 199 -7.17 -21.83 16.19
C GLY E 199 -8.20 -22.79 16.70
N VAL E 200 -9.02 -23.38 15.84
CA VAL E 200 -9.93 -24.43 16.29
C VAL E 200 -9.24 -25.82 16.16
N PRO E 201 -9.07 -26.54 17.28
CA PRO E 201 -8.36 -27.82 17.30
C PRO E 201 -9.04 -28.87 16.41
N VAL E 202 -8.22 -29.72 15.80
CA VAL E 202 -8.69 -30.78 14.86
C VAL E 202 -9.66 -31.69 15.58
N GLY E 203 -9.33 -32.05 16.82
CA GLY E 203 -10.23 -32.88 17.62
C GLY E 203 -11.57 -32.27 17.92
N THR E 204 -11.63 -30.95 17.99
CA THR E 204 -12.89 -30.30 18.26
C THR E 204 -13.76 -30.19 16.99
N ILE E 205 -13.16 -29.81 15.87
CA ILE E 205 -13.93 -29.59 14.64
C ILE E 205 -14.37 -30.91 13.98
N THR E 206 -13.62 -31.99 14.19
CA THR E 206 -13.84 -33.23 13.41
C THR E 206 -15.23 -33.81 13.55
N PRO E 207 -15.73 -33.93 14.79
CA PRO E 207 -17.13 -34.42 14.91
C PRO E 207 -18.17 -33.57 14.15
N TYR E 208 -17.95 -32.25 14.10
CA TYR E 208 -18.88 -31.38 13.36
C TYR E 208 -18.81 -31.65 11.83
N LEU E 209 -17.61 -31.89 11.32
CA LEU E 209 -17.42 -32.20 9.91
C LEU E 209 -18.06 -33.53 9.54
N ILE E 210 -17.88 -34.50 10.43
CA ILE E 210 -18.49 -35.79 10.25
C ILE E 210 -20.02 -35.74 10.34
N GLU E 211 -20.56 -34.99 11.28
CA GLU E 211 -21.99 -35.00 11.54
C GLU E 211 -22.72 -33.75 11.05
N ASP E 214 -26.47 -33.83 7.07
CA ASP E 214 -26.79 -35.19 6.51
C ASP E 214 -26.75 -35.15 4.98
N MET E 215 -25.65 -35.59 4.39
CA MET E 215 -25.51 -35.41 2.94
C MET E 215 -26.49 -36.23 2.08
N ALA E 216 -26.94 -37.35 2.63
CA ALA E 216 -27.87 -38.20 1.95
C ALA E 216 -29.07 -37.41 1.43
N MET E 217 -29.62 -36.58 2.29
CA MET E 217 -30.78 -35.78 1.95
C MET E 217 -30.47 -34.79 0.82
N PHE E 218 -29.33 -34.11 0.90
CA PHE E 218 -28.96 -33.15 -0.15
C PHE E 218 -28.65 -33.83 -1.50
N PHE E 219 -28.00 -35.00 -1.42
CA PHE E 219 -27.75 -35.79 -2.62
C PHE E 219 -29.03 -36.20 -3.31
N GLU E 220 -29.96 -36.75 -2.55
CA GLU E 220 -31.21 -37.26 -3.13
C GLU E 220 -31.96 -36.14 -3.84
N GLY E 221 -32.08 -35.00 -3.18
CA GLY E 221 -32.80 -33.87 -3.78
C GLY E 221 -32.10 -33.33 -5.01
N THR E 222 -30.78 -33.31 -4.95
CA THR E 222 -30.00 -32.85 -6.09
C THR E 222 -30.21 -33.82 -7.26
N SER E 223 -30.10 -35.13 -7.01
CA SER E 223 -30.32 -36.16 -8.08
C SER E 223 -31.70 -36.03 -8.71
N ALA E 224 -32.72 -35.84 -7.86
CA ALA E 224 -34.08 -35.68 -8.35
C ALA E 224 -34.18 -34.50 -9.28
N ALA E 225 -33.59 -33.38 -8.87
CA ALA E 225 -33.67 -32.16 -9.67
C ALA E 225 -32.95 -32.34 -11.01
N VAL E 226 -31.80 -33.02 -10.97
CA VAL E 226 -31.04 -33.28 -12.20
C VAL E 226 -31.82 -34.22 -13.13
N ALA E 227 -32.45 -35.25 -12.55
CA ALA E 227 -33.27 -36.15 -13.33
C ALA E 227 -34.41 -35.41 -14.01
N GLU E 228 -35.16 -34.63 -13.24
CA GLU E 228 -36.14 -33.75 -13.83
C GLU E 228 -35.89 -32.89 -15.07
N GLY E 229 -34.87 -32.08 -15.07
CA GLY E 229 -34.65 -31.24 -16.25
C GLY E 229 -34.97 -29.79 -15.89
N ARG E 230 -35.74 -29.56 -14.84
CA ARG E 230 -36.12 -28.23 -14.40
C ARG E 230 -35.43 -27.95 -13.05
N PHE E 231 -34.90 -26.74 -12.90
CA PHE E 231 -34.09 -26.34 -11.74
C PHE E 231 -34.66 -25.08 -11.10
N PRO E 232 -35.85 -25.19 -10.47
CA PRO E 232 -36.52 -24.05 -9.87
C PRO E 232 -35.79 -23.50 -8.64
N GLY E 233 -35.72 -22.18 -8.55
CA GLY E 233 -34.98 -21.51 -7.47
C GLY E 233 -35.72 -21.27 -6.17
N ASP E 234 -36.73 -22.07 -5.88
CA ASP E 234 -37.25 -22.17 -4.54
C ASP E 234 -36.27 -23.18 -3.97
N GLU E 235 -35.97 -23.00 -2.69
CA GLU E 235 -35.04 -23.85 -1.92
C GLU E 235 -33.52 -23.45 -1.96
N ASP E 236 -33.03 -23.04 -3.13
CA ASP E 236 -31.72 -22.42 -3.21
C ASP E 236 -31.60 -21.74 -4.56
N ARG E 237 -30.76 -20.71 -4.60
CA ARG E 237 -30.54 -19.96 -5.85
C ARG E 237 -29.05 -19.76 -6.07
N ILE E 238 -28.63 -19.90 -7.31
CA ILE E 238 -27.20 -19.80 -7.63
C ILE E 238 -26.56 -18.47 -7.23
N SER E 239 -27.30 -17.36 -7.35
CA SER E 239 -26.79 -16.03 -6.90
C SER E 239 -26.44 -16.01 -5.42
N MET E 240 -27.27 -16.61 -4.60
CA MET E 240 -26.98 -16.71 -3.16
C MET E 240 -25.90 -17.75 -2.87
N ASP E 241 -25.93 -18.86 -3.60
CA ASP E 241 -24.91 -19.92 -3.42
C ASP E 241 -23.55 -19.36 -3.75
N ALA E 242 -23.51 -18.57 -4.83
CA ALA E 242 -22.24 -17.95 -5.26
C ALA E 242 -21.71 -16.98 -4.20
N ALA E 243 -22.61 -16.18 -3.63
CA ALA E 243 -22.22 -15.27 -2.54
C ALA E 243 -21.72 -16.06 -1.32
N SER E 244 -22.38 -17.17 -1.02
CA SER E 244 -21.95 -18.05 0.08
C SER E 244 -20.51 -18.51 -0.18
N MET E 245 -20.23 -18.89 -1.41
CA MET E 245 -18.90 -19.44 -1.72
C MET E 245 -17.86 -18.33 -1.71
N GLU E 246 -18.23 -17.12 -2.11
CA GLU E 246 -17.29 -15.96 -1.94
C GLU E 246 -16.80 -15.79 -0.51
N HIS E 247 -17.71 -15.94 0.44
CA HIS E 247 -17.35 -15.77 1.85
C HIS E 247 -16.40 -16.87 2.28
N VAL E 248 -16.61 -18.10 1.76
CA VAL E 248 -15.68 -19.19 2.04
C VAL E 248 -14.30 -18.83 1.54
N VAL E 249 -14.22 -18.33 0.32
CA VAL E 249 -12.91 -18.05 -0.21
C VAL E 249 -12.24 -16.91 0.57
N GLN E 250 -12.99 -15.85 0.87
CA GLN E 250 -12.39 -14.71 1.59
C GLN E 250 -11.97 -15.10 2.99
N THR E 251 -12.75 -15.98 3.62
CA THR E 251 -12.36 -16.51 4.94
C THR E 251 -11.02 -17.26 4.90
N SER E 252 -10.83 -18.03 3.84
CA SER E 252 -9.55 -18.75 3.63
C SER E 252 -8.43 -17.82 3.39
N ARG E 253 -8.65 -16.84 2.51
CA ARG E 253 -7.61 -15.78 2.27
C ARG E 253 -7.22 -15.11 3.59
N ASP E 254 -8.20 -14.58 4.32
CA ASP E 254 -7.90 -13.89 5.58
C ASP E 254 -7.09 -14.77 6.53
N ALA E 255 -7.36 -16.07 6.54
CA ALA E 255 -6.66 -16.98 7.43
C ALA E 255 -5.30 -17.39 6.88
N GLY E 256 -4.96 -16.97 5.66
CA GLY E 256 -3.66 -17.31 5.08
C GLY E 256 -3.55 -18.77 4.61
N VAL E 257 -4.66 -19.44 4.40
CA VAL E 257 -4.68 -20.78 3.91
C VAL E 257 -4.73 -20.75 2.37
N ASP E 258 -4.16 -21.74 1.73
CA ASP E 258 -4.18 -21.82 0.25
C ASP E 258 -5.61 -21.79 -0.25
N THR E 259 -5.86 -21.03 -1.30
CA THR E 259 -7.20 -20.85 -1.81
C THR E 259 -7.47 -21.47 -3.18
N ALA E 260 -6.57 -22.28 -3.71
CA ALA E 260 -6.83 -22.93 -5.01
C ALA E 260 -8.09 -23.78 -5.07
N LEU E 261 -8.33 -24.61 -4.07
CA LEU E 261 -9.49 -25.48 -4.15
C LEU E 261 -10.81 -24.74 -4.06
N PRO E 262 -11.01 -23.96 -3.01
CA PRO E 262 -12.25 -23.17 -2.94
C PRO E 262 -12.45 -22.20 -4.13
N GLU E 263 -11.38 -21.61 -4.67
CA GLU E 263 -11.50 -20.83 -5.87
C GLU E 263 -12.03 -21.67 -7.06
N ALA E 264 -11.58 -22.92 -7.18
CA ALA E 264 -12.04 -23.78 -8.27
C ALA E 264 -13.53 -24.08 -8.08
N VAL E 265 -13.95 -24.26 -6.82
CA VAL E 265 -15.34 -24.44 -6.54
C VAL E 265 -16.15 -23.17 -6.88
N LEU E 266 -15.65 -22.01 -6.46
CA LEU E 266 -16.32 -20.73 -6.76
C LEU E 266 -16.41 -20.53 -8.26
N SER E 267 -15.32 -20.86 -8.97
CA SER E 267 -15.27 -20.76 -10.45
C SER E 267 -16.50 -21.42 -11.13
N LEU E 268 -17.03 -22.51 -10.61
CA LEU E 268 -18.22 -23.09 -11.23
C LEU E 268 -19.46 -22.24 -11.08
N PHE E 269 -19.59 -21.63 -9.90
CA PHE E 269 -20.69 -20.74 -9.64
C PHE E 269 -20.63 -19.53 -10.55
N ARG E 270 -19.44 -18.95 -10.70
CA ARG E 270 -19.31 -17.81 -11.57
C ARG E 270 -19.73 -18.16 -12.99
N ARG E 271 -19.35 -19.34 -13.43
CA ARG E 271 -19.72 -19.78 -14.78
C ARG E 271 -21.23 -19.89 -14.88
N GLY E 272 -21.88 -20.36 -13.83
CA GLY E 272 -23.33 -20.39 -13.78
C GLY E 272 -23.91 -19.00 -13.92
N LEU E 273 -23.35 -18.04 -13.20
CA LEU E 273 -23.85 -16.67 -13.31
C LEU E 273 -23.69 -16.13 -14.73
N ASP E 274 -22.51 -16.31 -15.32
CA ASP E 274 -22.25 -15.88 -16.69
C ASP E 274 -23.20 -16.51 -17.71
N ALA E 275 -23.70 -17.69 -17.41
CA ALA E 275 -24.61 -18.39 -18.30
C ALA E 275 -26.06 -17.95 -18.10
N GLY E 276 -26.32 -17.08 -17.13
CA GLY E 276 -27.67 -16.62 -16.84
C GLY E 276 -28.46 -17.47 -15.85
N PHE E 277 -27.77 -18.24 -15.00
CA PHE E 277 -28.45 -19.19 -14.11
C PHE E 277 -28.83 -18.62 -12.74
N ALA E 278 -28.64 -17.33 -12.54
CA ALA E 278 -28.71 -16.73 -11.18
C ALA E 278 -29.93 -17.13 -10.37
N GLU E 279 -31.08 -17.20 -11.03
CA GLU E 279 -32.32 -17.49 -10.32
C GLU E 279 -32.64 -19.01 -10.28
N SER E 280 -31.82 -19.84 -10.90
CA SER E 280 -32.03 -21.30 -10.90
C SER E 280 -31.33 -21.93 -9.70
N SER E 281 -31.70 -23.17 -9.40
CA SER E 281 -31.05 -23.88 -8.29
C SER E 281 -29.67 -24.36 -8.68
N PHE E 282 -28.94 -24.72 -7.65
CA PHE E 282 -27.59 -25.17 -7.75
C PHE E 282 -27.41 -26.32 -8.75
N ALA E 283 -28.38 -27.22 -8.79
CA ALA E 283 -28.28 -28.43 -9.61
C ALA E 283 -28.09 -28.15 -11.09
N ARG E 284 -28.51 -26.99 -11.53
CA ARG E 284 -28.43 -26.61 -12.93
C ARG E 284 -26.98 -26.50 -13.41
N LEU E 285 -26.07 -26.32 -12.47
CA LEU E 285 -24.63 -26.28 -12.80
C LEU E 285 -24.16 -27.57 -13.49
N VAL E 286 -24.89 -28.66 -13.33
CA VAL E 286 -24.51 -29.92 -13.99
C VAL E 286 -24.48 -29.76 -15.50
N THR E 287 -25.37 -28.91 -16.03
CA THR E 287 -25.41 -28.65 -17.46
C THR E 287 -24.17 -27.94 -17.99
N LEU E 288 -23.44 -27.26 -17.11
CA LEU E 288 -22.12 -26.70 -17.46
C LEU E 288 -21.02 -27.76 -17.50
N MET E 289 -21.22 -28.88 -16.82
CA MET E 289 -20.25 -29.95 -16.80
C MET E 289 -20.56 -31.10 -17.77
N ASP E 290 -21.85 -31.27 -18.12
CA ASP E 290 -22.27 -32.31 -19.05
C ASP E 290 -21.47 -32.39 -20.36
N ALA E 291 -21.43 -33.58 -20.94
CA ALA E 291 -20.95 -33.77 -22.33
C ALA E 291 -21.93 -33.16 -23.33
N GLU E 292 -21.42 -32.76 -24.51
CA GLU E 292 -22.24 -32.51 -25.71
C GLU E 292 -22.50 -33.90 -26.30
N SER F 9 -16.70 45.98 2.83
CA SER F 9 -16.03 45.69 4.08
C SER F 9 -14.74 46.45 4.26
N PRO F 10 -14.78 47.43 5.26
CA PRO F 10 -13.68 48.38 5.19
C PRO F 10 -12.35 47.96 5.77
N VAL F 11 -11.37 48.53 5.13
CA VAL F 11 -9.99 48.43 5.49
C VAL F 11 -9.16 49.53 4.84
N THR F 12 -8.32 49.94 5.71
CA THR F 12 -7.26 50.93 5.84
C THR F 12 -5.89 50.26 5.89
N LEU F 13 -4.92 50.93 5.28
CA LEU F 13 -3.52 50.57 5.21
C LEU F 13 -2.62 51.81 5.22
N ILE F 14 -1.69 51.95 5.54
CA ILE F 14 -0.46 52.71 5.82
C ILE F 14 0.91 52.00 5.82
N GLY F 15 1.74 52.49 4.91
CA GLY F 15 3.03 52.13 4.35
C GLY F 15 2.87 51.40 3.03
N LEU F 16 3.44 51.94 1.96
CA LEU F 16 3.31 51.37 0.63
C LEU F 16 4.67 51.02 -0.02
N GLY F 17 5.58 50.46 0.77
CA GLY F 17 6.66 49.72 0.18
C GLY F 17 6.12 48.48 -0.51
N PRO F 18 7.00 47.65 -1.06
CA PRO F 18 6.57 46.43 -1.70
C PRO F 18 5.57 45.56 -0.91
N MET F 19 5.82 45.42 0.38
CA MET F 19 4.97 44.60 1.18
C MET F 19 3.57 45.20 1.25
N GLY F 20 3.50 46.49 1.56
CA GLY F 20 2.22 47.16 1.62
C GLY F 20 1.47 47.09 0.30
N GLN F 21 2.19 47.29 -0.80
CA GLN F 21 1.51 47.20 -2.14
C GLN F 21 0.94 45.81 -2.40
N ALA F 22 1.72 44.77 -2.09
CA ALA F 22 1.21 43.41 -2.18
C ALA F 22 0.02 43.18 -1.25
N MET F 23 0.08 43.70 -0.03
CA MET F 23 -1.05 43.50 0.91
C MET F 23 -2.28 44.22 0.38
N ALA F 24 -2.09 45.41 -0.13
CA ALA F 24 -3.21 46.16 -0.70
C ALA F 24 -3.91 45.39 -1.83
N GLY F 25 -3.11 44.85 -2.75
CA GLY F 25 -3.64 44.13 -3.90
C GLY F 25 -4.42 42.89 -3.52
N ALA F 26 -3.90 42.12 -2.58
CA ALA F 26 -4.66 40.96 -2.07
C ALA F 26 -6.00 41.36 -1.47
N LEU F 27 -5.99 42.45 -0.70
CA LEU F 27 -7.22 42.92 -0.06
C LEU F 27 -8.26 43.41 -1.09
N LEU F 28 -7.82 44.18 -2.07
CA LEU F 28 -8.68 44.56 -3.20
C LEU F 28 -9.28 43.34 -3.93
N GLU F 29 -8.43 42.41 -4.35
CA GLU F 29 -8.88 41.19 -5.04
C GLU F 29 -9.88 40.40 -4.19
N ALA F 30 -9.75 40.42 -2.87
CA ALA F 30 -10.69 39.71 -2.00
C ALA F 30 -12.00 40.50 -1.68
N GLY F 31 -12.18 41.69 -2.26
CA GLY F 31 -13.43 42.46 -2.10
C GLY F 31 -13.51 43.42 -0.92
N TYR F 32 -12.37 43.78 -0.32
CA TYR F 32 -12.38 44.76 0.78
C TYR F 32 -12.42 46.20 0.23
N GLU F 33 -13.07 47.10 0.97
CA GLU F 33 -13.10 48.52 0.63
C GLU F 33 -11.89 49.16 1.27
N LEU F 34 -10.88 49.41 0.46
CA LEU F 34 -9.56 49.79 0.98
C LEU F 34 -9.33 51.30 0.93
N THR F 35 -8.78 51.84 2.02
CA THR F 35 -8.28 53.22 2.03
C THR F 35 -6.79 53.22 2.40
N VAL F 36 -6.00 54.02 1.66
CA VAL F 36 -4.57 54.11 1.85
C VAL F 36 -4.12 55.54 2.07
N TRP F 37 -2.98 55.72 2.73
CA TRP F 37 -2.32 57.00 2.81
C TRP F 37 -0.81 56.77 2.71
N ASN F 38 -0.13 57.74 2.07
CA ASN F 38 1.32 57.75 1.97
C ASN F 38 1.82 59.20 1.92
N ARG F 39 3.06 59.40 2.36
CA ARG F 39 3.69 60.72 2.36
C ARG F 39 3.76 61.28 0.95
N THR F 40 3.99 60.38 -0.03
CA THR F 40 4.02 60.71 -1.47
C THR F 40 2.81 60.16 -2.26
N LYS F 41 2.09 61.01 -2.99
CA LYS F 41 0.85 60.60 -3.67
C LYS F 41 1.02 59.62 -4.86
N ALA F 42 2.22 59.54 -5.40
CA ALA F 42 2.46 58.80 -6.63
C ALA F 42 2.23 57.30 -6.47
N LYS F 43 2.76 56.72 -5.39
CA LYS F 43 2.71 55.26 -5.18
C LYS F 43 1.29 54.72 -5.05
N ALA F 44 0.36 55.61 -4.81
CA ALA F 44 -1.00 55.20 -4.52
C ALA F 44 -1.94 55.32 -5.72
N GLU F 45 -1.59 56.16 -6.69
CA GLU F 45 -2.38 56.33 -7.93
C GLU F 45 -2.66 54.96 -8.55
N ALA F 46 -1.63 54.11 -8.54
CA ALA F 46 -1.74 52.75 -9.04
C ALA F 46 -2.87 51.95 -8.39
N LEU F 47 -2.96 52.03 -7.05
CA LEU F 47 -3.99 51.32 -6.28
C LEU F 47 -5.34 52.01 -6.43
N ALA F 48 -5.33 53.33 -6.56
CA ALA F 48 -6.55 54.09 -6.77
C ALA F 48 -7.22 53.67 -8.05
N GLU F 49 -6.41 53.49 -9.10
CA GLU F 49 -6.93 52.97 -10.38
C GLU F 49 -7.67 51.64 -10.21
N ARG F 50 -7.15 50.77 -9.33
CA ARG F 50 -7.77 49.47 -9.03
C ARG F 50 -8.88 49.53 -7.96
N GLY F 51 -9.28 50.75 -7.55
CA GLY F 51 -10.43 50.94 -6.66
C GLY F 51 -10.16 51.35 -5.22
N ALA F 52 -8.91 51.71 -4.91
CA ALA F 52 -8.58 52.13 -3.55
C ALA F 52 -8.88 53.61 -3.36
N ALA F 53 -9.45 53.96 -2.20
CA ALA F 53 -9.57 55.36 -1.85
C ALA F 53 -8.23 55.82 -1.34
N VAL F 54 -7.80 57.02 -1.71
CA VAL F 54 -6.56 57.60 -1.21
C VAL F 54 -6.89 58.77 -0.27
N ALA F 55 -6.47 58.67 0.98
CA ALA F 55 -6.75 59.68 2.00
C ALA F 55 -5.75 60.83 1.91
N ASP F 56 -6.23 62.03 2.25
CA ASP F 56 -5.41 63.24 2.23
C ASP F 56 -4.49 63.35 3.45
N SER F 57 -4.88 62.74 4.56
CA SER F 57 -4.07 62.76 5.79
C SER F 57 -4.14 61.44 6.53
N PRO F 58 -3.16 61.22 7.41
CA PRO F 58 -3.24 60.05 8.28
C PRO F 58 -4.51 60.00 9.14
N ALA F 59 -4.93 61.15 9.67
CA ALA F 59 -6.16 61.23 10.46
C ALA F 59 -7.38 60.77 9.67
N GLU F 60 -7.48 61.26 8.44
CA GLU F 60 -8.57 60.86 7.54
C GLU F 60 -8.55 59.32 7.32
N ALA F 61 -7.35 58.76 7.14
CA ALA F 61 -7.22 57.31 6.90
C ALA F 61 -7.68 56.50 8.10
N LEU F 62 -7.29 56.93 9.29
CA LEU F 62 -7.80 56.31 10.52
C LEU F 62 -9.34 56.35 10.63
N ARG F 63 -9.95 57.41 10.13
CA ARG F 63 -11.41 57.55 10.23
C ARG F 63 -12.21 56.71 9.25
N ALA F 64 -11.56 56.16 8.22
CA ALA F 64 -12.28 55.44 7.18
C ALA F 64 -13.11 54.28 7.74
N GLY F 65 -12.73 53.76 8.90
CA GLY F 65 -13.59 52.89 9.68
C GLY F 65 -13.10 51.47 9.88
N GLY F 66 -12.27 50.99 8.96
CA GLY F 66 -11.80 49.61 9.11
C GLY F 66 -10.71 49.50 10.17
N PRO F 67 -10.23 48.28 10.42
CA PRO F 67 -8.99 48.12 11.16
C PRO F 67 -7.86 48.77 10.40
N VAL F 68 -6.84 49.25 11.12
CA VAL F 68 -5.73 49.96 10.55
C VAL F 68 -4.47 49.08 10.51
N LEU F 69 -4.05 48.78 9.28
CA LEU F 69 -2.87 47.98 8.98
C LEU F 69 -1.68 48.89 8.82
N LEU F 70 -0.59 48.60 9.51
CA LEU F 70 0.66 49.36 9.31
C LEU F 70 1.74 48.44 8.73
N SER F 71 2.41 48.92 7.70
CA SER F 71 3.56 48.24 7.08
C SER F 71 4.67 49.27 6.84
N LEU F 72 5.35 49.64 7.92
CA LEU F 72 6.38 50.65 7.92
C LEU F 72 7.75 50.07 8.15
N THR F 73 8.75 50.90 7.98
CA THR F 73 10.12 50.46 8.11
C THR F 73 10.52 50.14 9.56
N GLU F 74 10.01 50.93 10.50
CA GLU F 74 10.26 50.74 11.95
C GLU F 74 9.17 51.45 12.73
N HIS F 75 9.01 51.08 14.00
CA HIS F 75 7.91 51.61 14.78
C HIS F 75 8.03 53.11 15.00
N ALA F 76 9.25 53.64 15.00
CA ALA F 76 9.48 55.05 15.16
C ALA F 76 8.75 55.88 14.11
N VAL F 77 8.57 55.31 12.91
CA VAL F 77 7.81 55.97 11.88
C VAL F 77 6.36 56.15 12.30
N MET F 78 5.79 55.19 13.02
CA MET F 78 4.40 55.26 13.45
C MET F 78 4.15 56.51 14.27
N TYR F 79 5.06 56.83 15.19
CA TYR F 79 4.89 58.02 16.05
C TYR F 79 4.93 59.31 15.25
N ARG F 80 5.73 59.32 14.19
CA ARG F 80 5.92 60.51 13.34
C ARG F 80 4.70 60.74 12.44
N VAL F 81 4.32 59.72 11.67
CA VAL F 81 3.19 59.83 10.77
C VAL F 81 1.84 60.06 11.47
N LEU F 82 1.65 59.50 12.66
CA LEU F 82 0.40 59.67 13.41
C LEU F 82 0.41 60.86 14.36
N GLU F 83 1.42 61.72 14.23
CA GLU F 83 1.58 62.85 15.12
C GLU F 83 0.37 63.78 14.88
N GLY F 84 -0.37 64.16 15.91
CA GLY F 84 -1.56 64.99 15.71
C GLY F 84 -2.81 64.27 15.22
N ALA F 85 -2.79 62.94 15.01
CA ALA F 85 -4.01 62.17 14.76
C ALA F 85 -4.36 61.31 15.98
N GLU F 86 -3.75 61.63 17.11
CA GLU F 86 -3.87 60.76 18.30
C GLU F 86 -5.29 60.63 18.79
N SER F 87 -6.06 61.70 18.66
CA SER F 87 -7.45 61.73 19.07
C SER F 87 -8.29 60.74 18.27
N ASP F 88 -7.91 60.55 17.00
CA ASP F 88 -8.60 59.61 16.13
C ASP F 88 -8.24 58.14 16.34
N LEU F 89 -7.39 57.82 17.31
CA LEU F 89 -7.09 56.43 17.65
C LEU F 89 -8.11 55.80 18.56
N LYS F 90 -8.86 56.61 19.31
CA LYS F 90 -9.85 56.09 20.23
C LYS F 90 -10.83 55.20 19.53
N GLY F 91 -11.01 53.99 20.03
CA GLY F 91 -11.92 53.02 19.42
C GLY F 91 -11.39 52.29 18.17
N ARG F 92 -10.19 52.62 17.70
CA ARG F 92 -9.61 51.93 16.54
C ARG F 92 -8.87 50.67 16.96
N THR F 93 -8.63 49.84 15.95
CA THR F 93 -7.81 48.67 16.09
C THR F 93 -6.60 48.86 15.15
N ILE F 94 -5.41 48.75 15.73
CA ILE F 94 -4.16 48.79 14.99
C ILE F 94 -3.61 47.36 14.85
N LEU F 95 -3.36 46.97 13.61
CA LEU F 95 -2.69 45.72 13.29
C LEU F 95 -1.34 46.10 12.66
N ASN F 96 -0.29 46.09 13.48
CA ASN F 96 1.01 46.50 13.04
C ASN F 96 1.72 45.28 12.46
N LEU F 97 1.86 45.26 11.13
CA LEU F 97 2.46 44.14 10.42
C LEU F 97 3.96 44.36 10.07
N GLY F 98 4.54 45.45 10.55
CA GLY F 98 5.95 45.80 10.32
C GLY F 98 6.84 45.28 11.42
N SER F 99 8.11 45.06 11.08
CA SER F 99 9.09 44.46 11.99
C SER F 99 9.74 45.49 12.81
N ASP F 100 10.02 45.14 14.06
CA ASP F 100 10.90 45.96 14.88
C ASP F 100 11.16 45.14 16.11
N THR F 101 11.91 45.68 17.08
CA THR F 101 12.27 44.87 18.24
C THR F 101 11.07 44.54 19.12
N PRO F 102 11.19 43.48 19.92
CA PRO F 102 10.16 43.17 20.90
C PRO F 102 9.91 44.35 21.86
N ALA F 103 10.97 44.98 22.36
CA ALA F 103 10.80 46.11 23.25
C ALA F 103 10.06 47.24 22.54
N ALA F 104 10.41 47.55 21.29
CA ALA F 104 9.73 48.63 20.58
C ALA F 104 8.27 48.28 20.42
N SER F 105 7.97 46.98 20.20
CA SER F 105 6.62 46.54 19.90
C SER F 105 5.77 46.68 21.15
N ARG F 106 6.34 46.31 22.29
CA ARG F 106 5.66 46.48 23.56
C ARG F 106 5.39 47.95 23.88
N ALA F 107 6.33 48.84 23.56
CA ALA F 107 6.12 50.26 23.74
C ALA F 107 5.04 50.81 22.79
N ALA F 108 5.08 50.38 21.55
CA ALA F 108 4.12 50.85 20.55
C ALA F 108 2.68 50.46 20.99
N ALA F 109 2.52 49.24 21.46
CA ALA F 109 1.25 48.75 21.91
C ALA F 109 0.74 49.58 23.10
N ALA F 110 1.61 49.82 24.08
CA ALA F 110 1.24 50.62 25.25
C ALA F 110 0.85 52.03 24.86
N TRP F 111 1.56 52.60 23.89
CA TRP F 111 1.25 53.94 23.40
C TRP F 111 -0.13 53.97 22.76
N ALA F 112 -0.38 52.97 21.92
CA ALA F 112 -1.65 52.92 21.19
C ALA F 112 -2.82 52.71 22.13
N GLU F 113 -2.67 51.77 23.07
CA GLU F 113 -3.69 51.53 24.09
C GLU F 113 -3.94 52.76 24.97
N GLY F 114 -2.89 53.52 25.22
CA GLY F 114 -3.00 54.75 25.98
C GLY F 114 -3.89 55.77 25.31
N HIS F 115 -3.96 55.74 23.97
CA HIS F 115 -4.87 56.62 23.20
C HIS F 115 -6.17 55.91 22.84
N GLY F 116 -6.47 54.82 23.52
CA GLY F 116 -7.77 54.14 23.37
C GLY F 116 -7.93 53.24 22.17
N ALA F 117 -6.82 52.81 21.55
CA ALA F 117 -6.88 51.81 20.49
C ALA F 117 -6.60 50.42 21.04
N ARG F 118 -7.03 49.40 20.30
CA ARG F 118 -6.52 48.05 20.53
C ARG F 118 -5.33 47.79 19.59
N TYR F 119 -4.44 46.87 19.96
CA TYR F 119 -3.22 46.64 19.18
C TYR F 119 -2.83 45.18 19.07
N VAL F 120 -2.50 44.81 17.84
CA VAL F 120 -2.03 43.46 17.55
C VAL F 120 -0.74 43.60 16.73
N THR F 121 0.24 42.78 17.07
CA THR F 121 1.51 42.73 16.38
C THR F 121 1.48 41.55 15.40
N GLY F 122 1.87 41.81 14.16
CA GLY F 122 2.14 40.75 13.17
C GLY F 122 3.62 40.60 12.79
N GLY F 123 4.07 39.37 12.60
CA GLY F 123 5.38 39.11 12.02
C GLY F 123 5.17 38.29 10.75
N VAL F 124 5.26 38.94 9.60
CA VAL F 124 4.89 38.37 8.34
C VAL F 124 6.03 37.59 7.66
N MET F 125 5.91 36.27 7.70
CA MET F 125 6.95 35.39 7.23
C MET F 125 6.71 35.05 5.75
N SER F 126 6.64 36.10 4.93
CA SER F 126 6.57 35.96 3.50
C SER F 126 7.14 37.18 2.81
N PRO F 127 7.74 37.00 1.61
CA PRO F 127 8.23 38.18 0.87
C PRO F 127 6.99 38.69 0.19
N ALA F 128 7.07 39.86 -0.38
CA ALA F 128 5.95 40.48 -1.03
C ALA F 128 5.18 39.62 -2.07
N PRO F 129 5.90 39.01 -3.03
CA PRO F 129 5.28 38.08 -3.98
C PRO F 129 4.53 36.87 -3.37
N GLY F 130 4.84 36.49 -2.13
CA GLY F 130 4.15 35.40 -1.48
C GLY F 130 2.83 35.77 -0.85
N ILE F 131 2.48 37.05 -0.83
CA ILE F 131 1.34 37.50 -0.02
C ILE F 131 0.00 36.86 -0.38
N GLY F 132 -0.30 36.66 -1.63
CA GLY F 132 -1.54 35.86 -1.90
C GLY F 132 -1.56 34.38 -1.44
N SER F 133 -0.39 33.76 -1.30
CA SER F 133 -0.15 32.28 -1.28
C SER F 133 -0.71 31.38 -0.21
N SER F 134 -0.53 30.07 -0.44
CA SER F 134 -0.94 29.01 0.51
C SER F 134 0.22 28.45 1.36
N SER F 135 1.46 28.69 0.92
CA SER F 135 2.65 28.14 1.57
C SER F 135 3.13 28.98 2.77
N VAL F 136 2.62 30.20 2.95
CA VAL F 136 3.20 31.12 3.94
C VAL F 136 2.34 31.34 5.20
N PHE F 137 2.98 31.84 6.26
CA PHE F 137 2.26 32.19 7.47
C PHE F 137 2.79 33.48 8.14
N SER F 138 2.11 33.93 9.18
CA SER F 138 2.52 35.08 9.97
C SER F 138 2.27 34.80 11.46
N PHE F 139 3.15 35.28 12.32
CA PHE F 139 2.93 35.19 13.75
C PHE F 139 2.10 36.41 14.20
N TYR F 140 1.22 36.22 15.19
CA TYR F 140 0.42 37.32 15.76
C TYR F 140 0.43 37.21 17.27
N SER F 141 0.39 38.36 17.92
CA SER F 141 0.31 38.42 19.37
C SER F 141 -0.22 39.80 19.76
N GLY F 142 -0.61 39.96 21.02
CA GLY F 142 -1.34 41.17 21.44
C GLY F 142 -2.82 40.90 21.78
N ASP F 143 -3.70 41.83 21.39
CA ASP F 143 -5.10 41.78 21.77
C ASP F 143 -5.83 40.63 21.10
N ARG F 144 -6.22 39.65 21.91
CA ARG F 144 -6.85 38.40 21.42
C ARG F 144 -8.16 38.63 20.66
N ALA F 145 -9.03 39.43 21.25
CA ALA F 145 -10.31 39.76 20.65
C ALA F 145 -10.11 40.42 19.32
N ALA F 146 -9.23 41.43 19.28
CA ALA F 146 -9.03 42.18 18.04
C ALA F 146 -8.45 41.27 16.95
N PHE F 147 -7.58 40.34 17.35
CA PHE F 147 -7.08 39.36 16.41
C PHE F 147 -8.24 38.55 15.83
N GLU F 148 -9.09 37.99 16.71
CA GLU F 148 -10.23 37.14 16.27
C GLU F 148 -11.20 37.86 15.34
N GLU F 149 -11.51 39.10 15.66
CA GLU F 149 -12.38 39.91 14.82
C GLU F 149 -11.82 40.10 13.42
N ASN F 150 -10.50 40.13 13.31
CA ASN F 150 -9.86 40.41 12.01
C ASN F 150 -9.12 39.20 11.43
N LYS F 151 -9.33 38.03 12.02
CA LYS F 151 -8.68 36.82 11.57
C LYS F 151 -8.92 36.54 10.09
N ALA F 152 -10.17 36.60 9.67
CA ALA F 152 -10.52 36.34 8.25
C ALA F 152 -9.84 37.30 7.29
N LEU F 153 -9.79 38.56 7.67
CA LEU F 153 -9.08 39.56 6.88
C LEU F 153 -7.58 39.21 6.79
N LEU F 154 -7.00 38.82 7.91
CA LEU F 154 -5.56 38.52 7.94
C LEU F 154 -5.24 37.25 7.14
N GLU F 155 -6.20 36.32 7.08
CA GLU F 155 -6.03 35.06 6.33
C GLU F 155 -6.04 35.30 4.83
N VAL F 156 -6.50 36.47 4.40
CA VAL F 156 -6.36 36.89 3.00
C VAL F 156 -4.88 37.05 2.66
N LEU F 157 -4.09 37.53 3.62
CA LEU F 157 -2.68 37.78 3.39
C LEU F 157 -1.88 36.50 3.54
N THR F 158 -2.10 35.79 4.63
CA THR F 158 -1.28 34.65 4.89
C THR F 158 -2.00 33.81 5.95
N ALA F 159 -1.61 32.55 6.14
CA ALA F 159 -2.11 31.80 7.29
C ALA F 159 -1.68 32.53 8.58
N THR F 160 -2.40 32.29 9.68
CA THR F 160 -2.16 33.02 10.90
C THR F 160 -1.75 32.07 12.01
N ASP F 161 -0.97 32.56 12.94
CA ASP F 161 -0.48 31.74 14.05
C ASP F 161 -0.34 32.67 15.26
N PHE F 162 -1.39 32.69 16.08
CA PHE F 162 -1.47 33.58 17.25
C PHE F 162 -0.76 32.92 18.40
N ARG F 163 0.14 33.66 19.05
CA ARG F 163 1.07 33.11 20.01
C ARG F 163 0.77 33.53 21.44
N GLY F 164 -0.01 34.58 21.63
CA GLY F 164 -0.31 35.06 22.99
C GLY F 164 -0.66 36.53 23.04
N GLU F 165 -0.92 36.99 24.24
CA GLU F 165 -1.41 38.34 24.46
C GLU F 165 -0.28 39.35 24.63
N ASP F 166 0.91 38.86 24.95
CA ASP F 166 2.10 39.73 24.97
C ASP F 166 2.38 40.31 23.55
N PRO F 167 2.18 41.61 23.37
CA PRO F 167 2.39 42.20 22.04
C PRO F 167 3.83 42.13 21.51
N GLY F 168 4.79 41.83 22.36
CA GLY F 168 6.18 41.62 21.94
C GLY F 168 6.48 40.22 21.42
N LEU F 169 5.65 39.24 21.80
CA LEU F 169 5.95 37.83 21.50
C LEU F 169 6.00 37.44 20.02
N ALA F 170 5.06 37.93 19.21
CA ALA F 170 5.14 37.65 17.77
C ALA F 170 6.48 38.17 17.17
N GLN F 171 7.02 39.26 17.74
CA GLN F 171 8.25 39.86 17.21
C GLN F 171 9.43 39.05 17.63
N VAL F 172 9.36 38.47 18.82
CA VAL F 172 10.41 37.59 19.28
C VAL F 172 10.55 36.46 18.27
N TYR F 173 9.42 35.80 17.94
CA TYR F 173 9.44 34.72 16.98
C TYR F 173 9.96 35.19 15.64
N TYR F 174 9.47 36.34 15.21
CA TYR F 174 9.83 36.84 13.91
C TYR F 174 11.35 37.08 13.82
N GLN F 175 11.88 37.80 14.78
CA GLN F 175 13.25 38.20 14.71
C GLN F 175 14.17 36.97 14.80
N ILE F 176 13.80 35.98 15.60
CA ILE F 176 14.59 34.75 15.71
C ILE F 176 14.71 34.10 14.33
N LEU F 177 13.58 34.00 13.63
CA LEU F 177 13.59 33.41 12.29
C LEU F 177 14.32 34.27 11.28
N LEU F 178 14.18 35.58 11.37
CA LEU F 178 14.87 36.46 10.40
C LEU F 178 16.39 36.45 10.62
N ASP F 179 16.81 36.20 11.84
CA ASP F 179 18.22 36.04 12.18
C ASP F 179 18.82 34.89 11.35
N LEU F 180 18.16 33.74 11.35
CA LEU F 180 18.63 32.61 10.55
C LEU F 180 18.54 32.93 9.08
N PHE F 181 17.45 33.55 8.71
CA PHE F 181 17.17 33.81 7.31
C PHE F 181 18.24 34.67 6.64
N TRP F 182 18.59 35.79 7.26
CA TRP F 182 19.52 36.71 6.61
C TRP F 182 20.92 36.15 6.65
N THR F 183 21.30 35.48 7.75
CA THR F 183 22.60 34.89 7.83
C THR F 183 22.73 33.85 6.68
N THR F 184 21.70 33.04 6.47
CA THR F 184 21.70 32.06 5.41
C THR F 184 21.79 32.71 4.06
N MET F 185 20.97 33.75 3.84
CA MET F 185 20.91 34.40 2.52
C MET F 185 22.18 35.14 2.13
N THR F 186 22.86 35.75 3.11
CA THR F 186 24.12 36.38 2.83
C THR F 186 25.22 35.31 2.57
N GLY F 187 25.18 34.21 3.31
CA GLY F 187 25.99 33.02 2.96
C GLY F 187 25.74 32.49 1.56
N TYR F 188 24.48 32.46 1.15
CA TYR F 188 24.14 32.02 -0.20
C TYR F 188 24.77 32.93 -1.28
N LEU F 189 24.67 34.23 -1.08
CA LEU F 189 25.29 35.18 -2.00
C LEU F 189 26.81 35.04 -2.02
N HIS F 190 27.41 34.78 -0.88
CA HIS F 190 28.81 34.62 -0.85
C HIS F 190 29.20 33.34 -1.64
N ALA F 191 28.44 32.26 -1.46
CA ALA F 191 28.67 31.03 -2.17
C ALA F 191 28.58 31.24 -3.67
N LEU F 192 27.57 32.00 -4.10
CA LEU F 192 27.42 32.29 -5.51
C LEU F 192 28.58 33.14 -6.04
N ALA F 193 29.11 34.03 -5.23
CA ALA F 193 30.26 34.84 -5.64
C ALA F 193 31.49 33.97 -5.88
N VAL F 194 31.66 32.97 -5.04
CA VAL F 194 32.79 32.03 -5.22
C VAL F 194 32.58 31.24 -6.51
N ALA F 195 31.35 30.76 -6.74
CA ALA F 195 31.04 30.09 -7.98
C ALA F 195 31.43 30.94 -9.19
N ARG F 196 31.02 32.20 -9.19
CA ARG F 196 31.29 33.12 -10.34
C ARG F 196 32.76 33.34 -10.50
N ALA F 197 33.46 33.47 -9.38
CA ALA F 197 34.90 33.74 -9.41
C ALA F 197 35.66 32.53 -9.94
N GLU F 198 35.14 31.32 -9.69
CA GLU F 198 35.82 30.09 -10.14
C GLU F 198 35.28 29.55 -11.46
N GLY F 199 34.42 30.31 -12.13
CA GLY F 199 33.90 29.92 -13.42
C GLY F 199 32.76 28.91 -13.44
N VAL F 200 32.16 28.61 -12.30
CA VAL F 200 31.02 27.70 -12.31
C VAL F 200 29.73 28.53 -12.45
N PRO F 201 28.94 28.24 -13.48
CA PRO F 201 27.73 29.01 -13.78
C PRO F 201 26.67 28.90 -12.70
N VAL F 202 25.95 30.00 -12.48
CA VAL F 202 24.98 30.10 -11.41
C VAL F 202 23.91 29.05 -11.59
N GLY F 203 23.47 28.87 -12.83
CA GLY F 203 22.50 27.83 -13.16
C GLY F 203 22.98 26.40 -12.86
N THR F 204 24.28 26.18 -12.87
CA THR F 204 24.80 24.85 -12.58
C THR F 204 24.93 24.60 -11.07
N ILE F 205 25.45 25.58 -10.33
CA ILE F 205 25.68 25.40 -8.90
C ILE F 205 24.36 25.42 -8.09
N THR F 206 23.35 26.14 -8.57
CA THR F 206 22.18 26.46 -7.76
C THR F 206 21.46 25.20 -7.26
N PRO F 207 21.22 24.21 -8.14
CA PRO F 207 20.56 22.98 -7.64
C PRO F 207 21.35 22.26 -6.55
N TYR F 208 22.67 22.31 -6.63
CA TYR F 208 23.49 21.73 -5.55
C TYR F 208 23.33 22.48 -4.21
N LEU F 209 23.25 23.81 -4.28
CA LEU F 209 23.11 24.62 -3.06
C LEU F 209 21.74 24.32 -2.43
N ILE F 210 20.74 24.24 -3.27
CA ILE F 210 19.40 23.93 -2.80
C ILE F 210 19.27 22.49 -2.25
N GLU F 211 19.89 21.50 -2.90
CA GLU F 211 19.66 20.08 -2.58
C GLU F 211 20.80 19.32 -1.89
N GLY F 212 22.00 19.87 -1.91
CA GLY F 212 23.21 19.11 -1.53
C GLY F 212 23.20 18.48 -0.14
N ASN F 213 22.87 19.29 0.85
CA ASN F 213 22.74 18.86 2.24
C ASN F 213 21.29 19.03 2.71
N ASP F 214 20.72 17.99 3.32
CA ASP F 214 19.37 18.03 3.91
C ASP F 214 19.46 18.73 5.26
N MET F 215 19.16 20.02 5.29
CA MET F 215 19.46 20.77 6.49
C MET F 215 18.58 20.39 7.67
N ALA F 216 17.39 19.88 7.39
CA ALA F 216 16.46 19.45 8.43
C ALA F 216 17.15 18.53 9.43
N MET F 217 17.89 17.57 8.91
CA MET F 217 18.58 16.59 9.74
C MET F 217 19.64 17.25 10.61
N PHE F 218 20.43 18.14 10.03
CA PHE F 218 21.48 18.83 10.80
C PHE F 218 20.87 19.76 11.86
N PHE F 219 19.78 20.43 11.50
CA PHE F 219 19.10 21.31 12.43
C PHE F 219 18.56 20.54 13.62
N GLU F 220 17.85 19.44 13.34
CA GLU F 220 17.26 18.62 14.43
C GLU F 220 18.33 18.16 15.42
N GLY F 221 19.44 17.64 14.89
CA GLY F 221 20.51 17.12 15.73
C GLY F 221 21.21 18.22 16.50
N THR F 222 21.38 19.37 15.86
CA THR F 222 21.94 20.53 16.56
C THR F 222 21.02 20.97 17.71
N SER F 223 19.72 21.11 17.45
CA SER F 223 18.75 21.50 18.51
C SER F 223 18.74 20.54 19.68
N ALA F 224 18.71 19.23 19.35
CA ALA F 224 18.76 18.20 20.40
C ALA F 224 20.00 18.36 21.25
N ALA F 225 21.15 18.55 20.63
CA ALA F 225 22.42 18.67 21.39
C ALA F 225 22.40 19.89 22.28
N VAL F 226 21.90 21.01 21.76
CA VAL F 226 21.84 22.25 22.53
C VAL F 226 20.89 22.04 23.70
N ALA F 227 19.74 21.39 23.47
CA ALA F 227 18.79 21.12 24.54
C ALA F 227 19.44 20.26 25.65
N GLU F 228 20.09 19.17 25.27
CA GLU F 228 20.82 18.36 26.25
C GLU F 228 21.95 19.04 27.01
N GLY F 229 22.68 20.00 26.45
CA GLY F 229 23.73 20.69 27.22
C GLY F 229 24.99 19.84 27.34
N ARG F 230 25.00 18.61 26.83
CA ARG F 230 26.24 17.86 26.65
C ARG F 230 26.55 17.89 25.15
N PHE F 231 27.82 18.14 24.80
CA PHE F 231 28.26 18.34 23.42
C PHE F 231 29.41 17.39 23.10
N PRO F 232 29.11 16.08 23.03
CA PRO F 232 30.12 15.06 22.77
C PRO F 232 30.71 15.12 21.36
N GLY F 233 32.03 14.97 21.26
CA GLY F 233 32.73 15.07 19.99
C GLY F 233 32.89 13.80 19.17
N ASP F 234 31.96 12.86 19.28
CA ASP F 234 31.95 11.68 18.41
C ASP F 234 31.29 11.99 17.06
N GLU F 235 30.41 12.99 16.97
CA GLU F 235 29.74 13.33 15.73
C GLU F 235 30.49 14.36 14.85
N ASP F 236 31.15 15.31 15.50
CA ASP F 236 31.93 16.28 14.79
C ASP F 236 32.72 16.88 15.94
N ARG F 237 33.85 17.50 15.62
CA ARG F 237 34.68 18.16 16.64
C ARG F 237 35.10 19.54 16.18
N ILE F 238 35.11 20.47 17.10
CA ILE F 238 35.38 21.85 16.77
C ILE F 238 36.75 22.06 16.12
N SER F 239 37.78 21.32 16.55
CA SER F 239 39.10 21.40 15.91
C SER F 239 39.04 21.08 14.42
N MET F 240 38.27 20.06 14.05
CA MET F 240 38.11 19.73 12.62
C MET F 240 37.20 20.71 11.88
N ASP F 241 36.14 21.16 12.56
CA ASP F 241 35.22 22.13 11.96
C ASP F 241 35.98 23.41 11.69
N ALA F 242 36.81 23.81 12.63
CA ALA F 242 37.64 25.00 12.47
C ALA F 242 38.58 24.89 11.25
N ALA F 243 39.22 23.74 11.10
CA ALA F 243 40.08 23.52 9.95
C ALA F 243 39.26 23.56 8.65
N SER F 244 38.07 22.97 8.69
CA SER F 244 37.18 23.04 7.53
C SER F 244 36.92 24.49 7.18
N MET F 245 36.64 25.31 8.17
CA MET F 245 36.28 26.72 7.88
C MET F 245 37.48 27.52 7.37
N GLU F 246 38.66 27.21 7.89
CA GLU F 246 39.92 27.79 7.34
C GLU F 246 40.04 27.58 5.84
N HIS F 247 39.71 26.37 5.39
CA HIS F 247 39.82 26.06 3.97
C HIS F 247 38.79 26.85 3.16
N VAL F 248 37.60 27.04 3.73
CA VAL F 248 36.61 27.93 3.08
C VAL F 248 37.17 29.36 2.94
N VAL F 249 37.74 29.90 4.00
CA VAL F 249 38.22 31.29 3.94
C VAL F 249 39.37 31.42 2.96
N GLN F 250 40.30 30.46 2.99
CA GLN F 250 41.43 30.49 2.04
C GLN F 250 40.97 30.35 0.60
N THR F 251 39.98 29.51 0.37
CA THR F 251 39.43 29.35 -0.97
C THR F 251 38.87 30.68 -1.52
N SER F 252 38.21 31.41 -0.63
CA SER F 252 37.58 32.69 -0.95
C SER F 252 38.69 33.74 -1.26
N ARG F 253 39.70 33.81 -0.39
CA ARG F 253 40.93 34.61 -0.64
C ARG F 253 41.57 34.32 -2.00
N ASP F 254 41.89 33.05 -2.26
CA ASP F 254 42.52 32.65 -3.54
C ASP F 254 41.69 33.09 -4.74
N ALA F 255 40.37 33.02 -4.61
CA ALA F 255 39.52 33.39 -5.73
C ALA F 255 39.34 34.92 -5.86
N GLY F 256 39.86 35.69 -4.89
CA GLY F 256 39.67 37.14 -4.88
C GLY F 256 38.25 37.63 -4.50
N VAL F 257 37.48 36.79 -3.80
CA VAL F 257 36.17 37.14 -3.38
C VAL F 257 36.27 37.72 -1.96
N ASP F 258 35.37 38.66 -1.63
CA ASP F 258 35.42 39.31 -0.32
C ASP F 258 35.33 38.26 0.78
N THR F 259 36.13 38.38 1.83
CA THR F 259 36.19 37.39 2.86
C THR F 259 35.63 37.81 4.22
N ALA F 260 34.97 38.97 4.31
CA ALA F 260 34.46 39.42 5.64
C ALA F 260 33.48 38.43 6.26
N LEU F 261 32.53 37.92 5.46
CA LEU F 261 31.52 37.04 6.06
C LEU F 261 32.13 35.69 6.56
N PRO F 262 32.83 34.97 5.67
CA PRO F 262 33.44 33.72 6.15
C PRO F 262 34.43 33.93 7.28
N GLU F 263 35.14 35.06 7.29
CA GLU F 263 36.03 35.34 8.44
C GLU F 263 35.27 35.46 9.73
N ALA F 264 34.10 36.10 9.67
CA ALA F 264 33.28 36.28 10.86
C ALA F 264 32.83 34.90 11.36
N VAL F 265 32.47 34.02 10.42
CA VAL F 265 32.09 32.68 10.78
C VAL F 265 33.29 31.95 11.42
N LEU F 266 34.46 32.02 10.77
CA LEU F 266 35.68 31.37 11.32
C LEU F 266 36.00 31.90 12.70
N SER F 267 35.84 33.20 12.88
CA SER F 267 36.08 33.79 14.19
C SER F 267 35.37 33.13 15.35
N LEU F 268 34.16 32.62 15.14
CA LEU F 268 33.49 31.93 16.24
C LEU F 268 34.19 30.63 16.59
N PHE F 269 34.67 29.93 15.58
CA PHE F 269 35.40 28.69 15.79
C PHE F 269 36.68 28.96 16.57
N ARG F 270 37.42 30.01 16.21
CA ARG F 270 38.63 30.32 16.96
C ARG F 270 38.30 30.59 18.39
N ARG F 271 37.20 31.29 18.64
CA ARG F 271 36.82 31.57 20.01
C ARG F 271 36.53 30.28 20.74
N GLY F 272 35.91 29.33 20.06
CA GLY F 272 35.67 28.01 20.64
C GLY F 272 37.00 27.34 21.02
N LEU F 273 37.98 27.39 20.13
CA LEU F 273 39.29 26.81 20.44
C LEU F 273 39.93 27.47 21.65
N ASP F 274 39.95 28.80 21.69
CA ASP F 274 40.50 29.55 22.83
C ASP F 274 39.82 29.23 24.14
N ALA F 275 38.56 28.84 24.08
CA ALA F 275 37.80 28.51 25.27
C ALA F 275 38.02 27.06 25.71
N GLY F 276 38.80 26.30 24.95
CA GLY F 276 39.06 24.90 25.27
C GLY F 276 38.06 23.90 24.71
N PHE F 277 37.33 24.27 23.64
CA PHE F 277 36.22 23.44 23.14
C PHE F 277 36.65 22.48 22.04
N ALA F 278 37.95 22.40 21.75
CA ALA F 278 38.46 21.63 20.59
C ALA F 278 37.86 20.23 20.41
N GLU F 279 37.67 19.51 21.50
CA GLU F 279 37.16 18.13 21.42
C GLU F 279 35.63 18.03 21.55
N SER F 280 34.94 19.15 21.77
CA SER F 280 33.47 19.14 21.82
C SER F 280 32.86 19.32 20.44
N SER F 281 31.58 19.01 20.31
CA SER F 281 30.87 19.22 19.05
C SER F 281 30.59 20.70 18.80
N PHE F 282 30.29 20.99 17.54
CA PHE F 282 29.99 22.33 17.03
C PHE F 282 28.94 23.08 17.87
N ALA F 283 27.92 22.38 18.32
CA ALA F 283 26.80 22.97 19.04
C ALA F 283 27.20 23.68 20.29
N ARG F 284 28.35 23.32 20.88
CA ARG F 284 28.87 23.96 22.13
C ARG F 284 29.18 25.43 21.90
N LEU F 285 29.40 25.82 20.64
CA LEU F 285 29.62 27.25 20.31
C LEU F 285 28.43 28.17 20.69
N VAL F 286 27.24 27.59 20.84
CA VAL F 286 26.09 28.38 21.31
C VAL F 286 26.38 29.04 22.66
N THR F 287 27.16 28.37 23.52
CA THR F 287 27.48 28.90 24.84
C THR F 287 28.35 30.14 24.77
N LEU F 288 29.02 30.33 23.66
CA LEU F 288 29.77 31.57 23.43
C LEU F 288 28.88 32.70 23.02
N MET F 289 27.69 32.37 22.52
CA MET F 289 26.76 33.41 22.04
C MET F 289 25.66 33.70 23.04
N ASP F 290 25.39 32.73 23.92
CA ASP F 290 24.34 32.88 24.97
C ASP F 290 24.45 34.13 25.82
N ALA F 291 23.31 34.59 26.33
CA ALA F 291 23.27 35.74 27.25
C ALA F 291 23.89 35.36 28.59
N MET G 19 17.59 2.73 48.85
CA MET G 19 17.61 4.17 49.27
C MET G 19 18.58 4.46 50.43
N GLY G 20 18.20 4.12 51.67
CA GLY G 20 19.13 4.26 52.79
C GLY G 20 20.43 3.51 52.59
N GLN G 21 20.35 2.28 52.10
CA GLN G 21 21.57 1.52 51.86
C GLN G 21 22.33 2.43 50.90
N ALA G 22 21.85 2.53 49.67
CA ALA G 22 22.61 3.12 48.54
C ALA G 22 23.45 4.35 48.95
N MET G 23 22.97 5.12 49.93
CA MET G 23 23.87 6.19 50.41
C MET G 23 25.11 5.61 51.05
N ALA G 24 24.96 4.51 51.82
CA ALA G 24 26.03 3.85 52.60
C ALA G 24 27.29 3.83 51.75
N GLY G 25 27.15 3.52 50.45
CA GLY G 25 28.23 3.65 49.48
C GLY G 25 28.65 5.11 49.28
N ALA G 26 27.68 6.00 49.07
CA ALA G 26 27.97 7.43 48.92
C ALA G 26 28.56 8.04 50.18
N LEU G 27 28.02 7.66 51.35
CA LEU G 27 28.55 8.11 52.63
C LEU G 27 29.99 7.55 52.82
N LEU G 28 30.13 6.21 52.73
CA LEU G 28 31.33 5.47 53.06
C LEU G 28 32.26 5.87 51.95
N GLU G 29 32.79 5.00 51.09
CA GLU G 29 33.82 5.42 50.10
C GLU G 29 34.20 6.95 49.96
N ALA G 30 33.24 7.87 50.07
CA ALA G 30 33.58 9.31 50.03
C ALA G 30 34.21 9.88 51.31
N GLY G 31 34.36 9.06 52.34
CA GLY G 31 35.24 9.41 53.45
C GLY G 31 34.67 10.28 54.55
N TYR G 32 33.58 9.80 55.16
CA TYR G 32 32.81 10.52 56.19
C TYR G 32 32.55 9.90 57.61
N GLU G 33 32.16 10.78 58.54
CA GLU G 33 31.78 10.34 59.90
C GLU G 33 30.47 9.49 60.00
N LEU G 34 29.32 10.15 60.23
CA LEU G 34 27.95 9.55 60.39
C LEU G 34 27.77 8.12 60.92
N THR G 35 26.89 7.94 61.89
CA THR G 35 26.46 6.61 62.34
C THR G 35 24.96 6.48 62.04
N VAL G 36 24.61 5.45 61.26
CA VAL G 36 23.21 5.15 60.95
C VAL G 36 23.04 3.70 61.35
N TRP G 37 22.40 3.45 62.49
CA TRP G 37 21.82 2.12 62.80
C TRP G 37 20.43 2.31 63.42
N ASN G 38 19.52 1.32 63.37
CA ASN G 38 18.11 1.53 63.72
C ASN G 38 17.48 0.26 64.27
N ARG G 39 16.41 0.39 65.04
CA ARG G 39 15.83 -0.80 65.67
C ARG G 39 15.74 -2.05 64.74
N THR G 40 15.98 -1.96 63.43
CA THR G 40 16.15 -3.24 62.68
C THR G 40 17.34 -4.05 63.24
N LYS G 41 17.12 -4.67 64.40
CA LYS G 41 18.22 -5.26 65.17
C LYS G 41 18.85 -6.46 64.45
N ALA G 42 19.85 -6.19 63.61
CA ALA G 42 20.56 -7.17 62.73
C ALA G 42 20.19 -7.03 61.23
N LYS G 43 19.15 -6.26 60.85
CA LYS G 43 18.83 -6.07 59.40
C LYS G 43 19.98 -5.66 58.40
N ALA G 44 20.55 -6.68 57.74
CA ALA G 44 21.67 -6.59 56.80
C ALA G 44 22.80 -5.68 57.35
N GLU G 45 22.65 -5.35 58.64
CA GLU G 45 23.73 -4.75 59.41
C GLU G 45 24.98 -5.60 59.30
N ALA G 46 24.83 -6.92 59.35
CA ALA G 46 25.98 -7.85 59.26
C ALA G 46 26.87 -7.61 58.03
N LEU G 47 26.27 -7.47 56.86
CA LEU G 47 27.03 -7.23 55.61
C LEU G 47 27.50 -5.78 55.53
N ALA G 48 26.72 -4.86 56.12
CA ALA G 48 27.13 -3.46 56.20
C ALA G 48 28.44 -3.33 56.99
N GLU G 49 28.53 -4.04 58.12
CA GLU G 49 29.79 -4.08 58.90
C GLU G 49 30.98 -4.53 58.05
N ARG G 50 30.77 -5.50 57.17
CA ARG G 50 31.86 -6.00 56.33
C ARG G 50 32.28 -4.96 55.28
N GLY G 51 31.77 -3.72 55.39
CA GLY G 51 32.38 -2.53 54.71
C GLY G 51 32.29 -1.33 55.62
N ALA G 52 33.33 -1.14 56.42
CA ALA G 52 33.56 -0.01 57.32
C ALA G 52 32.33 0.64 58.09
N ALA G 53 31.25 -0.10 58.22
CA ALA G 53 30.01 0.46 58.76
C ALA G 53 30.08 0.48 60.27
N VAL G 54 29.71 1.61 60.88
CA VAL G 54 29.89 1.80 62.31
C VAL G 54 28.50 1.91 62.90
N ALA G 55 28.02 0.81 63.48
CA ALA G 55 26.64 0.72 63.99
C ALA G 55 26.53 1.26 65.40
N ASP G 56 25.34 1.76 65.73
CA ASP G 56 24.94 2.17 67.08
C ASP G 56 24.11 1.08 67.76
N SER G 57 23.65 1.38 68.97
CA SER G 57 23.19 0.35 69.89
C SER G 57 21.76 0.70 70.32
N PRO G 58 21.37 1.97 70.13
CA PRO G 58 20.04 2.49 70.33
C PRO G 58 19.85 3.84 69.67
N ALA G 59 18.59 4.27 69.64
CA ALA G 59 18.20 5.44 68.86
C ALA G 59 18.89 6.72 69.33
N GLU G 60 18.89 6.95 70.65
CA GLU G 60 19.54 8.12 71.23
C GLU G 60 21.06 8.12 70.93
N ALA G 61 21.69 6.94 71.01
CA ALA G 61 23.12 6.80 70.70
C ALA G 61 23.43 7.16 69.24
N LEU G 62 22.63 6.66 68.30
CA LEU G 62 22.77 7.03 66.90
C LEU G 62 22.63 8.56 66.66
N ARG G 63 21.78 9.21 67.44
CA ARG G 63 21.53 10.64 67.28
C ARG G 63 22.65 11.55 67.85
N ALA G 64 23.55 11.01 68.68
CA ALA G 64 24.59 11.81 69.34
C ALA G 64 25.47 12.57 68.35
N VAL G 68 22.14 13.29 60.90
CA VAL G 68 20.74 13.10 61.30
C VAL G 68 19.94 12.94 59.97
N LEU G 69 20.30 11.94 59.16
CA LEU G 69 19.66 11.62 57.87
C LEU G 69 18.54 10.63 58.13
N LEU G 70 17.34 10.92 57.63
CA LEU G 70 16.23 9.98 57.72
C LEU G 70 15.79 9.51 56.34
N SER G 71 15.64 8.20 56.19
CA SER G 71 15.08 7.59 54.99
C SER G 71 14.04 6.55 55.41
N LEU G 72 12.87 7.03 55.81
CA LEU G 72 11.78 6.18 56.32
C LEU G 72 10.65 6.05 55.28
N THR G 73 9.77 5.09 55.48
CA THR G 73 8.67 4.84 54.58
C THR G 73 7.66 5.99 54.66
N GLU G 74 7.50 6.58 55.85
CA GLU G 74 6.62 7.75 56.05
C GLU G 74 7.05 8.51 57.27
N HIS G 75 6.61 9.76 57.40
CA HIS G 75 7.04 10.59 58.53
C HIS G 75 6.53 10.09 59.89
N ALA G 76 5.39 9.42 59.90
CA ALA G 76 4.85 8.82 61.13
C ALA G 76 5.87 7.89 61.79
N VAL G 77 6.72 7.23 61.00
CA VAL G 77 7.76 6.35 61.51
C VAL G 77 8.78 7.13 62.34
N MET G 78 9.06 8.36 61.95
CA MET G 78 9.99 9.19 62.70
C MET G 78 9.57 9.38 64.17
N TYR G 79 8.28 9.62 64.40
CA TYR G 79 7.79 9.81 65.77
C TYR G 79 7.91 8.54 66.62
N ARG G 80 7.77 7.36 65.98
CA ARG G 80 7.82 6.05 66.64
C ARG G 80 9.29 5.69 66.99
N VAL G 81 10.17 5.70 65.99
CA VAL G 81 11.57 5.37 66.19
C VAL G 81 12.34 6.35 67.11
N LEU G 82 11.97 7.63 67.13
CA LEU G 82 12.60 8.60 68.02
C LEU G 82 11.89 8.77 69.39
N GLU G 83 10.96 7.87 69.71
CA GLU G 83 10.15 7.97 70.94
C GLU G 83 10.96 8.02 72.23
N GLY G 84 12.03 7.26 72.33
CA GLY G 84 12.93 7.43 73.47
C GLY G 84 13.43 8.86 73.54
N ALA G 85 14.30 9.21 72.61
CA ALA G 85 14.93 10.53 72.70
C ALA G 85 13.97 11.61 72.19
N ASP G 88 17.88 14.64 72.98
CA ASP G 88 19.10 14.95 72.17
C ASP G 88 18.93 15.72 70.84
N LEU G 89 17.71 16.21 70.58
CA LEU G 89 17.45 16.95 69.34
C LEU G 89 17.89 18.41 69.41
N LYS G 90 18.03 18.94 70.62
CA LYS G 90 18.42 20.34 70.82
C LYS G 90 19.76 20.63 70.14
N GLY G 91 19.79 21.64 69.27
CA GLY G 91 21.01 21.97 68.53
C GLY G 91 21.35 21.09 67.35
N ARG G 92 20.58 20.02 67.12
CA ARG G 92 20.84 19.14 65.98
C ARG G 92 20.20 19.64 64.69
N THR G 93 20.65 19.05 63.58
CA THR G 93 20.09 19.30 62.27
C THR G 93 19.57 17.95 61.71
N ILE G 94 18.27 17.91 61.41
CA ILE G 94 17.63 16.73 60.80
C ILE G 94 17.47 16.98 59.30
N LEU G 95 17.96 16.03 58.51
CA LEU G 95 17.84 16.07 57.05
C LEU G 95 16.92 14.88 56.68
N ASN G 96 15.64 15.18 56.48
CA ASN G 96 14.66 14.13 56.20
C ASN G 96 14.60 13.90 54.69
N LEU G 97 15.13 12.77 54.23
CA LEU G 97 15.22 12.49 52.79
C LEU G 97 14.09 11.56 52.30
N GLY G 98 13.14 11.23 53.18
CA GLY G 98 11.98 10.39 52.85
C GLY G 98 10.77 11.16 52.36
N SER G 99 9.96 10.51 51.54
CA SER G 99 8.81 11.12 50.91
C SER G 99 7.56 10.97 51.74
N ASP G 100 6.70 12.00 51.74
CA ASP G 100 5.41 11.98 52.45
C ASP G 100 4.69 13.24 52.03
N THR G 101 3.50 13.51 52.58
CA THR G 101 2.76 14.69 52.12
C THR G 101 3.43 15.99 52.56
N PRO G 102 3.13 17.11 51.87
CA PRO G 102 3.56 18.41 52.32
C PRO G 102 3.05 18.72 53.74
N ALA G 103 1.79 18.42 54.04
CA ALA G 103 1.27 18.66 55.41
C ALA G 103 2.04 17.87 56.45
N ALA G 104 2.32 16.59 56.18
CA ALA G 104 3.11 15.78 57.10
C ALA G 104 4.52 16.33 57.28
N SER G 105 5.09 16.86 56.20
CA SER G 105 6.44 17.41 56.25
C SER G 105 6.47 18.70 57.09
N ARG G 106 5.46 19.55 56.92
CA ARG G 106 5.37 20.76 57.73
C ARG G 106 5.19 20.45 59.21
N ALA G 107 4.39 19.44 59.53
CA ALA G 107 4.21 19.00 60.91
C ALA G 107 5.50 18.41 61.52
N ALA G 108 6.23 17.63 60.73
CA ALA G 108 7.47 17.00 61.19
C ALA G 108 8.51 18.07 61.51
N ALA G 109 8.59 19.08 60.64
CA ALA G 109 9.50 20.21 60.84
C ALA G 109 9.14 20.99 62.10
N ALA G 110 7.87 21.31 62.28
CA ALA G 110 7.41 22.05 63.47
C ALA G 110 7.71 21.26 64.75
N TRP G 111 7.52 19.95 64.73
CA TRP G 111 7.81 19.11 65.88
C TRP G 111 9.30 19.14 66.20
N ALA G 112 10.12 19.01 65.18
CA ALA G 112 11.56 18.99 65.35
C ALA G 112 12.07 20.33 65.88
N GLU G 113 11.59 21.43 65.30
CA GLU G 113 11.94 22.78 65.73
C GLU G 113 11.44 23.05 67.16
N GLY G 114 10.31 22.45 67.52
CA GLY G 114 9.82 22.51 68.90
C GLY G 114 10.74 21.86 69.94
N HIS G 115 11.52 20.87 69.52
CA HIS G 115 12.55 20.28 70.38
C HIS G 115 13.95 20.89 70.12
N GLY G 116 14.02 22.05 69.49
CA GLY G 116 15.27 22.78 69.30
C GLY G 116 16.18 22.34 68.16
N ALA G 117 15.67 21.55 67.21
CA ALA G 117 16.47 21.14 66.03
C ALA G 117 16.17 22.04 64.83
N ARG G 118 17.09 22.05 63.86
CA ARG G 118 16.84 22.62 62.54
C ARG G 118 16.35 21.46 61.63
N TYR G 119 15.52 21.73 60.63
CA TYR G 119 15.05 20.64 59.71
C TYR G 119 15.07 21.05 58.27
N VAL G 120 15.55 20.14 57.43
CA VAL G 120 15.52 20.31 55.99
C VAL G 120 14.85 19.08 55.38
N THR G 121 13.92 19.31 54.41
CA THR G 121 13.19 18.23 53.69
C THR G 121 13.87 18.02 52.33
N GLY G 122 14.17 16.76 52.03
CA GLY G 122 14.66 16.35 50.72
C GLY G 122 13.63 15.54 49.94
N GLY G 123 13.55 15.76 48.62
CA GLY G 123 12.74 14.94 47.71
C GLY G 123 13.65 14.36 46.66
N VAL G 124 14.02 13.10 46.86
CA VAL G 124 15.10 12.49 46.10
C VAL G 124 14.57 11.90 44.79
N MET G 125 14.90 12.55 43.68
CA MET G 125 14.39 12.18 42.35
C MET G 125 15.30 11.18 41.66
N SER G 126 15.52 10.05 42.32
CA SER G 126 16.34 9.00 41.78
C SER G 126 15.91 7.71 42.42
N PRO G 127 15.94 6.61 41.67
CA PRO G 127 15.87 5.30 42.32
C PRO G 127 17.20 4.99 43.02
N ALA G 128 17.22 3.94 43.85
CA ALA G 128 18.42 3.60 44.63
C ALA G 128 19.71 3.47 43.81
N PRO G 129 19.68 2.71 42.71
CA PRO G 129 20.87 2.56 41.86
C PRO G 129 21.42 3.84 41.28
N GLY G 130 20.61 4.90 41.21
CA GLY G 130 21.07 6.18 40.71
C GLY G 130 21.82 7.04 41.71
N ILE G 131 21.86 6.62 42.97
CA ILE G 131 22.39 7.50 44.02
C ILE G 131 23.85 8.00 43.82
N GLY G 132 24.76 7.17 43.36
CA GLY G 132 26.11 7.72 43.07
C GLY G 132 26.18 8.79 41.98
N SER G 133 25.21 8.78 41.07
CA SER G 133 25.33 9.47 39.77
C SER G 133 25.40 10.97 39.67
N SER G 134 25.72 11.44 38.45
CA SER G 134 25.73 12.87 38.10
C SER G 134 24.45 13.34 37.40
N SER G 135 23.65 12.41 36.89
CA SER G 135 22.49 12.74 36.07
C SER G 135 21.21 12.99 36.89
N VAL G 136 21.25 12.75 38.21
CA VAL G 136 20.06 12.86 39.04
C VAL G 136 20.10 14.07 39.94
N PHE G 137 18.95 14.45 40.47
CA PHE G 137 18.88 15.57 41.41
C PHE G 137 17.87 15.33 42.54
N SER G 138 17.86 16.23 43.53
CA SER G 138 16.91 16.18 44.64
C SER G 138 16.46 17.56 44.97
N PHE G 139 15.19 17.71 45.34
CA PHE G 139 14.68 19.00 45.82
C PHE G 139 14.98 19.12 47.32
N TYR G 140 15.27 20.34 47.77
CA TYR G 140 15.43 20.61 49.21
C TYR G 140 14.67 21.86 49.59
N SER G 141 14.15 21.88 50.82
CA SER G 141 13.52 23.08 51.36
C SER G 141 13.55 23.01 52.88
N GLY G 142 13.22 24.10 53.55
CA GLY G 142 13.37 24.19 55.01
C GLY G 142 14.50 25.12 55.43
N ASP G 143 15.26 24.71 56.45
CA ASP G 143 16.29 25.55 57.06
C ASP G 143 17.48 25.79 56.14
N ARG G 144 17.61 27.04 55.69
CA ARG G 144 18.61 27.43 54.67
C ARG G 144 20.04 27.18 55.13
N ALA G 145 20.33 27.62 56.36
CA ALA G 145 21.66 27.48 56.94
C ALA G 145 22.04 26.01 57.03
N ALA G 146 21.14 25.20 57.54
CA ALA G 146 21.43 23.77 57.70
C ALA G 146 21.66 23.11 56.34
N PHE G 147 20.89 23.53 55.34
CA PHE G 147 21.12 23.01 53.99
C PHE G 147 22.54 23.36 53.51
N GLU G 148 22.92 24.63 53.63
CA GLU G 148 24.27 25.06 53.18
C GLU G 148 25.40 24.33 53.87
N GLU G 149 25.28 24.16 55.19
CA GLU G 149 26.30 23.49 56.00
C GLU G 149 26.51 22.06 55.52
N ASN G 150 25.45 21.44 54.99
CA ASN G 150 25.54 20.06 54.53
C ASN G 150 25.43 19.87 53.01
N LYS G 151 25.50 20.95 52.26
CA LYS G 151 25.34 20.88 50.81
C LYS G 151 26.33 19.91 50.16
N ALA G 152 27.61 20.04 50.51
CA ALA G 152 28.67 19.18 49.96
C ALA G 152 28.39 17.73 50.24
N LEU G 153 27.93 17.44 51.45
CA LEU G 153 27.59 16.09 51.83
C LEU G 153 26.41 15.57 50.95
N LEU G 154 25.40 16.43 50.76
CA LEU G 154 24.22 16.04 49.97
C LEU G 154 24.57 15.86 48.49
N GLU G 155 25.55 16.63 48.00
CA GLU G 155 26.01 16.58 46.61
C GLU G 155 26.69 15.23 46.33
N VAL G 156 27.11 14.52 47.38
CA VAL G 156 27.63 13.16 47.21
C VAL G 156 26.52 12.24 46.71
N LEU G 157 25.29 12.49 47.16
CA LEU G 157 24.13 11.65 46.79
C LEU G 157 23.52 12.02 45.44
N THR G 158 23.20 13.30 45.25
CA THR G 158 22.63 13.76 44.01
C THR G 158 22.95 15.24 43.90
N ALA G 159 22.76 15.81 42.72
CA ALA G 159 22.75 17.26 42.61
C ALA G 159 21.62 17.79 43.48
N THR G 160 21.72 19.06 43.88
CA THR G 160 20.78 19.62 44.81
C THR G 160 20.07 20.77 44.20
N ASP G 161 18.84 21.00 44.66
CA ASP G 161 18.03 22.09 44.15
C ASP G 161 17.15 22.62 45.28
N PHE G 162 17.66 23.64 45.96
CA PHE G 162 16.99 24.19 47.12
C PHE G 162 15.96 25.17 46.64
N ARG G 163 14.76 25.04 47.16
CA ARG G 163 13.65 25.75 46.62
C ARG G 163 13.04 26.81 47.56
N GLY G 164 13.40 26.78 48.85
CA GLY G 164 12.89 27.76 49.79
C GLY G 164 12.86 27.28 51.23
N GLU G 165 12.39 28.16 52.10
CA GLU G 165 12.44 27.90 53.54
C GLU G 165 11.22 27.14 54.02
N ASP G 166 10.14 27.14 53.26
CA ASP G 166 8.96 26.34 53.59
C ASP G 166 9.31 24.84 53.55
N PRO G 167 9.26 24.16 54.70
CA PRO G 167 9.69 22.76 54.75
C PRO G 167 8.76 21.79 54.00
N GLY G 168 7.57 22.25 53.65
CA GLY G 168 6.68 21.48 52.79
C GLY G 168 6.99 21.54 51.29
N LEU G 169 7.67 22.60 50.86
CA LEU G 169 7.80 22.90 49.43
C LEU G 169 8.54 21.82 48.61
N ALA G 170 9.64 21.28 49.14
CA ALA G 170 10.36 20.24 48.42
C ALA G 170 9.50 19.01 48.21
N GLN G 171 8.57 18.76 49.15
CA GLN G 171 7.67 17.64 49.00
C GLN G 171 6.54 17.94 48.00
N VAL G 172 6.14 19.19 47.90
CA VAL G 172 5.18 19.61 46.87
C VAL G 172 5.73 19.28 45.49
N TYR G 173 6.96 19.73 45.23
CA TYR G 173 7.62 19.41 43.97
C TYR G 173 7.71 17.91 43.76
N TYR G 174 8.13 17.18 44.79
CA TYR G 174 8.36 15.76 44.67
C TYR G 174 7.07 15.03 44.28
N GLN G 175 5.99 15.32 45.00
CA GLN G 175 4.73 14.65 44.74
C GLN G 175 4.19 14.95 43.38
N ILE G 176 4.30 16.20 42.96
CA ILE G 176 3.84 16.59 41.66
C ILE G 176 4.50 15.75 40.58
N LEU G 177 5.82 15.58 40.68
CA LEU G 177 6.54 14.77 39.70
C LEU G 177 6.22 13.30 39.80
N LEU G 178 6.04 12.79 41.01
CA LEU G 178 5.71 11.39 41.14
C LEU G 178 4.30 11.06 40.61
N ASP G 179 3.42 12.04 40.67
CA ASP G 179 2.07 11.92 40.16
C ASP G 179 2.12 11.64 38.64
N LEU G 180 2.88 12.45 37.90
CA LEU G 180 3.11 12.19 36.47
C LEU G 180 3.81 10.84 36.24
N PHE G 181 4.82 10.56 37.05
CA PHE G 181 5.62 9.38 36.89
C PHE G 181 4.81 8.09 36.96
N TRP G 182 4.02 7.94 38.02
CA TRP G 182 3.30 6.69 38.20
C TRP G 182 2.13 6.54 37.19
N THR G 183 1.46 7.65 36.88
CA THR G 183 0.40 7.64 35.91
C THR G 183 0.99 7.18 34.55
N THR G 184 2.13 7.72 34.18
CA THR G 184 2.83 7.33 32.94
C THR G 184 3.23 5.89 32.95
N MET G 185 3.81 5.44 34.07
CA MET G 185 4.34 4.07 34.13
C MET G 185 3.25 3.01 34.11
N THR G 186 2.14 3.26 34.76
CA THR G 186 1.01 2.38 34.67
C THR G 186 0.38 2.36 33.26
N GLY G 187 0.30 3.52 32.62
CA GLY G 187 -0.05 3.57 31.19
C GLY G 187 0.91 2.75 30.31
N TYR G 188 2.20 2.82 30.61
CA TYR G 188 3.20 2.03 29.86
C TYR G 188 2.97 0.55 30.00
N LEU G 189 2.67 0.09 31.22
CA LEU G 189 2.34 -1.31 31.43
C LEU G 189 1.09 -1.71 30.67
N HIS G 190 0.11 -0.81 30.61
CA HIS G 190 -1.14 -1.17 29.96
C HIS G 190 -0.87 -1.29 28.48
N ALA G 191 -0.07 -0.37 27.97
CA ALA G 191 0.31 -0.41 26.54
C ALA G 191 1.01 -1.72 26.21
N LEU G 192 1.90 -2.16 27.09
CA LEU G 192 2.60 -3.43 26.87
C LEU G 192 1.66 -4.60 26.92
N ALA G 193 0.66 -4.54 27.79
CA ALA G 193 -0.32 -5.63 27.87
C ALA G 193 -1.09 -5.78 26.58
N VAL G 194 -1.40 -4.66 25.97
CA VAL G 194 -2.12 -4.67 24.68
C VAL G 194 -1.20 -5.25 23.60
N ALA G 195 0.05 -4.82 23.58
CA ALA G 195 1.02 -5.42 22.67
C ALA G 195 1.09 -6.94 22.81
N ARG G 196 1.24 -7.44 24.04
CA ARG G 196 1.34 -8.89 24.25
C ARG G 196 0.05 -9.59 23.81
N ALA G 197 -1.09 -8.95 24.06
CA ALA G 197 -2.36 -9.57 23.73
C ALA G 197 -2.54 -9.64 22.22
N GLU G 198 -1.99 -8.66 21.51
CA GLU G 198 -2.15 -8.61 20.05
C GLU G 198 -1.00 -9.25 19.29
N GLY G 199 -0.10 -9.94 20.00
CA GLY G 199 1.01 -10.64 19.39
C GLY G 199 2.19 -9.79 18.96
N VAL G 200 2.28 -8.53 19.37
CA VAL G 200 3.46 -7.75 19.06
C VAL G 200 4.45 -7.90 20.21
N PRO G 201 5.66 -8.40 19.90
CA PRO G 201 6.71 -8.64 20.93
C PRO G 201 7.13 -7.38 21.65
N VAL G 202 7.43 -7.53 22.94
CA VAL G 202 7.82 -6.41 23.82
C VAL G 202 9.05 -5.72 23.28
N GLY G 203 10.03 -6.52 22.83
CA GLY G 203 11.23 -5.95 22.24
C GLY G 203 10.99 -5.15 20.97
N THR G 204 9.94 -5.49 20.23
CA THR G 204 9.62 -4.73 19.02
C THR G 204 8.92 -3.41 19.34
N ILE G 205 7.93 -3.43 20.23
CA ILE G 205 7.12 -2.25 20.48
C ILE G 205 7.85 -1.22 21.32
N THR G 206 8.79 -1.69 22.15
CA THR G 206 9.42 -0.80 23.15
C THR G 206 10.06 0.45 22.57
N PRO G 207 10.89 0.30 21.53
CA PRO G 207 11.51 1.51 20.96
C PRO G 207 10.46 2.55 20.45
N TYR G 208 9.32 2.06 19.95
CA TYR G 208 8.29 2.96 19.48
C TYR G 208 7.62 3.71 20.65
N LEU G 209 7.42 3.02 21.77
CA LEU G 209 6.87 3.65 22.95
C LEU G 209 7.83 4.71 23.47
N ILE G 210 9.12 4.38 23.47
CA ILE G 210 10.13 5.30 23.95
C ILE G 210 10.29 6.52 23.04
N GLU G 211 10.29 6.31 21.72
CA GLU G 211 10.64 7.40 20.78
C GLU G 211 9.49 7.97 19.93
N GLY G 212 8.36 7.28 19.88
CA GLY G 212 7.31 7.58 18.86
C GLY G 212 6.77 9.00 18.85
N ASN G 213 6.33 9.46 20.03
CA ASN G 213 5.77 10.80 20.25
C ASN G 213 6.77 11.56 21.11
N ASP G 214 7.18 12.74 20.65
CA ASP G 214 8.07 13.62 21.40
C ASP G 214 7.24 14.36 22.47
N MET G 215 7.23 13.85 23.69
CA MET G 215 6.30 14.37 24.69
C MET G 215 6.63 15.79 25.13
N ALA G 216 7.90 16.16 25.03
CA ALA G 216 8.33 17.52 25.38
C ALA G 216 7.50 18.56 24.69
N MET G 217 7.27 18.38 23.40
CA MET G 217 6.49 19.37 22.62
C MET G 217 5.04 19.42 23.07
N PHE G 218 4.43 18.27 23.32
CA PHE G 218 3.04 18.25 23.77
C PHE G 218 2.92 18.85 25.18
N PHE G 219 3.89 18.56 26.04
CA PHE G 219 3.88 19.12 27.40
C PHE G 219 3.99 20.63 27.37
N GLU G 220 4.94 21.14 26.58
CA GLU G 220 5.12 22.61 26.50
C GLU G 220 3.86 23.29 26.06
N GLY G 221 3.26 22.80 24.98
CA GLY G 221 2.04 23.43 24.44
C GLY G 221 0.88 23.33 25.39
N THR G 222 0.78 22.19 26.09
CA THR G 222 -0.27 22.01 27.09
C THR G 222 -0.07 23.01 28.25
N SER G 223 1.15 23.12 28.77
CA SER G 223 1.46 24.11 29.83
C SER G 223 1.13 25.55 29.40
N ALA G 224 1.51 25.90 28.19
CA ALA G 224 1.24 27.26 27.68
C ALA G 224 -0.23 27.53 27.66
N ALA G 225 -1.01 26.57 27.17
CA ALA G 225 -2.45 26.73 27.05
C ALA G 225 -3.08 26.86 28.43
N VAL G 226 -2.63 26.06 29.38
CA VAL G 226 -3.14 26.13 30.74
C VAL G 226 -2.78 27.48 31.39
N ALA G 227 -1.56 27.96 31.15
CA ALA G 227 -1.15 29.28 31.66
C ALA G 227 -2.02 30.39 31.12
N GLU G 228 -2.16 30.44 29.80
CA GLU G 228 -3.12 31.36 29.20
C GLU G 228 -4.52 31.56 29.77
N GLY G 229 -5.28 30.51 29.92
CA GLY G 229 -6.67 30.71 30.40
C GLY G 229 -7.65 30.44 29.27
N ARG G 230 -7.19 30.49 28.02
CA ARG G 230 -8.03 30.26 26.87
C ARG G 230 -7.62 28.92 26.24
N PHE G 231 -8.62 28.11 25.86
CA PHE G 231 -8.41 26.75 25.35
C PHE G 231 -9.08 26.61 23.97
N PRO G 232 -8.53 27.29 22.96
CA PRO G 232 -9.11 27.26 21.62
C PRO G 232 -8.98 25.89 20.95
N GLY G 233 -10.05 25.46 20.28
CA GLY G 233 -10.09 24.15 19.64
C GLY G 233 -9.46 24.20 18.27
N ASP G 234 -8.16 24.48 18.22
CA ASP G 234 -7.39 24.75 17.00
C ASP G 234 -6.29 23.72 16.62
N GLU G 235 -5.74 23.01 17.58
CA GLU G 235 -4.84 21.87 17.35
C GLU G 235 -5.56 20.58 17.71
N ASP G 236 -6.62 20.69 18.53
CA ASP G 236 -7.32 19.52 18.98
C ASP G 236 -8.63 19.96 19.62
N ARG G 237 -9.58 19.04 19.63
CA ARG G 237 -10.89 19.30 20.25
C ARG G 237 -11.30 18.13 21.12
N ILE G 238 -11.88 18.44 22.26
CA ILE G 238 -12.26 17.40 23.19
C ILE G 238 -13.22 16.33 22.61
N SER G 239 -14.17 16.74 21.75
CA SER G 239 -15.06 15.78 21.09
C SER G 239 -14.31 14.74 20.27
N MET G 240 -13.29 15.15 19.54
CA MET G 240 -12.45 14.24 18.79
C MET G 240 -11.52 13.42 19.73
N ASP G 241 -11.00 14.07 20.78
CA ASP G 241 -10.09 13.38 21.70
C ASP G 241 -10.86 12.29 22.39
N ALA G 242 -12.09 12.60 22.76
CA ALA G 242 -12.92 11.63 23.42
C ALA G 242 -13.18 10.41 22.51
N ALA G 243 -13.49 10.66 21.23
CA ALA G 243 -13.68 9.57 20.27
C ALA G 243 -12.38 8.73 20.09
N SER G 244 -11.24 9.41 20.03
CA SER G 244 -9.96 8.75 20.03
C SER G 244 -9.85 7.83 21.23
N MET G 245 -10.21 8.33 22.39
CA MET G 245 -10.04 7.49 23.60
C MET G 245 -11.02 6.30 23.61
N GLU G 246 -12.22 6.50 23.07
CA GLU G 246 -13.16 5.37 22.92
C GLU G 246 -12.55 4.20 22.16
N HIS G 247 -11.85 4.53 21.10
CA HIS G 247 -11.21 3.49 20.27
C HIS G 247 -10.11 2.76 21.03
N VAL G 248 -9.38 3.50 21.89
CA VAL G 248 -8.38 2.86 22.76
C VAL G 248 -9.05 1.88 23.68
N VAL G 249 -10.13 2.30 24.32
CA VAL G 249 -10.80 1.41 25.24
C VAL G 249 -11.36 0.16 24.50
N GLN G 250 -12.02 0.36 23.35
CA GLN G 250 -12.62 -0.76 22.61
C GLN G 250 -11.56 -1.72 22.09
N THR G 251 -10.43 -1.17 21.66
CA THR G 251 -9.29 -2.00 21.30
C THR G 251 -8.82 -2.92 22.45
N SER G 252 -8.76 -2.36 23.65
CA SER G 252 -8.34 -3.13 24.82
C SER G 252 -9.36 -4.20 25.13
N ARG G 253 -10.63 -3.82 25.12
CA ARG G 253 -11.72 -4.80 25.28
C ARG G 253 -11.58 -5.96 24.31
N ASP G 254 -11.54 -5.66 23.02
CA ASP G 254 -11.44 -6.69 22.00
C ASP G 254 -10.24 -7.61 22.26
N ALA G 255 -9.15 -7.06 22.77
CA ALA G 255 -7.96 -7.85 23.02
C ALA G 255 -8.01 -8.61 24.34
N GLY G 256 -9.06 -8.39 25.13
CA GLY G 256 -9.21 -9.08 26.40
C GLY G 256 -8.31 -8.56 27.50
N VAL G 257 -7.78 -7.37 27.37
CA VAL G 257 -6.92 -6.79 28.36
C VAL G 257 -7.77 -5.98 29.34
N ASP G 258 -7.35 -5.86 30.59
CA ASP G 258 -8.09 -5.12 31.61
C ASP G 258 -8.28 -3.68 31.15
N THR G 259 -9.49 -3.13 31.33
CA THR G 259 -9.80 -1.82 30.82
C THR G 259 -10.02 -0.76 31.90
N ALA G 260 -9.74 -1.05 33.17
CA ALA G 260 -9.93 -0.05 34.22
C ALA G 260 -9.14 1.24 34.01
N LEU G 261 -7.89 1.16 33.63
CA LEU G 261 -7.10 2.38 33.47
C LEU G 261 -7.55 3.25 32.31
N PRO G 262 -7.59 2.69 31.09
CA PRO G 262 -8.11 3.49 30.00
C PRO G 262 -9.57 4.02 30.22
N GLU G 263 -10.43 3.25 30.88
CA GLU G 263 -11.77 3.75 31.20
C GLU G 263 -11.71 4.98 32.14
N ALA G 264 -10.76 4.97 33.08
CA ALA G 264 -10.58 6.15 33.97
C ALA G 264 -10.12 7.34 33.19
N VAL G 265 -9.24 7.12 32.20
CA VAL G 265 -8.80 8.20 31.31
C VAL G 265 -9.98 8.68 30.48
N LEU G 266 -10.72 7.77 29.87
CA LEU G 266 -11.91 8.14 29.08
C LEU G 266 -12.92 8.93 29.97
N SER G 267 -13.14 8.47 31.20
CA SER G 267 -14.02 9.17 32.16
C SER G 267 -13.74 10.67 32.23
N LEU G 268 -12.50 11.12 32.16
CA LEU G 268 -12.25 12.56 32.23
C LEU G 268 -12.77 13.30 31.02
N PHE G 269 -12.61 12.69 29.85
CA PHE G 269 -13.12 13.25 28.63
C PHE G 269 -14.65 13.36 28.67
N ARG G 270 -15.32 12.31 29.13
CA ARG G 270 -16.78 12.35 29.20
C ARG G 270 -17.20 13.49 30.15
N ARG G 271 -16.47 13.68 31.25
CA ARG G 271 -16.76 14.80 32.14
C ARG G 271 -16.58 16.12 31.44
N GLY G 272 -15.57 16.24 30.59
CA GLY G 272 -15.42 17.42 29.78
C GLY G 272 -16.62 17.64 28.88
N LEU G 273 -17.07 16.59 28.22
CA LEU G 273 -18.23 16.73 27.35
C LEU G 273 -19.45 17.19 28.15
N ASP G 274 -19.71 16.55 29.29
CA ASP G 274 -20.84 16.91 30.15
C ASP G 274 -20.81 18.38 30.60
N ALA G 275 -19.62 18.94 30.70
CA ALA G 275 -19.44 20.31 31.12
C ALA G 275 -19.53 21.30 29.97
N GLY G 276 -19.73 20.81 28.77
CA GLY G 276 -19.87 21.68 27.60
C GLY G 276 -18.55 22.03 26.92
N PHE G 277 -17.49 21.22 27.13
CA PHE G 277 -16.15 21.55 26.60
C PHE G 277 -15.85 20.98 25.21
N ALA G 278 -16.85 20.39 24.55
CA ALA G 278 -16.63 19.66 23.29
C ALA G 278 -15.75 20.38 22.26
N GLU G 279 -15.92 21.69 22.12
CA GLU G 279 -15.19 22.46 21.09
C GLU G 279 -13.90 23.07 21.61
N SER G 280 -13.61 22.88 22.89
CA SER G 280 -12.35 23.40 23.46
C SER G 280 -11.22 22.37 23.34
N SER G 281 -9.97 22.81 23.55
CA SER G 281 -8.84 21.90 23.60
C SER G 281 -8.86 21.03 24.79
N PHE G 282 -8.04 20.01 24.67
CA PHE G 282 -7.79 19.06 25.72
C PHE G 282 -7.38 19.69 27.06
N ALA G 283 -6.56 20.72 26.99
CA ALA G 283 -6.01 21.35 28.20
C ALA G 283 -7.07 21.87 29.15
N ARG G 284 -8.25 22.17 28.62
CA ARG G 284 -9.32 22.72 29.42
C ARG G 284 -9.80 21.73 30.48
N LEU G 285 -9.53 20.44 30.29
CA LEU G 285 -9.86 19.43 31.27
C LEU G 285 -9.20 19.71 32.64
N VAL G 286 -8.13 20.51 32.67
CA VAL G 286 -7.47 20.85 33.94
C VAL G 286 -8.45 21.55 34.89
N THR G 287 -9.37 22.34 34.34
CA THR G 287 -10.37 23.04 35.13
C THR G 287 -11.36 22.09 35.81
N LEU G 288 -11.48 20.86 35.31
CA LEU G 288 -12.28 19.84 36.01
C LEU G 288 -11.52 19.23 37.17
N MET G 289 -10.21 19.31 37.14
CA MET G 289 -9.38 18.75 38.21
C MET G 289 -8.92 19.78 39.28
N ASP G 290 -8.87 21.05 38.90
CA ASP G 290 -8.45 22.17 39.78
C ASP G 290 -9.17 22.21 41.13
N ALA G 291 -8.49 22.78 42.10
CA ALA G 291 -9.12 23.14 43.40
C ALA G 291 -10.11 24.27 43.19
N GLU G 292 -11.20 24.32 43.98
CA GLU G 292 -12.28 25.37 43.82
C GLU G 292 -11.79 26.79 44.08
N SER H 9 30.88 -11.75 -18.83
CA SER H 9 30.44 -13.17 -18.95
C SER H 9 29.34 -13.58 -18.00
N PRO H 10 29.32 -13.17 -16.70
CA PRO H 10 28.29 -13.73 -15.79
C PRO H 10 26.94 -13.00 -15.89
N VAL H 11 25.85 -13.71 -15.65
CA VAL H 11 24.51 -13.11 -15.65
C VAL H 11 23.57 -13.96 -14.78
N THR H 12 22.70 -13.29 -14.04
CA THR H 12 21.74 -14.01 -13.21
C THR H 12 20.30 -13.69 -13.61
N LEU H 13 19.41 -14.67 -13.46
CA LEU H 13 18.04 -14.56 -13.96
C LEU H 13 17.10 -15.15 -12.95
N ILE H 14 16.09 -14.37 -12.59
CA ILE H 14 15.00 -14.88 -11.74
C ILE H 14 13.66 -14.74 -12.43
N GLY H 15 12.91 -15.84 -12.42
CA GLY H 15 11.63 -15.96 -13.11
C GLY H 15 11.82 -16.88 -14.30
N LEU H 16 11.27 -18.09 -14.21
CA LEU H 16 11.43 -19.12 -15.24
C LEU H 16 10.14 -19.58 -15.88
N GLY H 17 9.21 -18.67 -16.11
CA GLY H 17 8.13 -18.96 -17.03
C GLY H 17 8.73 -19.10 -18.44
N PRO H 18 7.88 -19.33 -19.43
CA PRO H 18 8.33 -19.45 -20.82
C PRO H 18 9.31 -18.37 -21.27
N MET H 19 9.04 -17.13 -20.90
CA MET H 19 9.90 -16.06 -21.35
C MET H 19 11.28 -16.20 -20.71
N GLY H 20 11.32 -16.40 -19.40
CA GLY H 20 12.58 -16.61 -18.73
C GLY H 20 13.35 -17.80 -19.29
N GLN H 21 12.65 -18.90 -19.54
CA GLN H 21 13.34 -20.11 -20.07
C GLN H 21 13.95 -19.84 -21.44
N ALA H 22 13.20 -19.16 -22.31
CA ALA H 22 13.73 -18.69 -23.61
C ALA H 22 14.91 -17.72 -23.46
N MET H 23 14.82 -16.78 -22.51
CA MET H 23 15.94 -15.87 -22.30
C MET H 23 17.17 -16.63 -21.80
N ALA H 24 16.95 -17.56 -20.87
CA ALA H 24 18.06 -18.37 -20.35
C ALA H 24 18.78 -19.13 -21.46
N GLY H 25 18.00 -19.76 -22.33
CA GLY H 25 18.57 -20.52 -23.44
C GLY H 25 19.41 -19.69 -24.40
N ALA H 26 18.91 -18.52 -24.76
CA ALA H 26 19.65 -17.61 -25.65
C ALA H 26 20.96 -17.18 -25.03
N LEU H 27 20.94 -16.90 -23.73
CA LEU H 27 22.15 -16.53 -23.01
C LEU H 27 23.15 -17.65 -22.93
N LEU H 28 22.68 -18.86 -22.61
CA LEU H 28 23.54 -20.06 -22.65
C LEU H 28 24.19 -20.29 -24.04
N GLU H 29 23.38 -20.33 -25.08
CA GLU H 29 23.87 -20.48 -26.45
C GLU H 29 24.88 -19.39 -26.85
N ALA H 30 24.75 -18.17 -26.31
CA ALA H 30 25.72 -17.09 -26.59
C ALA H 30 26.98 -17.09 -25.70
N GLY H 31 27.13 -18.08 -24.82
CA GLY H 31 28.35 -18.26 -24.02
C GLY H 31 28.39 -17.55 -22.68
N TYR H 32 27.25 -17.10 -22.16
CA TYR H 32 27.22 -16.46 -20.85
C TYR H 32 27.17 -17.49 -19.72
N GLU H 33 27.76 -17.14 -18.60
CA GLU H 33 27.77 -17.96 -17.43
C GLU H 33 26.53 -17.60 -16.64
N LEU H 34 25.50 -18.42 -16.75
CA LEU H 34 24.17 -18.07 -16.22
C LEU H 34 23.93 -18.69 -14.84
N THR H 35 23.39 -17.88 -13.92
CA THR H 35 22.89 -18.38 -12.64
C THR H 35 21.41 -18.07 -12.50
N VAL H 36 20.65 -19.05 -12.04
CA VAL H 36 19.19 -18.98 -11.93
C VAL H 36 18.70 -19.34 -10.52
N TRP H 37 17.56 -18.78 -10.10
CA TRP H 37 16.87 -19.22 -8.87
C TRP H 37 15.36 -19.29 -9.09
N ASN H 38 14.71 -20.27 -8.44
CA ASN H 38 13.26 -20.44 -8.41
C ASN H 38 12.80 -21.06 -7.08
N ARG H 39 11.56 -20.77 -6.70
CA ARG H 39 10.98 -21.24 -5.44
C ARG H 39 10.86 -22.76 -5.44
N ALA H 42 13.52 -27.02 -8.43
CA ALA H 42 14.12 -26.91 -9.77
C ALA H 42 13.13 -27.32 -10.86
N LYS H 43 12.31 -26.35 -11.17
CA LYS H 43 11.71 -26.17 -12.46
C LYS H 43 12.85 -25.83 -13.43
N ALA H 44 14.11 -25.86 -12.96
CA ALA H 44 15.28 -25.45 -13.73
C ALA H 44 16.39 -26.56 -13.82
N GLU H 45 16.11 -27.81 -13.36
CA GLU H 45 16.99 -28.95 -13.65
C GLU H 45 17.33 -29.02 -15.15
N ALA H 46 16.33 -28.76 -15.98
CA ALA H 46 16.49 -28.71 -17.44
C ALA H 46 17.59 -27.74 -17.91
N LEU H 47 17.60 -26.52 -17.34
CA LEU H 47 18.59 -25.48 -17.66
C LEU H 47 19.93 -25.80 -17.00
N ALA H 48 19.90 -26.43 -15.83
CA ALA H 48 21.12 -26.89 -15.16
C ALA H 48 21.86 -27.86 -16.07
N GLU H 49 21.08 -28.71 -16.74
CA GLU H 49 21.48 -29.36 -17.98
C GLU H 49 21.84 -28.28 -18.99
N ALA H 52 25.58 -23.59 -16.01
CA ALA H 52 24.16 -23.41 -15.84
C ALA H 52 23.80 -23.63 -14.35
N ALA H 53 24.19 -22.63 -13.56
CA ALA H 53 24.22 -22.78 -12.12
C ALA H 53 22.89 -22.48 -11.50
N VAL H 54 22.47 -23.29 -10.53
CA VAL H 54 21.25 -23.00 -9.77
C VAL H 54 21.61 -22.56 -8.36
N ALA H 55 21.11 -21.39 -7.97
CA ALA H 55 21.36 -20.85 -6.64
C ALA H 55 20.37 -21.41 -5.62
N ASP H 56 20.82 -21.52 -4.38
CA ASP H 56 19.98 -22.03 -3.28
C ASP H 56 19.02 -20.97 -2.75
N SER H 57 19.38 -19.69 -2.90
CA SER H 57 18.52 -18.59 -2.42
C SER H 57 18.57 -17.40 -3.35
N PRO H 58 17.57 -16.51 -3.24
CA PRO H 58 17.62 -15.26 -4.01
C PRO H 58 18.87 -14.41 -3.70
N ALA H 59 19.27 -14.35 -2.43
CA ALA H 59 20.47 -13.63 -2.04
C ALA H 59 21.72 -14.18 -2.77
N GLU H 60 21.85 -15.51 -2.77
CA GLU H 60 22.98 -16.16 -3.43
C GLU H 60 22.98 -15.81 -4.92
N ALA H 61 21.79 -15.81 -5.55
CA ALA H 61 21.69 -15.48 -6.97
C ALA H 61 22.13 -14.05 -7.26
N LEU H 62 21.72 -13.09 -6.43
CA LEU H 62 22.21 -11.72 -6.56
C LEU H 62 23.73 -11.61 -6.45
N ARG H 63 24.33 -12.46 -5.62
CA ARG H 63 25.77 -12.39 -5.39
C ARG H 63 26.62 -12.98 -6.52
N ALA H 64 26.01 -13.75 -7.43
CA ALA H 64 26.77 -14.44 -8.47
C ALA H 64 27.61 -13.49 -9.31
N GLY H 65 27.21 -12.23 -9.39
CA GLY H 65 28.08 -11.18 -9.88
C GLY H 65 27.60 -10.48 -11.14
N GLY H 66 26.81 -11.17 -11.93
CA GLY H 66 26.33 -10.54 -13.16
C GLY H 66 25.21 -9.53 -12.92
N PRO H 67 24.75 -8.85 -13.99
CA PRO H 67 23.51 -8.07 -13.89
C PRO H 67 22.39 -9.01 -13.60
N VAL H 68 21.36 -8.53 -12.90
CA VAL H 68 20.21 -9.36 -12.46
C VAL H 68 18.98 -9.09 -13.34
N LEU H 69 18.61 -10.12 -14.12
CA LEU H 69 17.48 -10.09 -15.04
C LEU H 69 16.26 -10.61 -14.31
N LEU H 70 15.17 -9.87 -14.35
CA LEU H 70 13.89 -10.35 -13.75
C LEU H 70 12.84 -10.52 -14.82
N SER H 71 12.18 -11.68 -14.78
CA SER H 71 11.08 -12.00 -15.71
C SER H 71 9.95 -12.62 -14.90
N LEU H 72 9.23 -11.77 -14.16
CA LEU H 72 8.21 -12.19 -13.22
C LEU H 72 6.85 -11.82 -13.75
N THR H 73 5.81 -12.31 -13.08
CA THR H 73 4.44 -12.01 -13.48
C THR H 73 4.06 -10.55 -13.23
N GLU H 74 4.51 -10.00 -12.10
CA GLU H 74 4.21 -8.60 -11.75
C GLU H 74 5.28 -8.11 -10.79
N HIS H 75 5.41 -6.80 -10.67
CA HIS H 75 6.51 -6.25 -9.87
C HIS H 75 6.36 -6.62 -8.39
N ALA H 76 5.12 -6.83 -7.93
CA ALA H 76 4.86 -7.19 -6.54
C ALA H 76 5.58 -8.44 -6.15
N VAL H 77 5.79 -9.34 -7.11
CA VAL H 77 6.56 -10.54 -6.87
C VAL H 77 8.03 -10.21 -6.52
N MET H 78 8.58 -9.16 -7.12
CA MET H 78 9.97 -8.76 -6.81
C MET H 78 10.16 -8.48 -5.34
N TYR H 79 9.20 -7.77 -4.73
CA TYR H 79 9.34 -7.42 -3.31
C TYR H 79 9.29 -8.64 -2.41
N ARG H 80 8.52 -9.63 -2.82
CA ARG H 80 8.31 -10.84 -2.02
C ARG H 80 9.56 -11.74 -2.11
N VAL H 81 9.98 -12.09 -3.31
CA VAL H 81 11.15 -12.97 -3.46
C VAL H 81 12.46 -12.37 -2.95
N LEU H 82 12.61 -11.06 -3.03
CA LEU H 82 13.87 -10.40 -2.58
C LEU H 82 13.79 -9.95 -1.14
N GLU H 83 12.78 -10.40 -0.41
CA GLU H 83 12.57 -9.94 0.95
C GLU H 83 13.72 -10.15 1.93
N GLY H 84 14.38 -11.29 1.84
CA GLY H 84 15.58 -11.52 2.70
C GLY H 84 16.84 -10.76 2.30
N ALA H 85 16.88 -10.20 1.10
CA ALA H 85 18.14 -10.00 0.39
C ALA H 85 18.47 -8.55 0.06
N GLU H 86 17.80 -7.61 0.73
CA GLU H 86 17.91 -6.19 0.37
C GLU H 86 19.34 -5.65 0.48
N SER H 87 20.08 -6.15 1.46
CA SER H 87 21.47 -5.75 1.66
C SER H 87 22.32 -6.09 0.43
N ASP H 88 22.01 -7.22 -0.23
CA ASP H 88 22.76 -7.67 -1.38
C ASP H 88 22.48 -6.91 -2.66
N LEU H 89 21.60 -5.91 -2.62
CA LEU H 89 21.32 -5.10 -3.81
C LEU H 89 22.37 -4.05 -4.05
N LYS H 90 23.08 -3.67 -3.00
CA LYS H 90 24.06 -2.58 -3.09
C LYS H 90 25.09 -2.85 -4.16
N GLY H 91 25.23 -1.92 -5.09
CA GLY H 91 26.17 -2.09 -6.21
C GLY H 91 25.68 -2.99 -7.34
N ARG H 92 24.51 -3.62 -7.22
CA ARG H 92 23.98 -4.45 -8.31
C ARG H 92 23.27 -3.62 -9.36
N THR H 93 23.05 -4.25 -10.49
CA THR H 93 22.25 -3.70 -11.57
C THR H 93 21.05 -4.64 -11.77
N ILE H 94 19.84 -4.07 -11.72
CA ILE H 94 18.62 -4.80 -12.03
C ILE H 94 18.12 -4.41 -13.39
N LEU H 95 17.89 -5.41 -14.22
CA LEU H 95 17.26 -5.24 -15.53
C LEU H 95 15.92 -5.96 -15.45
N ASN H 96 14.86 -5.20 -15.23
CA ASN H 96 13.53 -5.81 -15.03
C ASN H 96 12.83 -5.91 -16.36
N LEU H 97 12.72 -7.14 -16.87
CA LEU H 97 12.20 -7.34 -18.22
C LEU H 97 10.74 -7.80 -18.23
N GLY H 98 10.12 -7.83 -17.05
CA GLY H 98 8.72 -8.18 -16.87
C GLY H 98 7.81 -6.98 -16.97
N SER H 99 6.57 -7.23 -17.35
CA SER H 99 5.61 -6.17 -17.59
C SER H 99 4.92 -5.80 -16.34
N ASP H 100 4.62 -4.51 -16.17
CA ASP H 100 3.69 -4.07 -15.16
C ASP H 100 3.41 -2.63 -15.48
N THR H 101 2.65 -1.94 -14.66
CA THR H 101 2.27 -0.55 -15.00
C THR H 101 3.48 0.40 -14.93
N PRO H 102 3.41 1.54 -15.63
CA PRO H 102 4.43 2.58 -15.49
C PRO H 102 4.60 3.02 -14.03
N ALA H 103 3.51 3.23 -13.30
CA ALA H 103 3.61 3.61 -11.89
C ALA H 103 4.34 2.55 -11.08
N ALA H 104 4.01 1.29 -11.30
CA ALA H 104 4.68 0.23 -10.56
C ALA H 104 6.13 0.21 -10.88
N SER H 105 6.47 0.50 -12.14
CA SER H 105 7.83 0.42 -12.60
C SER H 105 8.65 1.53 -11.96
N ARG H 106 8.06 2.72 -11.90
CA ARG H 106 8.73 3.83 -11.25
C ARG H 106 8.96 3.57 -9.78
N ALA H 107 7.99 2.95 -9.11
CA ALA H 107 8.15 2.60 -7.71
C ALA H 107 9.23 1.54 -7.50
N ALA H 108 9.24 0.54 -8.38
CA ALA H 108 10.21 -0.54 -8.26
C ALA H 108 11.64 0.01 -8.42
N ALA H 109 11.82 0.90 -9.38
CA ALA H 109 13.11 1.54 -9.63
C ALA H 109 13.55 2.36 -8.42
N ALA H 110 12.64 3.16 -7.86
CA ALA H 110 12.96 3.95 -6.66
C ALA H 110 13.34 3.06 -5.48
N TRP H 111 12.66 1.96 -5.32
CA TRP H 111 12.95 1.02 -4.24
C TRP H 111 14.32 0.43 -4.41
N ALA H 112 14.61 0.01 -5.63
CA ALA H 112 15.87 -0.62 -5.92
C ALA H 112 17.03 0.36 -5.71
N GLU H 113 16.89 1.57 -6.22
CA GLU H 113 17.90 2.63 -6.06
C GLU H 113 18.06 3.02 -4.59
N GLY H 114 16.97 2.94 -3.82
CA GLY H 114 17.04 3.17 -2.38
C GLY H 114 17.92 2.19 -1.65
N HIS H 115 18.04 0.97 -2.16
CA HIS H 115 18.96 -0.04 -1.60
C HIS H 115 20.31 -0.10 -2.33
N GLY H 116 20.62 0.95 -3.09
CA GLY H 116 21.90 1.07 -3.76
C GLY H 116 22.10 0.32 -5.07
N ALA H 117 21.03 -0.11 -5.73
CA ALA H 117 21.15 -0.75 -7.04
C ALA H 117 20.88 0.24 -8.15
N ARG H 118 21.34 -0.08 -9.35
CA ARG H 118 20.86 0.66 -10.54
C ARG H 118 19.71 -0.12 -11.16
N TYR H 119 18.86 0.56 -11.93
CA TYR H 119 17.68 -0.11 -12.47
C TYR H 119 17.33 0.33 -13.88
N VAL H 120 17.06 -0.65 -14.72
CA VAL H 120 16.55 -0.36 -16.06
C VAL H 120 15.32 -1.26 -16.31
N THR H 121 14.37 -0.64 -16.97
CA THR H 121 13.13 -1.27 -17.31
C THR H 121 13.18 -1.73 -18.78
N GLY H 122 12.77 -2.98 -19.01
CA GLY H 122 12.58 -3.53 -20.37
C GLY H 122 11.14 -3.87 -20.70
N GLY H 123 10.75 -3.56 -21.93
CA GLY H 123 9.46 -3.99 -22.46
C GLY H 123 9.70 -4.85 -23.70
N VAL H 124 9.63 -6.16 -23.50
CA VAL H 124 10.05 -7.13 -24.51
C VAL H 124 8.95 -7.48 -25.53
N MET H 125 9.09 -6.95 -26.74
CA MET H 125 8.09 -7.06 -27.76
C MET H 125 8.32 -8.29 -28.60
N SER H 126 8.34 -9.43 -27.92
CA SER H 126 8.47 -10.71 -28.58
C SER H 126 7.84 -11.77 -27.71
N PRO H 127 7.19 -12.77 -28.32
CA PRO H 127 6.80 -13.94 -27.54
C PRO H 127 8.02 -14.76 -27.28
N ALA H 128 7.91 -15.74 -26.40
CA ALA H 128 9.04 -16.56 -26.02
C ALA H 128 9.85 -17.16 -27.21
N PRO H 129 9.16 -17.83 -28.15
CA PRO H 129 9.84 -18.39 -29.31
C PRO H 129 10.63 -17.41 -30.18
N GLY H 130 10.31 -16.12 -30.09
CA GLY H 130 11.03 -15.11 -30.86
C GLY H 130 12.34 -14.65 -30.25
N ILE H 131 12.70 -15.15 -29.06
CA ILE H 131 13.86 -14.61 -28.35
C ILE H 131 15.18 -14.61 -29.10
N GLY H 132 15.51 -15.68 -29.77
CA GLY H 132 16.75 -15.62 -30.57
C GLY H 132 16.77 -14.61 -31.74
N SER H 133 15.60 -14.27 -32.27
CA SER H 133 15.40 -13.76 -33.65
C SER H 133 15.85 -12.34 -34.03
N SER H 134 15.77 -12.07 -35.34
CA SER H 134 16.23 -10.83 -35.95
C SER H 134 15.11 -9.81 -36.19
N SER H 135 13.86 -10.27 -36.15
CA SER H 135 12.73 -9.41 -36.47
C SER H 135 12.16 -8.66 -35.25
N VAL H 136 12.65 -8.98 -34.06
CA VAL H 136 12.02 -8.49 -32.85
C VAL H 136 12.84 -7.39 -32.13
N PHE H 137 12.17 -6.58 -31.30
CA PHE H 137 12.83 -5.59 -30.50
C PHE H 137 12.24 -5.42 -29.07
N SER H 138 12.91 -4.63 -28.24
CA SER H 138 12.46 -4.35 -26.87
C SER H 138 12.67 -2.89 -26.57
N PHE H 139 11.76 -2.29 -25.81
CA PHE H 139 11.97 -0.93 -25.32
C PHE H 139 12.79 -0.99 -24.02
N TYR H 140 13.64 0.02 -23.80
CA TYR H 140 14.39 0.16 -22.52
C TYR H 140 14.33 1.60 -22.05
N SER H 141 14.30 1.78 -20.74
CA SER H 141 14.37 3.08 -20.14
C SER H 141 14.91 2.95 -18.71
N GLY H 142 15.29 4.06 -18.11
CA GLY H 142 15.93 4.04 -16.78
C GLY H 142 17.39 4.46 -16.85
N ASP H 143 18.24 3.75 -16.09
CA ASP H 143 19.63 4.13 -15.95
C ASP H 143 20.42 3.94 -17.23
N ARG H 144 20.83 5.06 -17.84
CA ARG H 144 21.48 5.06 -19.13
C ARG H 144 22.79 4.28 -19.15
N ALA H 145 23.62 4.55 -18.15
CA ALA H 145 24.92 3.88 -18.04
C ALA H 145 24.72 2.39 -17.92
N ALA H 146 23.82 1.98 -17.05
CA ALA H 146 23.61 0.53 -16.83
C ALA H 146 23.09 -0.13 -18.11
N PHE H 147 22.24 0.58 -18.85
CA PHE H 147 21.77 0.05 -20.12
C PHE H 147 22.98 -0.16 -21.06
N GLU H 148 23.84 0.86 -21.21
CA GLU H 148 25.00 0.78 -22.11
C GLU H 148 25.97 -0.34 -21.76
N GLU H 149 26.24 -0.50 -20.47
CA GLU H 149 27.09 -1.58 -20.00
C GLU H 149 26.57 -2.95 -20.35
N ASN H 150 25.25 -3.10 -20.39
CA ASN H 150 24.64 -4.40 -20.68
C ASN H 150 23.99 -4.51 -22.07
N LYS H 151 24.22 -3.52 -22.93
CA LYS H 151 23.57 -3.47 -24.22
C LYS H 151 23.84 -4.73 -25.05
N ALA H 152 25.12 -5.12 -25.13
CA ALA H 152 25.51 -6.33 -25.87
C ALA H 152 24.80 -7.59 -25.34
N LEU H 153 24.70 -7.71 -24.03
CA LEU H 153 23.98 -8.81 -23.42
C LEU H 153 22.48 -8.78 -23.85
N LEU H 154 21.88 -7.60 -23.81
CA LEU H 154 20.45 -7.47 -24.13
C LEU H 154 20.19 -7.72 -25.63
N GLU H 155 21.16 -7.41 -26.49
CA GLU H 155 21.06 -7.64 -27.93
C GLU H 155 21.08 -9.13 -28.26
N VAL H 156 21.52 -9.96 -27.33
CA VAL H 156 21.38 -11.40 -27.48
C VAL H 156 19.89 -11.78 -27.53
N LEU H 157 19.07 -11.08 -26.76
CA LEU H 157 17.66 -11.41 -26.64
C LEU H 157 16.91 -10.82 -27.81
N THR H 158 17.15 -9.54 -28.08
CA THR H 158 16.42 -8.88 -29.10
C THR H 158 17.12 -7.61 -29.43
N ALA H 159 16.74 -6.95 -30.51
CA ALA H 159 17.22 -5.58 -30.74
C ALA H 159 16.75 -4.66 -29.60
N THR H 160 17.46 -3.54 -29.38
CA THR H 160 17.16 -2.69 -28.26
C THR H 160 16.74 -1.33 -28.75
N ASP H 161 15.93 -0.64 -27.95
CA ASP H 161 15.46 0.69 -28.30
C ASP H 161 15.28 1.49 -27.03
N PHE H 162 16.32 2.23 -26.65
CA PHE H 162 16.36 2.95 -25.38
C PHE H 162 15.64 4.27 -25.57
N ARG H 163 14.71 4.59 -24.66
CA ARG H 163 13.79 5.68 -24.83
C ARG H 163 14.05 6.84 -23.91
N GLY H 164 14.80 6.62 -22.84
CA GLY H 164 15.05 7.71 -21.89
C GLY H 164 15.36 7.22 -20.49
N GLU H 165 15.56 8.18 -19.60
CA GLU H 165 16.00 7.85 -18.26
C GLU H 165 14.84 7.60 -17.30
N ASP H 166 13.65 8.05 -17.66
CA ASP H 166 12.45 7.77 -16.86
C ASP H 166 12.17 6.23 -16.87
N PRO H 167 12.29 5.57 -15.70
CA PRO H 167 12.16 4.10 -15.68
C PRO H 167 10.73 3.62 -16.00
N GLY H 168 9.76 4.53 -16.00
CA GLY H 168 8.41 4.19 -16.38
C GLY H 168 8.16 4.22 -17.89
N LEU H 169 8.99 4.96 -18.62
CA LEU H 169 8.74 5.22 -20.04
C LEU H 169 8.70 3.95 -20.94
N ALA H 170 9.63 3.02 -20.76
CA ALA H 170 9.61 1.83 -21.57
C ALA H 170 8.29 1.06 -21.39
N GLN H 171 7.71 1.14 -20.16
CA GLN H 171 6.49 0.44 -19.86
C GLN H 171 5.35 1.14 -20.51
N VAL H 172 5.41 2.46 -20.61
CA VAL H 172 4.37 3.21 -21.28
C VAL H 172 4.26 2.72 -22.71
N TYR H 173 5.41 2.67 -23.40
CA TYR H 173 5.43 2.19 -24.76
C TYR H 173 4.91 0.75 -24.82
N TYR H 174 5.38 -0.09 -23.93
CA TYR H 174 5.04 -1.49 -23.97
C TYR H 174 3.55 -1.72 -23.80
N GLN H 175 2.96 -1.08 -22.79
CA GLN H 175 1.58 -1.27 -22.52
C GLN H 175 0.73 -0.77 -23.68
N ILE H 176 1.12 0.34 -24.29
CA ILE H 176 0.35 0.92 -25.39
C ILE H 176 0.26 -0.11 -26.52
N LEU H 177 1.38 -0.74 -26.81
CA LEU H 177 1.43 -1.74 -27.88
C LEU H 177 0.73 -3.03 -27.51
N LEU H 178 0.80 -3.43 -26.25
CA LEU H 178 0.09 -4.63 -25.81
C LEU H 178 -1.44 -4.44 -25.77
N ASP H 179 -1.87 -3.22 -25.57
CA ASP H 179 -3.27 -2.86 -25.65
C ASP H 179 -3.80 -3.20 -27.07
N LEU H 180 -3.12 -2.73 -28.12
CA LEU H 180 -3.52 -3.04 -29.48
C LEU H 180 -3.41 -4.53 -29.75
N PHE H 181 -2.34 -5.11 -29.27
CA PHE H 181 -2.08 -6.53 -29.54
C PHE H 181 -3.19 -7.46 -29.05
N TRP H 182 -3.57 -7.32 -27.78
CA TRP H 182 -4.52 -8.25 -27.20
C TRP H 182 -5.92 -7.97 -27.74
N THR H 183 -6.25 -6.70 -27.98
CA THR H 183 -7.50 -6.36 -28.55
C THR H 183 -7.62 -7.03 -29.94
N THR H 184 -6.56 -6.96 -30.73
CA THR H 184 -6.51 -7.54 -32.06
C THR H 184 -6.62 -9.04 -31.99
N MET H 185 -5.90 -9.65 -31.05
CA MET H 185 -5.90 -11.10 -30.95
C MET H 185 -7.23 -11.68 -30.47
N THR H 186 -7.91 -11.01 -29.56
CA THR H 186 -9.19 -11.45 -29.11
C THR H 186 -10.25 -11.23 -30.21
N GLY H 187 -10.16 -10.13 -30.95
CA GLY H 187 -10.93 -9.97 -32.20
C GLY H 187 -10.70 -11.10 -33.20
N TYR H 188 -9.46 -11.53 -33.37
CA TYR H 188 -9.14 -12.62 -34.27
C TYR H 188 -9.83 -13.92 -33.85
N LEU H 189 -9.77 -14.23 -32.55
CA LEU H 189 -10.47 -15.40 -32.04
C LEU H 189 -11.98 -15.30 -32.26
N HIS H 190 -12.52 -14.12 -32.08
CA HIS H 190 -13.93 -13.95 -32.23
C HIS H 190 -14.32 -14.19 -33.70
N ALA H 191 -13.52 -13.68 -34.60
CA ALA H 191 -13.72 -13.87 -36.01
C ALA H 191 -13.69 -15.33 -36.35
N LEU H 192 -12.74 -16.06 -35.76
CA LEU H 192 -12.69 -17.50 -35.98
C LEU H 192 -13.92 -18.26 -35.42
N ALA H 193 -14.44 -17.80 -34.31
CA ALA H 193 -15.63 -18.41 -33.74
C ALA H 193 -16.83 -18.25 -34.67
N VAL H 194 -16.95 -17.08 -35.29
CA VAL H 194 -18.03 -16.84 -36.23
C VAL H 194 -17.84 -17.77 -37.44
N ALA H 195 -16.62 -17.89 -37.92
CA ALA H 195 -16.35 -18.81 -38.98
C ALA H 195 -16.82 -20.21 -38.64
N ARG H 196 -16.44 -20.71 -37.48
CA ARG H 196 -16.77 -22.10 -37.10
C ARG H 196 -18.28 -22.27 -36.94
N ALA H 197 -18.94 -21.24 -36.41
CA ALA H 197 -20.38 -21.30 -36.22
C ALA H 197 -21.12 -21.32 -37.55
N GLU H 198 -20.58 -20.67 -38.57
CA GLU H 198 -21.25 -20.64 -39.88
C GLU H 198 -20.70 -21.62 -40.87
N GLY H 199 -19.88 -22.55 -40.40
CA GLY H 199 -19.44 -23.65 -41.22
C GLY H 199 -18.28 -23.34 -42.14
N VAL H 200 -17.63 -22.20 -41.98
CA VAL H 200 -16.44 -21.95 -42.80
C VAL H 200 -15.23 -22.48 -42.06
N PRO H 201 -14.47 -23.38 -42.69
CA PRO H 201 -13.29 -23.98 -42.06
C PRO H 201 -12.20 -22.97 -41.72
N VAL H 202 -11.52 -23.22 -40.59
CA VAL H 202 -10.45 -22.33 -40.08
C VAL H 202 -9.33 -22.17 -41.10
N GLY H 203 -8.94 -23.26 -41.71
CA GLY H 203 -7.96 -23.23 -42.79
C GLY H 203 -8.38 -22.41 -44.01
N THR H 204 -9.66 -22.29 -44.25
CA THR H 204 -10.11 -21.51 -45.42
C THR H 204 -10.16 -20.01 -45.09
N ILE H 205 -10.69 -19.65 -43.93
CA ILE H 205 -10.84 -18.24 -43.59
C ILE H 205 -9.51 -17.58 -43.26
N THR H 206 -8.55 -18.35 -42.74
CA THR H 206 -7.34 -17.76 -42.15
C THR H 206 -6.56 -16.87 -43.10
N PRO H 207 -6.28 -17.34 -44.33
CA PRO H 207 -5.55 -16.47 -45.28
C PRO H 207 -6.26 -15.13 -45.57
N TYR H 208 -7.59 -15.14 -45.58
CA TYR H 208 -8.32 -13.90 -45.75
C TYR H 208 -8.14 -12.94 -44.55
N LEU H 209 -8.15 -13.50 -43.34
CA LEU H 209 -7.96 -12.67 -42.15
C LEU H 209 -6.57 -12.05 -42.15
N ILE H 210 -5.58 -12.84 -42.50
CA ILE H 210 -4.22 -12.39 -42.58
C ILE H 210 -4.00 -11.35 -43.67
N GLU H 211 -4.59 -11.55 -44.86
CA GLU H 211 -4.26 -10.72 -46.02
C GLU H 211 -5.33 -9.70 -46.43
N GLY H 212 -6.52 -9.79 -45.85
CA GLY H 212 -7.62 -8.85 -46.11
C GLY H 212 -7.28 -7.40 -45.77
N ASP H 214 -1.32 -2.93 -45.37
CA ASP H 214 -2.70 -3.45 -45.17
C ASP H 214 -3.57 -2.62 -44.23
N MET H 215 -3.58 -3.10 -43.01
CA MET H 215 -3.97 -2.25 -41.92
C MET H 215 -3.05 -1.00 -41.85
N ALA H 216 -1.83 -1.11 -42.38
CA ALA H 216 -0.88 0.01 -42.39
C ALA H 216 -1.52 1.29 -42.95
N MET H 217 -2.23 1.16 -44.06
CA MET H 217 -2.90 2.29 -44.68
C MET H 217 -3.97 2.88 -43.77
N PHE H 218 -4.81 2.02 -43.20
CA PHE H 218 -5.90 2.52 -42.33
C PHE H 218 -5.34 3.14 -41.02
N PHE H 219 -4.28 2.55 -40.49
CA PHE H 219 -3.61 3.11 -39.32
C PHE H 219 -3.04 4.49 -39.59
N GLU H 220 -2.30 4.64 -40.69
CA GLU H 220 -1.66 5.94 -41.05
C GLU H 220 -2.70 7.04 -41.16
N GLY H 221 -3.78 6.77 -41.87
CA GLY H 221 -4.83 7.75 -42.07
C GLY H 221 -5.55 8.09 -40.78
N THR H 222 -5.77 7.07 -39.95
CA THR H 222 -6.36 7.31 -38.64
C THR H 222 -5.46 8.20 -37.75
N SER H 223 -4.18 7.86 -37.66
CA SER H 223 -3.23 8.69 -36.88
C SER H 223 -3.20 10.12 -37.38
N ALA H 224 -3.13 10.30 -38.69
CA ALA H 224 -3.07 11.65 -39.26
C ALA H 224 -4.29 12.45 -38.85
N ALA H 225 -5.46 11.83 -38.93
CA ALA H 225 -6.69 12.51 -38.60
C ALA H 225 -6.73 12.87 -37.13
N VAL H 226 -6.28 11.96 -36.27
CA VAL H 226 -6.22 12.24 -34.84
C VAL H 226 -5.25 13.38 -34.56
N ALA H 227 -4.10 13.38 -35.23
CA ALA H 227 -3.09 14.44 -35.07
C ALA H 227 -3.67 15.80 -35.45
N GLU H 228 -4.25 15.87 -36.64
CA GLU H 228 -4.99 17.05 -37.03
C GLU H 228 -5.95 17.77 -36.08
N GLY H 229 -6.93 17.08 -35.54
CA GLY H 229 -7.89 17.78 -34.69
C GLY H 229 -9.23 17.87 -35.40
N ARG H 230 -9.23 17.73 -36.73
CA ARG H 230 -10.44 17.80 -37.52
C ARG H 230 -10.73 16.39 -38.05
N PHE H 231 -12.00 16.00 -38.01
CA PHE H 231 -12.45 14.65 -38.36
C PHE H 231 -13.54 14.71 -39.44
N PRO H 232 -13.16 15.10 -40.66
CA PRO H 232 -14.13 15.28 -41.76
C PRO H 232 -14.71 13.97 -42.27
N GLY H 233 -16.01 13.97 -42.52
CA GLY H 233 -16.72 12.76 -42.92
C GLY H 233 -16.81 12.48 -44.42
N ASP H 234 -15.85 12.96 -45.21
CA ASP H 234 -15.84 12.66 -46.66
C ASP H 234 -15.34 11.22 -46.97
N GLU H 235 -14.38 10.74 -46.20
CA GLU H 235 -13.82 9.38 -46.40
C GLU H 235 -14.59 8.24 -45.67
N ASP H 236 -15.16 8.55 -44.50
CA ASP H 236 -15.86 7.56 -43.65
C ASP H 236 -16.78 8.35 -42.72
N ARG H 237 -17.95 7.81 -42.33
CA ARG H 237 -18.82 8.52 -41.38
C ARG H 237 -19.27 7.59 -40.27
N ILE H 238 -19.32 8.11 -39.06
CA ILE H 238 -19.66 7.30 -37.90
C ILE H 238 -21.04 6.64 -38.03
N SER H 239 -22.01 7.32 -38.62
CA SER H 239 -23.33 6.74 -38.82
C SER H 239 -23.28 5.47 -39.62
N MET H 240 -22.47 5.47 -40.65
CA MET H 240 -22.31 4.26 -41.49
C MET H 240 -21.44 3.21 -40.83
N ASP H 241 -20.40 3.66 -40.14
CA ASP H 241 -19.53 2.71 -39.38
C ASP H 241 -20.36 2.00 -38.32
N ALA H 242 -21.22 2.75 -37.65
CA ALA H 242 -22.06 2.18 -36.62
C ALA H 242 -22.99 1.14 -37.18
N ALA H 243 -23.61 1.45 -38.33
CA ALA H 243 -24.49 0.48 -38.98
C ALA H 243 -23.69 -0.75 -39.33
N SER H 244 -22.48 -0.54 -39.84
CA SER H 244 -21.60 -1.66 -40.17
C SER H 244 -21.38 -2.54 -38.95
N MET H 245 -21.10 -1.93 -37.81
CA MET H 245 -20.85 -2.70 -36.60
C MET H 245 -22.10 -3.40 -36.05
N GLU H 246 -23.26 -2.76 -36.18
CA GLU H 246 -24.57 -3.41 -35.90
C GLU H 246 -24.74 -4.71 -36.63
N HIS H 247 -24.36 -4.72 -37.90
CA HIS H 247 -24.46 -5.95 -38.66
C HIS H 247 -23.53 -6.99 -38.14
N VAL H 248 -22.32 -6.59 -37.76
CA VAL H 248 -21.36 -7.57 -37.17
C VAL H 248 -21.95 -8.19 -35.92
N VAL H 249 -22.49 -7.38 -35.05
CA VAL H 249 -23.06 -7.93 -33.81
C VAL H 249 -24.25 -8.84 -34.10
N GLN H 250 -25.14 -8.39 -34.99
CA GLN H 250 -26.34 -9.18 -35.28
C GLN H 250 -25.96 -10.48 -35.92
N THR H 251 -24.92 -10.45 -36.76
CA THR H 251 -24.44 -11.67 -37.39
C THR H 251 -24.01 -12.67 -36.34
N SER H 252 -23.34 -12.15 -35.30
CA SER H 252 -22.79 -13.01 -34.22
C SER H 252 -23.92 -13.60 -33.37
N ARG H 253 -24.87 -12.73 -32.98
CA ARG H 253 -26.14 -13.15 -32.36
C ARG H 253 -26.86 -14.25 -33.14
N ASP H 254 -27.16 -14.02 -34.43
CA ASP H 254 -27.80 -15.05 -35.28
C ASP H 254 -27.02 -16.37 -35.25
N ALA H 255 -25.71 -16.29 -35.22
CA ALA H 255 -24.88 -17.52 -35.31
C ALA H 255 -24.74 -18.19 -33.92
N GLY H 256 -25.28 -17.55 -32.88
CA GLY H 256 -25.17 -18.07 -31.52
C GLY H 256 -23.76 -17.95 -30.89
N VAL H 257 -22.89 -17.08 -31.42
CA VAL H 257 -21.53 -16.93 -30.84
C VAL H 257 -21.59 -15.83 -29.83
N ASP H 258 -20.66 -15.88 -28.86
CA ASP H 258 -20.67 -14.91 -27.77
C ASP H 258 -20.52 -13.52 -28.36
N THR H 259 -21.28 -12.57 -27.84
CA THR H 259 -21.30 -11.23 -28.42
C THR H 259 -20.71 -10.15 -27.55
N ALA H 260 -20.09 -10.50 -26.43
CA ALA H 260 -19.58 -9.47 -25.52
C ALA H 260 -18.53 -8.55 -26.17
N LEU H 261 -17.59 -9.12 -26.90
CA LEU H 261 -16.54 -8.28 -27.48
C LEU H 261 -17.07 -7.32 -28.58
N PRO H 262 -17.75 -7.85 -29.60
CA PRO H 262 -18.33 -6.94 -30.59
C PRO H 262 -19.29 -5.93 -30.01
N GLU H 263 -20.06 -6.30 -28.96
CA GLU H 263 -20.94 -5.28 -28.31
C GLU H 263 -20.15 -4.17 -27.76
N ALA H 264 -19.00 -4.51 -27.15
CA ALA H 264 -18.19 -3.49 -26.51
C ALA H 264 -17.69 -2.54 -27.58
N VAL H 265 -17.31 -3.10 -28.72
CA VAL H 265 -16.89 -2.28 -29.86
C VAL H 265 -18.05 -1.40 -30.37
N LEU H 266 -19.22 -2.00 -30.57
CA LEU H 266 -20.40 -1.22 -31.01
C LEU H 266 -20.74 -0.13 -30.02
N SER H 267 -20.66 -0.46 -28.73
CA SER H 267 -20.92 0.52 -27.71
C SER H 267 -20.19 1.83 -27.87
N LEU H 268 -18.98 1.79 -28.36
CA LEU H 268 -18.28 3.03 -28.57
C LEU H 268 -18.88 3.87 -29.72
N PHE H 269 -19.33 3.21 -30.77
CA PHE H 269 -19.99 3.89 -31.88
C PHE H 269 -21.30 4.52 -31.43
N ARG H 270 -22.09 3.79 -30.64
CA ARG H 270 -23.33 4.37 -30.12
C ARG H 270 -23.06 5.60 -29.28
N ARG H 271 -21.99 5.57 -28.50
CA ARG H 271 -21.61 6.75 -27.72
C ARG H 271 -21.27 7.90 -28.64
N GLY H 272 -20.59 7.61 -29.75
CA GLY H 272 -20.31 8.63 -30.75
C GLY H 272 -21.58 9.24 -31.31
N LEU H 273 -22.56 8.41 -31.62
CA LEU H 273 -23.85 8.94 -32.10
C LEU H 273 -24.54 9.81 -31.07
N ASP H 274 -24.63 9.34 -29.82
CA ASP H 274 -25.19 10.13 -28.72
C ASP H 274 -24.50 11.46 -28.51
N ALA H 275 -23.22 11.52 -28.82
CA ALA H 275 -22.45 12.76 -28.67
C ALA H 275 -22.61 13.71 -29.86
N GLY H 276 -23.34 13.30 -30.90
CA GLY H 276 -23.53 14.13 -32.08
C GLY H 276 -22.48 13.96 -33.17
N PHE H 277 -21.76 12.83 -33.19
CA PHE H 277 -20.63 12.67 -34.10
C PHE H 277 -21.01 11.99 -35.44
N ALA H 278 -22.30 11.77 -35.68
CA ALA H 278 -22.78 10.98 -36.83
C ALA H 278 -22.12 11.32 -38.19
N GLU H 279 -21.89 12.61 -38.45
CA GLU H 279 -21.31 13.02 -39.75
C GLU H 279 -19.78 13.16 -39.71
N SER H 280 -19.16 12.92 -38.56
CA SER H 280 -17.69 12.96 -38.47
C SER H 280 -17.08 11.59 -38.78
N SER H 281 -15.78 11.57 -39.06
CA SER H 281 -15.09 10.31 -39.29
C SER H 281 -14.90 9.52 -38.00
N PHE H 282 -14.59 8.25 -38.19
CA PHE H 282 -14.35 7.28 -37.14
C PHE H 282 -13.31 7.72 -36.09
N ALA H 283 -12.28 8.39 -36.54
CA ALA H 283 -11.20 8.81 -35.65
C ALA H 283 -11.64 9.71 -34.53
N ARG H 284 -12.77 10.40 -34.70
CA ARG H 284 -13.27 11.33 -33.67
C ARG H 284 -13.68 10.60 -32.39
N LEU H 285 -13.92 9.30 -32.50
CA LEU H 285 -14.21 8.48 -31.32
C LEU H 285 -13.07 8.48 -30.29
N VAL H 286 -11.84 8.80 -30.69
CA VAL H 286 -10.74 8.91 -29.75
C VAL H 286 -11.07 9.91 -28.64
N THR H 287 -11.80 10.98 -28.97
CA THR H 287 -12.14 12.02 -28.00
C THR H 287 -13.09 11.51 -26.93
N LEU H 288 -13.79 10.41 -27.19
CA LEU H 288 -14.59 9.76 -26.18
C LEU H 288 -13.76 8.90 -25.24
N MET H 289 -12.57 8.52 -25.67
CA MET H 289 -11.70 7.67 -24.86
C MET H 289 -10.63 8.46 -24.14
N ASP H 290 -10.30 9.63 -24.68
CA ASP H 290 -9.25 10.50 -24.09
C ASP H 290 -9.45 10.78 -22.60
N ALA H 291 -8.33 11.06 -21.94
CA ALA H 291 -8.27 11.74 -20.66
C ALA H 291 -8.42 13.25 -20.97
#